data_8RPK
#
_entry.id   8RPK
#
_cell.length_a   161.352
_cell.length_b   161.352
_cell.length_c   814.182
_cell.angle_alpha   90.000
_cell.angle_beta   90.000
_cell.angle_gamma   120.000
#
_symmetry.space_group_name_H-M   'H 3 2'
#
loop_
_entity.id
_entity.type
_entity.pdbx_description
1 polymer 'Acetate--CoA ligase'
2 non-polymer 'MAGNESIUM ION'
3 non-polymer 'POTASSIUM ION'
4 water water
#
_entity_poly.entity_id   1
_entity_poly.type   'polypeptide(L)'
_entity_poly.pdbx_seq_one_letter_code
;MAHHHHHHVGTSSNLSFEHTDNILIEERLFPPPEDIVKNANITAYMKSKGFDDYEAFYRWSLANRFEFWNDMAKELHWFE
PWKSTFEWTDKPFFKWFTDGKFNIAYNCLDRYMGTPIEDKVAFYWEGDDGSSRAYTYKEMYVLTNRVAKVLQNQGVKKGD
RVAIYMPMIPEMAASVLACARLGAPHMVVFGGFAASSLRDRMNDCDAKVLITADGGYRGGKVIELKKIADEAVAETPTIE
KVFVQRHTGFEVPMAEGRDVYLDVLLNDIPEDTVVPCEPVDSEDMLYILYTSGSTGKPKGVVHVHGGYAVGCYATTKFVF
DIKPSDVFWCTADIGWVTGHSYTIYGPMMNAASIVLFEGIPTYPAADRFWSIVEKYKVNIIYTAPTAIRSLMRFGEELPA
RHDLSSLRILGTVGEPINPEAWMWYRKNIGHNELPIMDTWWQTETGMILISPTPILPLKPGSASRPLPTIEADVVNKDGK
PVGPE(NEP)GGFLIIRHPWPAQMRTIFGDPDRYKTYWETIPDVYFAGDAATMDKMGYFRIQGRVDDVIKVSGHRLGSME
IESSLVSHPAVAEAAAIGKPDEVKGEHVKVFVILRNGVEPTESLAVELKRHVRTLVGPLATPDELEFVTSLPKTRSGKIM
RRVVRARELGEPVGDITTLDV
;
_entity_poly.pdbx_strand_id   A,B,C,D
#
loop_
_chem_comp.id
_chem_comp.type
_chem_comp.name
_chem_comp.formula
K non-polymer 'POTASSIUM ION' 'K 1'
MG non-polymer 'MAGNESIUM ION' 'Mg 2'
#
# COMPACT_ATOMS: atom_id res chain seq x y z
N LEU A 24 19.89 29.92 50.72
CA LEU A 24 19.59 31.12 49.88
C LEU A 24 18.17 31.03 49.32
N ILE A 25 17.87 29.93 48.63
CA ILE A 25 16.67 29.80 47.79
C ILE A 25 15.38 29.67 48.60
N GLU A 26 15.39 28.93 49.73
CA GLU A 26 14.20 28.72 50.55
C GLU A 26 13.72 30.03 51.18
N GLU A 27 14.62 31.00 51.37
CA GLU A 27 14.29 32.20 52.13
C GLU A 27 13.73 33.29 51.22
N ARG A 28 13.03 32.91 50.15
CA ARG A 28 12.70 33.87 49.10
C ARG A 28 11.20 33.85 48.86
N LEU A 29 10.63 35.02 48.60
CA LEU A 29 9.19 35.16 48.52
C LEU A 29 8.80 35.29 47.06
N PHE A 30 7.83 34.49 46.60
CA PHE A 30 7.41 34.56 45.21
C PHE A 30 5.98 35.05 45.15
N PRO A 31 5.71 36.24 44.58
CA PRO A 31 4.38 36.85 44.67
C PRO A 31 3.48 36.22 43.63
N PRO A 32 2.16 36.19 43.86
CA PRO A 32 1.22 35.57 42.92
C PRO A 32 0.97 36.42 41.68
N PRO A 33 0.33 35.91 40.60
N PRO A 33 0.78 35.69 40.53
CA PRO A 33 -0.31 36.83 39.65
CA PRO A 33 0.83 36.25 39.17
C PRO A 33 -1.36 37.76 40.29
C PRO A 33 -0.26 37.25 38.78
N GLU A 34 -0.90 38.82 40.99
N GLU A 34 -0.50 37.41 37.47
CA GLU A 34 -1.77 39.73 41.72
CA GLU A 34 -1.44 38.41 36.96
C GLU A 34 -3.12 39.96 41.05
C GLU A 34 -2.87 37.83 36.98
N ASP A 35 -3.49 39.13 40.08
N ASP A 35 -3.80 38.58 37.61
CA ASP A 35 -4.76 39.31 39.39
CA ASP A 35 -5.24 38.35 37.55
C ASP A 35 -5.41 37.95 39.11
C ASP A 35 -5.77 37.36 38.59
N ILE A 36 -4.72 36.85 39.47
N ILE A 36 -4.91 36.50 39.17
CA ILE A 36 -5.37 35.62 39.88
CA ILE A 36 -5.41 35.37 39.96
C ILE A 36 -5.93 35.85 41.28
C ILE A 36 -5.94 35.81 41.32
N VAL A 37 -5.30 36.79 41.98
CA VAL A 37 -5.71 37.25 43.31
C VAL A 37 -7.07 37.92 43.24
N LYS A 38 -7.28 38.83 42.28
CA LYS A 38 -8.55 39.55 42.19
C LYS A 38 -9.68 38.54 41.96
N ASN A 39 -9.47 37.50 41.15
CA ASN A 39 -10.55 36.61 40.77
C ASN A 39 -10.64 35.33 41.60
N ALA A 40 -9.76 35.15 42.59
CA ALA A 40 -9.75 33.95 43.42
C ALA A 40 -11.09 33.74 44.15
N ASN A 41 -11.46 32.48 44.39
CA ASN A 41 -12.65 32.20 45.15
C ASN A 41 -12.54 32.67 46.58
N ILE A 42 -11.35 32.50 47.18
CA ILE A 42 -11.10 32.87 48.56
C ILE A 42 -11.23 34.40 48.73
N THR A 43 -10.90 35.17 47.69
CA THR A 43 -10.96 36.62 47.75
C THR A 43 -12.42 37.03 47.79
N ALA A 44 -13.28 36.27 47.11
CA ALA A 44 -14.70 36.55 47.04
C ALA A 44 -15.34 36.33 48.41
N TYR A 45 -15.01 35.20 49.03
CA TYR A 45 -15.54 34.90 50.35
C TYR A 45 -15.00 35.95 51.34
N MET A 46 -13.70 36.24 51.27
CA MET A 46 -13.10 37.27 52.11
C MET A 46 -13.83 38.61 51.97
N LYS A 47 -13.97 39.09 50.73
CA LYS A 47 -14.62 40.36 50.48
C LYS A 47 -15.99 40.34 51.15
N SER A 48 -16.68 39.19 51.11
CA SER A 48 -18.07 39.10 51.56
C SER A 48 -18.17 39.11 53.08
N LYS A 49 -17.04 38.99 53.80
CA LYS A 49 -17.05 39.17 55.24
C LYS A 49 -16.36 40.48 55.60
N GLY A 50 -15.96 41.29 54.61
CA GLY A 50 -15.28 42.56 54.83
C GLY A 50 -13.76 42.44 55.04
N PHE A 51 -13.07 41.51 54.36
CA PHE A 51 -11.62 41.42 54.52
C PHE A 51 -10.92 41.47 53.16
N ASP A 52 -9.77 42.17 53.15
CA ASP A 52 -8.87 42.29 52.03
C ASP A 52 -7.62 41.44 52.22
N ASP A 53 -7.23 41.20 53.47
CA ASP A 53 -5.93 40.62 53.77
C ASP A 53 -6.16 39.25 54.41
N TYR A 54 -5.36 38.23 54.02
CA TYR A 54 -5.57 36.88 54.53
C TYR A 54 -5.31 36.84 56.04
N GLU A 55 -4.35 37.63 56.53
CA GLU A 55 -3.96 37.56 57.94
C GLU A 55 -5.12 37.96 58.85
N ALA A 56 -5.73 39.12 58.59
CA ALA A 56 -6.86 39.60 59.37
C ALA A 56 -8.02 38.61 59.28
N PHE A 57 -8.27 38.12 58.06
CA PHE A 57 -9.29 37.11 57.83
C PHE A 57 -9.01 35.87 58.67
N TYR A 58 -7.75 35.43 58.67
CA TYR A 58 -7.39 34.20 59.36
C TYR A 58 -7.79 34.36 60.83
N ARG A 59 -7.32 35.43 61.47
CA ARG A 59 -7.59 35.68 62.89
C ARG A 59 -9.10 35.68 63.17
N TRP A 60 -9.88 36.28 62.24
CA TRP A 60 -11.32 36.30 62.35
C TRP A 60 -11.88 34.87 62.27
N SER A 61 -11.27 34.01 61.45
CA SER A 61 -11.81 32.67 61.23
C SER A 61 -11.65 31.83 62.50
N LEU A 62 -10.66 32.20 63.35
CA LEU A 62 -10.44 31.50 64.61
C LEU A 62 -11.58 31.79 65.59
N ALA A 63 -11.95 33.07 65.70
CA ALA A 63 -13.05 33.49 66.57
C ALA A 63 -14.37 32.94 66.03
N ASN A 64 -14.52 32.93 64.70
CA ASN A 64 -15.82 32.75 64.11
C ASN A 64 -15.88 31.42 63.35
N ARG A 65 -15.20 30.40 63.89
CA ARG A 65 -15.07 29.15 63.19
C ARG A 65 -16.45 28.57 62.83
N PHE A 66 -17.38 28.54 63.78
CA PHE A 66 -18.68 27.92 63.55
C PHE A 66 -19.41 28.63 62.38
N GLU A 67 -19.19 29.94 62.21
CA GLU A 67 -19.91 30.74 61.23
C GLU A 67 -19.35 30.43 59.85
N PHE A 68 -18.02 30.44 59.76
CA PHE A 68 -17.31 30.04 58.56
C PHE A 68 -17.83 28.70 58.08
N TRP A 69 -17.82 27.67 58.93
CA TRP A 69 -18.26 26.35 58.48
C TRP A 69 -19.76 26.29 58.18
N ASN A 70 -20.56 27.15 58.82
CA ASN A 70 -21.98 27.21 58.49
C ASN A 70 -22.17 27.73 57.07
N ASP A 71 -21.40 28.78 56.74
CA ASP A 71 -21.42 29.38 55.41
C ASP A 71 -21.13 28.31 54.36
N MET A 72 -20.07 27.51 54.60
CA MET A 72 -19.61 26.51 53.65
C MET A 72 -20.67 25.43 53.50
N ALA A 73 -21.18 24.94 54.61
CA ALA A 73 -22.13 23.84 54.55
C ALA A 73 -23.45 24.30 53.91
N LYS A 74 -23.83 25.57 54.09
CA LYS A 74 -25.03 26.12 53.47
C LYS A 74 -24.98 26.01 51.94
N GLU A 75 -23.79 25.78 51.36
CA GLU A 75 -23.59 25.76 49.92
C GLU A 75 -23.79 24.36 49.34
N LEU A 76 -24.10 23.39 50.19
CA LEU A 76 -24.41 22.04 49.75
C LEU A 76 -25.89 21.77 49.98
N HIS A 77 -26.42 20.66 49.44
CA HIS A 77 -27.80 20.26 49.63
C HIS A 77 -27.88 19.38 50.87
N TRP A 78 -28.75 19.79 51.80
CA TRP A 78 -29.09 19.02 52.96
C TRP A 78 -30.53 18.50 52.89
N PHE A 79 -30.75 17.26 53.31
CA PHE A 79 -32.09 16.69 53.35
C PHE A 79 -32.87 17.32 54.51
N GLU A 80 -32.20 17.48 55.66
CA GLU A 80 -32.69 18.24 56.81
C GLU A 80 -31.51 18.96 57.44
N PRO A 81 -31.71 20.18 58.00
CA PRO A 81 -30.59 20.99 58.48
C PRO A 81 -30.12 20.60 59.87
N TRP A 82 -29.05 21.21 60.37
CA TRP A 82 -28.39 20.76 61.58
C TRP A 82 -28.73 21.69 62.76
N LYS A 83 -28.64 21.17 63.99
CA LYS A 83 -29.04 21.92 65.16
C LYS A 83 -27.87 22.78 65.64
N SER A 84 -26.65 22.26 65.59
CA SER A 84 -25.47 22.99 66.05
C SER A 84 -24.25 22.56 65.27
N THR A 85 -23.40 23.53 64.94
CA THR A 85 -22.26 23.30 64.08
C THR A 85 -21.32 22.22 64.64
N PHE A 86 -21.11 22.25 65.95
CA PHE A 86 -20.11 21.41 66.60
C PHE A 86 -20.52 21.13 68.04
N GLU A 87 -20.15 19.95 68.55
CA GLU A 87 -20.25 19.64 69.97
C GLU A 87 -19.42 18.42 70.27
N TRP A 88 -18.74 18.43 71.43
CA TRP A 88 -18.17 17.21 71.97
C TRP A 88 -19.29 16.28 72.42
N THR A 89 -19.08 14.95 72.28
CA THR A 89 -20.02 13.93 72.71
C THR A 89 -19.58 13.35 74.06
N ASP A 90 -18.56 12.46 74.03
CA ASP A 90 -17.74 12.02 75.17
C ASP A 90 -16.31 12.36 74.77
N LYS A 91 -15.86 13.55 75.19
CA LYS A 91 -14.59 14.13 74.82
C LYS A 91 -13.50 13.09 75.00
N PRO A 92 -12.54 12.92 74.03
CA PRO A 92 -12.45 13.75 72.83
C PRO A 92 -13.11 13.31 71.52
N PHE A 93 -14.11 12.42 71.60
CA PHE A 93 -15.05 12.26 70.49
C PHE A 93 -15.96 13.49 70.36
N PHE A 94 -16.36 13.79 69.11
CA PHE A 94 -17.11 15.00 68.82
C PHE A 94 -17.94 14.81 67.55
N LYS A 95 -18.63 15.89 67.16
CA LYS A 95 -19.58 15.85 66.06
C LYS A 95 -19.76 17.23 65.44
N TRP A 96 -20.08 17.20 64.15
CA TRP A 96 -20.34 18.41 63.37
C TRP A 96 -21.74 18.35 62.76
N PHE A 97 -22.30 19.53 62.45
CA PHE A 97 -23.63 19.62 61.85
C PHE A 97 -24.59 18.59 62.44
N THR A 98 -24.86 18.72 63.76
CA THR A 98 -25.54 17.66 64.52
C THR A 98 -26.99 17.57 64.05
N ASP A 99 -27.46 16.33 63.89
CA ASP A 99 -28.84 16.00 63.56
C ASP A 99 -29.18 16.30 62.10
N GLY A 100 -28.36 17.08 61.37
CA GLY A 100 -28.50 17.19 59.92
C GLY A 100 -28.51 15.83 59.20
N LYS A 101 -29.40 15.68 58.22
CA LYS A 101 -29.46 14.50 57.36
C LYS A 101 -29.01 14.88 55.95
N PHE A 102 -28.16 14.02 55.35
CA PHE A 102 -27.28 14.39 54.24
C PHE A 102 -26.81 13.15 53.49
N ASN A 103 -26.42 13.30 52.22
CA ASN A 103 -25.71 12.21 51.54
C ASN A 103 -24.65 12.79 50.60
N ILE A 104 -23.37 12.44 50.80
CA ILE A 104 -22.32 13.14 50.07
C ILE A 104 -22.53 12.91 48.58
N ALA A 105 -22.86 11.67 48.25
CA ALA A 105 -23.15 11.25 46.89
C ALA A 105 -24.18 12.16 46.21
N TYR A 106 -25.07 12.79 46.97
CA TYR A 106 -26.14 13.59 46.39
C TYR A 106 -25.56 14.91 45.89
N ASN A 107 -24.53 15.43 46.57
CA ASN A 107 -23.92 16.67 46.18
C ASN A 107 -22.84 16.45 45.12
N CYS A 108 -22.52 15.18 44.84
CA CYS A 108 -21.57 14.84 43.79
C CYS A 108 -22.32 14.58 42.48
N LEU A 109 -23.61 14.26 42.54
CA LEU A 109 -24.34 13.77 41.39
C LEU A 109 -25.75 14.39 41.29
N ASP A 110 -26.65 13.95 42.19
CA ASP A 110 -28.09 14.11 42.05
C ASP A 110 -28.44 15.57 41.80
N ARG A 111 -27.84 16.47 42.56
CA ARG A 111 -28.31 17.84 42.53
C ARG A 111 -27.88 18.52 41.24
N TYR A 112 -26.98 17.91 40.48
CA TYR A 112 -26.57 18.47 39.20
C TYR A 112 -27.60 18.11 38.11
N MET A 113 -28.43 17.08 38.33
CA MET A 113 -29.42 16.67 37.34
C MET A 113 -30.56 17.68 37.17
N GLY A 114 -30.97 17.86 35.92
CA GLY A 114 -31.88 18.93 35.55
C GLY A 114 -31.17 20.28 35.49
N THR A 115 -29.84 20.29 35.34
CA THR A 115 -29.14 21.56 35.21
C THR A 115 -28.12 21.40 34.10
N PRO A 116 -27.59 22.51 33.55
CA PRO A 116 -26.52 22.43 32.56
C PRO A 116 -25.36 21.53 32.96
N ILE A 117 -25.09 21.38 34.27
CA ILE A 117 -23.95 20.61 34.74
C ILE A 117 -24.14 19.10 34.51
N GLU A 118 -25.36 18.65 34.26
CA GLU A 118 -25.59 17.24 33.95
C GLU A 118 -24.82 16.82 32.69
N ASP A 119 -24.57 17.75 31.75
CA ASP A 119 -23.93 17.43 30.47
C ASP A 119 -22.45 17.82 30.47
N LYS A 120 -21.96 18.40 31.56
CA LYS A 120 -20.54 18.68 31.72
C LYS A 120 -19.76 17.42 32.07
N VAL A 121 -18.50 17.39 31.66
CA VAL A 121 -17.73 16.17 31.89
C VAL A 121 -17.35 16.11 33.36
N ALA A 122 -17.54 14.91 33.93
CA ALA A 122 -17.23 14.60 35.32
C ALA A 122 -15.87 13.90 35.40
N PHE A 123 -15.67 12.83 34.63
CA PHE A 123 -14.37 12.16 34.55
C PHE A 123 -13.93 12.05 33.10
N TYR A 124 -12.74 12.58 32.84
CA TYR A 124 -11.99 12.24 31.66
C TYR A 124 -11.13 11.05 32.02
N TRP A 125 -11.60 9.83 31.75
CA TRP A 125 -10.82 8.63 32.02
C TRP A 125 -9.85 8.41 30.87
N GLU A 126 -8.63 8.05 31.28
CA GLU A 126 -7.51 7.85 30.40
C GLU A 126 -6.82 6.54 30.80
N GLY A 127 -6.88 5.54 29.93
CA GLY A 127 -6.31 4.27 30.30
C GLY A 127 -4.80 4.26 30.16
N ASP A 128 -4.16 3.24 30.74
CA ASP A 128 -2.72 3.04 30.66
C ASP A 128 -2.23 2.95 29.21
N ASP A 129 -3.05 2.35 28.34
CA ASP A 129 -2.67 2.15 26.95
C ASP A 129 -3.08 3.30 26.04
N GLY A 130 -3.53 4.44 26.59
CA GLY A 130 -3.97 5.53 25.74
C GLY A 130 -5.45 5.44 25.34
N SER A 131 -6.17 4.36 25.67
CA SER A 131 -7.60 4.35 25.41
C SER A 131 -8.19 5.44 26.30
N SER A 132 -9.40 5.90 25.95
CA SER A 132 -9.98 7.01 26.69
C SER A 132 -11.50 7.08 26.52
N ARG A 133 -12.15 7.54 27.58
CA ARG A 133 -13.58 7.76 27.58
C ARG A 133 -13.96 8.86 28.59
N ALA A 134 -14.90 9.72 28.18
CA ALA A 134 -15.37 10.80 29.01
C ALA A 134 -16.78 10.46 29.50
N TYR A 135 -16.99 10.66 30.81
CA TYR A 135 -18.30 10.55 31.42
C TYR A 135 -18.75 11.90 31.95
N THR A 136 -19.96 12.31 31.56
CA THR A 136 -20.63 13.49 32.10
C THR A 136 -21.24 13.14 33.44
N TYR A 137 -21.55 14.17 34.23
CA TYR A 137 -22.25 13.94 35.49
C TYR A 137 -23.52 13.11 35.28
N LYS A 138 -24.30 13.35 34.22
CA LYS A 138 -25.46 12.50 34.04
C LYS A 138 -25.01 11.04 33.92
N GLU A 139 -23.94 10.78 33.16
CA GLU A 139 -23.56 9.42 32.83
C GLU A 139 -23.08 8.70 34.08
N MET A 140 -22.42 9.46 35.00
CA MET A 140 -22.00 8.93 36.30
C MET A 140 -23.20 8.71 37.24
N TYR A 141 -24.18 9.61 37.21
CA TYR A 141 -25.40 9.45 38.00
C TYR A 141 -26.04 8.11 37.64
N VAL A 142 -26.14 7.85 36.35
CA VAL A 142 -26.82 6.66 35.89
C VAL A 142 -25.97 5.44 36.22
N LEU A 143 -24.66 5.56 36.09
CA LEU A 143 -23.79 4.41 36.28
C LEU A 143 -23.77 4.07 37.78
N THR A 144 -23.78 5.10 38.63
CA THR A 144 -23.74 4.94 40.08
C THR A 144 -25.06 4.33 40.56
N ASN A 145 -26.19 4.81 39.97
CA ASN A 145 -27.51 4.31 40.36
C ASN A 145 -27.57 2.79 40.13
N ARG A 146 -27.05 2.37 38.97
CA ARG A 146 -27.15 0.99 38.53
C ARG A 146 -26.24 0.07 39.35
N VAL A 147 -25.07 0.56 39.74
CA VAL A 147 -24.17 -0.21 40.59
C VAL A 147 -24.77 -0.31 42.00
N ALA A 148 -25.41 0.76 42.46
CA ALA A 148 -26.01 0.74 43.79
C ALA A 148 -27.06 -0.37 43.81
N LYS A 149 -27.88 -0.40 42.77
CA LYS A 149 -28.95 -1.37 42.68
C LYS A 149 -28.43 -2.80 42.72
N VAL A 150 -27.27 -3.03 42.10
CA VAL A 150 -26.68 -4.36 42.04
C VAL A 150 -26.28 -4.79 43.45
N LEU A 151 -25.58 -3.87 44.15
CA LEU A 151 -25.21 -4.03 45.55
C LEU A 151 -26.46 -4.26 46.42
N GLN A 152 -27.49 -3.43 46.19
CA GLN A 152 -28.71 -3.53 46.98
C GLN A 152 -29.34 -4.90 46.81
N ASN A 153 -29.55 -5.32 45.55
CA ASN A 153 -30.12 -6.62 45.21
C ASN A 153 -29.36 -7.77 45.88
N GLN A 154 -28.06 -7.60 46.18
CA GLN A 154 -27.30 -8.64 46.85
C GLN A 154 -27.59 -8.67 48.35
N GLY A 155 -28.02 -7.53 48.93
CA GLY A 155 -28.35 -7.44 50.35
C GLY A 155 -27.55 -6.38 51.09
N VAL A 156 -26.73 -5.63 50.34
CA VAL A 156 -26.02 -4.50 50.88
C VAL A 156 -27.05 -3.46 51.28
N LYS A 157 -26.85 -2.93 52.50
CA LYS A 157 -27.75 -1.97 53.12
C LYS A 157 -26.90 -1.09 54.04
N LYS A 158 -27.51 -0.02 54.55
CA LYS A 158 -26.81 0.95 55.38
C LYS A 158 -26.06 0.26 56.51
N GLY A 159 -24.83 0.71 56.77
CA GLY A 159 -24.03 0.16 57.84
C GLY A 159 -22.99 -0.84 57.34
N ASP A 160 -23.26 -1.52 56.22
CA ASP A 160 -22.46 -2.68 55.78
C ASP A 160 -21.15 -2.19 55.14
N ARG A 161 -20.02 -2.86 55.41
CA ARG A 161 -18.74 -2.47 54.83
C ARG A 161 -18.53 -3.17 53.49
N VAL A 162 -18.34 -2.35 52.43
CA VAL A 162 -18.07 -2.81 51.07
C VAL A 162 -16.60 -2.59 50.78
N ALA A 163 -15.89 -3.67 50.48
CA ALA A 163 -14.48 -3.53 50.17
C ALA A 163 -14.31 -3.33 48.65
N ILE A 164 -13.39 -2.44 48.31
CA ILE A 164 -13.01 -2.20 46.93
C ILE A 164 -11.51 -2.44 46.74
N TYR A 165 -11.13 -3.23 45.71
CA TYR A 165 -9.74 -3.46 45.33
C TYR A 165 -9.68 -3.39 43.82
N MET A 166 -9.46 -2.18 43.29
CA MET A 166 -9.68 -1.90 41.87
C MET A 166 -8.56 -1.07 41.24
N PRO A 167 -8.38 -1.10 39.90
CA PRO A 167 -7.54 -0.11 39.24
C PRO A 167 -8.36 1.15 39.06
N MET A 168 -7.68 2.21 38.63
CA MET A 168 -8.27 3.52 38.43
C MET A 168 -9.08 3.55 37.13
N ILE A 169 -10.38 3.25 37.26
CA ILE A 169 -11.28 3.23 36.13
C ILE A 169 -12.60 3.82 36.59
N PRO A 170 -13.49 4.23 35.67
CA PRO A 170 -14.76 4.85 36.04
C PRO A 170 -15.57 4.08 37.07
N GLU A 171 -15.61 2.75 36.95
CA GLU A 171 -16.43 1.91 37.82
C GLU A 171 -15.86 1.89 39.24
N MET A 172 -14.60 2.25 39.45
CA MET A 172 -14.13 2.49 40.80
C MET A 172 -14.77 3.73 41.40
N ALA A 173 -14.89 4.82 40.62
CA ALA A 173 -15.57 6.00 41.12
C ALA A 173 -17.05 5.70 41.39
N ALA A 174 -17.68 5.01 40.45
CA ALA A 174 -19.09 4.75 40.54
C ALA A 174 -19.36 3.81 41.71
N SER A 175 -18.41 2.91 42.02
CA SER A 175 -18.56 1.95 43.10
C SER A 175 -18.50 2.67 44.45
N VAL A 176 -17.53 3.57 44.60
CA VAL A 176 -17.41 4.39 45.79
C VAL A 176 -18.70 5.19 46.02
N LEU A 177 -19.14 5.93 45.01
CA LEU A 177 -20.33 6.77 45.11
C LEU A 177 -21.58 5.93 45.39
N ALA A 178 -21.62 4.69 44.85
CA ALA A 178 -22.77 3.80 45.05
C ALA A 178 -22.86 3.32 46.49
N CYS A 179 -21.70 3.02 47.10
CA CYS A 179 -21.63 2.77 48.52
C CYS A 179 -22.14 4.01 49.28
N ALA A 180 -21.60 5.18 48.95
CA ALA A 180 -22.01 6.38 49.64
C ALA A 180 -23.51 6.53 49.54
N ARG A 181 -24.14 6.13 48.44
CA ARG A 181 -25.53 6.50 48.27
C ARG A 181 -26.42 5.49 48.98
N LEU A 182 -25.89 4.30 49.28
CA LEU A 182 -26.65 3.33 50.03
C LEU A 182 -26.49 3.56 51.53
N GLY A 183 -25.47 4.35 51.89
CA GLY A 183 -25.04 4.54 53.26
C GLY A 183 -24.16 3.39 53.74
N ALA A 184 -23.54 2.67 52.80
CA ALA A 184 -22.61 1.58 53.10
C ALA A 184 -21.18 2.09 53.09
N PRO A 185 -20.49 2.10 54.23
CA PRO A 185 -19.10 2.57 54.27
C PRO A 185 -18.26 1.73 53.34
N HIS A 186 -17.47 2.41 52.50
CA HIS A 186 -16.56 1.74 51.57
C HIS A 186 -15.21 1.60 52.25
N MET A 187 -14.52 0.53 51.93
CA MET A 187 -13.17 0.35 52.40
C MET A 187 -12.31 -0.06 51.21
N VAL A 188 -11.55 0.92 50.72
CA VAL A 188 -10.73 0.84 49.53
C VAL A 188 -9.31 0.50 49.91
N VAL A 189 -8.81 -0.59 49.33
CA VAL A 189 -7.44 -1.08 49.39
C VAL A 189 -6.73 -0.77 48.06
N PHE A 190 -5.76 0.11 48.10
CA PHE A 190 -4.85 0.33 46.97
C PHE A 190 -4.47 -0.98 46.28
N GLY A 191 -4.43 -0.90 44.94
CA GLY A 191 -4.24 -2.06 44.07
C GLY A 191 -2.80 -2.56 44.07
N GLY A 192 -1.90 -1.72 44.61
CA GLY A 192 -0.50 -2.07 44.81
C GLY A 192 -0.29 -3.04 45.97
N PHE A 193 -1.29 -3.18 46.86
CA PHE A 193 -1.18 -4.06 48.02
C PHE A 193 -1.47 -5.48 47.54
N ALA A 194 -0.82 -6.45 48.20
CA ALA A 194 -0.93 -7.86 47.88
C ALA A 194 -1.87 -8.49 48.88
N ALA A 195 -1.90 -9.84 48.99
CA ALA A 195 -3.05 -10.57 49.50
C ALA A 195 -3.23 -10.47 51.02
N SER A 196 -2.14 -10.59 51.78
CA SER A 196 -2.22 -10.40 53.22
C SER A 196 -2.75 -9.01 53.57
N SER A 197 -2.20 -7.99 52.93
CA SER A 197 -2.62 -6.62 53.17
C SER A 197 -4.13 -6.48 52.92
N LEU A 198 -4.62 -7.09 51.86
CA LEU A 198 -6.01 -6.92 51.48
C LEU A 198 -6.88 -7.71 52.45
N ARG A 199 -6.47 -8.92 52.77
CA ARG A 199 -7.14 -9.77 53.74
C ARG A 199 -7.23 -9.11 55.13
N ASP A 200 -6.13 -8.54 55.60
CA ASP A 200 -6.08 -7.94 56.92
C ASP A 200 -7.08 -6.81 57.05
N ARG A 201 -7.11 -5.94 56.03
CA ARG A 201 -8.00 -4.79 56.02
C ARG A 201 -9.45 -5.26 55.99
N MET A 202 -9.76 -6.27 55.18
CA MET A 202 -11.13 -6.72 55.04
C MET A 202 -11.66 -7.34 56.34
N ASN A 203 -10.77 -7.95 57.14
CA ASN A 203 -11.12 -8.64 58.37
C ASN A 203 -11.22 -7.69 59.57
N ASP A 204 -10.34 -6.68 59.64
CA ASP A 204 -10.47 -5.68 60.68
C ASP A 204 -11.84 -4.98 60.61
N CYS A 205 -12.43 -4.84 59.42
CA CYS A 205 -13.66 -4.11 59.30
C CYS A 205 -14.85 -5.02 59.01
N ASP A 206 -14.63 -6.34 58.89
CA ASP A 206 -15.68 -7.36 58.70
C ASP A 206 -16.50 -7.08 57.44
N ALA A 207 -15.78 -6.91 56.33
CA ALA A 207 -16.36 -6.50 55.06
C ALA A 207 -17.31 -7.56 54.53
N LYS A 208 -18.40 -7.11 53.91
CA LYS A 208 -19.51 -7.99 53.58
C LYS A 208 -19.38 -8.48 52.12
N VAL A 209 -18.92 -7.59 51.23
CA VAL A 209 -18.68 -7.91 49.83
C VAL A 209 -17.39 -7.24 49.38
N LEU A 210 -16.92 -7.60 48.17
CA LEU A 210 -15.71 -7.07 47.57
C LEU A 210 -16.01 -6.75 46.11
N ILE A 211 -15.68 -5.52 45.72
CA ILE A 211 -15.68 -5.17 44.32
C ILE A 211 -14.23 -5.11 43.85
N THR A 212 -13.88 -5.94 42.88
CA THR A 212 -12.55 -5.92 42.28
C THR A 212 -12.69 -5.97 40.75
N ALA A 213 -11.57 -6.27 40.06
CA ALA A 213 -11.55 -6.51 38.62
C ALA A 213 -10.73 -7.74 38.28
N ASP A 214 -10.88 -8.18 37.03
CA ASP A 214 -10.08 -9.31 36.55
C ASP A 214 -8.61 -8.97 36.68
N GLY A 215 -8.28 -7.72 36.33
CA GLY A 215 -6.98 -7.15 36.60
C GLY A 215 -6.94 -5.67 36.24
N GLY A 216 -5.83 -5.01 36.54
CA GLY A 216 -5.59 -3.66 36.08
C GLY A 216 -4.36 -3.65 35.18
N TYR A 217 -4.23 -2.63 34.34
CA TYR A 217 -2.98 -2.43 33.60
C TYR A 217 -2.20 -1.32 34.29
N ARG A 218 -0.88 -1.58 34.38
CA ARG A 218 0.10 -0.68 34.97
CA ARG A 218 0.11 -0.68 34.97
C ARG A 218 1.42 -0.85 34.20
N GLY A 219 1.70 0.11 33.31
CA GLY A 219 2.94 0.17 32.55
C GLY A 219 3.06 -0.93 31.51
N GLY A 220 1.91 -1.36 30.97
CA GLY A 220 1.87 -2.37 29.93
C GLY A 220 1.64 -3.77 30.50
N LYS A 221 2.09 -4.00 31.76
CA LYS A 221 1.92 -5.31 32.37
C LYS A 221 0.54 -5.39 33.03
N VAL A 222 -0.01 -6.61 33.07
CA VAL A 222 -1.21 -6.93 33.80
C VAL A 222 -0.91 -7.18 35.28
N ILE A 223 -1.81 -6.63 36.14
CA ILE A 223 -1.83 -6.84 37.57
C ILE A 223 -2.98 -7.78 37.95
N GLU A 224 -2.65 -8.91 38.58
CA GLU A 224 -3.60 -10.00 38.74
C GLU A 224 -4.51 -9.76 39.93
N LEU A 225 -5.27 -8.68 39.88
CA LEU A 225 -6.09 -8.29 41.02
C LEU A 225 -6.95 -9.47 41.49
N LYS A 226 -7.68 -10.08 40.56
CA LYS A 226 -8.61 -11.14 40.93
C LYS A 226 -7.95 -12.37 41.55
N LYS A 227 -6.71 -12.67 41.17
CA LYS A 227 -6.04 -13.85 41.69
C LYS A 227 -5.56 -13.56 43.10
N ILE A 228 -5.14 -12.31 43.33
CA ILE A 228 -4.74 -11.85 44.65
C ILE A 228 -5.96 -11.74 45.57
N ALA A 229 -7.06 -11.17 45.07
CA ALA A 229 -8.33 -11.21 45.77
C ALA A 229 -8.73 -12.63 46.16
N ASP A 230 -8.40 -13.63 45.35
CA ASP A 230 -8.84 -14.99 45.63
C ASP A 230 -8.09 -15.52 46.85
N GLU A 231 -6.80 -15.16 46.91
CA GLU A 231 -5.89 -15.57 47.98
C GLU A 231 -6.32 -14.88 49.28
N ALA A 232 -6.92 -13.68 49.17
CA ALA A 232 -7.31 -12.90 50.34
C ALA A 232 -8.69 -13.35 50.87
N VAL A 233 -9.66 -13.48 49.96
CA VAL A 233 -11.03 -13.84 50.34
C VAL A 233 -11.09 -15.21 51.00
N ALA A 234 -10.24 -16.14 50.57
CA ALA A 234 -10.24 -17.46 51.16
C ALA A 234 -9.91 -17.42 52.66
N GLU A 235 -9.37 -16.29 53.16
CA GLU A 235 -9.14 -16.12 54.59
C GLU A 235 -9.89 -14.94 55.18
N THR A 236 -11.07 -14.65 54.61
CA THR A 236 -11.89 -13.51 54.96
C THR A 236 -13.32 -14.02 55.06
N PRO A 237 -13.65 -14.73 56.16
CA PRO A 237 -14.91 -15.47 56.24
C PRO A 237 -16.17 -14.65 56.08
N THR A 238 -16.08 -13.31 56.26
CA THR A 238 -17.27 -12.45 56.25
C THR A 238 -17.79 -12.13 54.84
N ILE A 239 -17.02 -12.45 53.77
CA ILE A 239 -17.33 -12.04 52.42
C ILE A 239 -18.36 -12.97 51.81
N GLU A 240 -19.56 -12.44 51.51
CA GLU A 240 -20.62 -13.19 50.88
C GLU A 240 -20.49 -13.22 49.35
N LYS A 241 -19.88 -12.18 48.75
CA LYS A 241 -19.91 -12.02 47.32
C LYS A 241 -18.74 -11.16 46.84
N VAL A 242 -18.24 -11.50 45.65
CA VAL A 242 -17.21 -10.72 44.96
C VAL A 242 -17.71 -10.27 43.58
N PHE A 243 -17.78 -8.95 43.40
CA PHE A 243 -18.16 -8.39 42.10
C PHE A 243 -16.88 -8.14 41.31
N VAL A 244 -16.84 -8.60 40.06
CA VAL A 244 -15.63 -8.55 39.25
C VAL A 244 -15.90 -7.65 38.05
N GLN A 245 -15.26 -6.49 37.97
CA GLN A 245 -15.28 -5.73 36.75
C GLN A 245 -14.41 -6.43 35.70
N ARG A 246 -14.93 -6.53 34.47
CA ARG A 246 -14.20 -7.15 33.38
C ARG A 246 -13.42 -6.07 32.65
N HIS A 247 -12.16 -5.87 33.08
CA HIS A 247 -11.33 -4.78 32.59
C HIS A 247 -10.25 -5.27 31.63
N THR A 248 -9.57 -6.37 31.98
CA THR A 248 -8.50 -6.92 31.17
C THR A 248 -9.10 -7.80 30.08
N GLY A 249 -10.16 -8.51 30.47
CA GLY A 249 -10.81 -9.48 29.60
C GLY A 249 -10.18 -10.86 29.67
N PHE A 250 -9.11 -11.01 30.47
CA PHE A 250 -8.35 -12.26 30.55
C PHE A 250 -9.16 -13.29 31.34
N GLU A 251 -9.00 -14.56 30.95
CA GLU A 251 -9.60 -15.65 31.68
C GLU A 251 -9.02 -15.60 33.09
N VAL A 252 -9.89 -15.44 34.09
CA VAL A 252 -9.49 -15.50 35.49
C VAL A 252 -10.38 -16.53 36.18
N PRO A 253 -9.95 -17.10 37.32
CA PRO A 253 -10.81 -18.01 38.09
C PRO A 253 -12.01 -17.29 38.72
N MET A 254 -13.17 -17.96 38.62
CA MET A 254 -14.41 -17.47 39.18
C MET A 254 -15.08 -18.60 39.96
N ALA A 255 -14.98 -18.55 41.29
CA ALA A 255 -15.65 -19.49 42.18
C ALA A 255 -17.17 -19.37 42.07
N GLU A 256 -17.85 -20.43 41.59
CA GLU A 256 -19.30 -20.46 41.42
C GLU A 256 -20.00 -20.13 42.74
N GLY A 257 -21.00 -19.23 42.68
CA GLY A 257 -21.73 -18.81 43.87
C GLY A 257 -21.20 -17.50 44.43
N ARG A 258 -19.89 -17.41 44.71
CA ARG A 258 -19.31 -16.25 45.37
C ARG A 258 -19.08 -15.14 44.35
N ASP A 259 -18.41 -15.50 43.25
CA ASP A 259 -17.78 -14.56 42.34
C ASP A 259 -18.69 -14.34 41.14
N VAL A 260 -18.89 -13.09 40.73
CA VAL A 260 -19.80 -12.82 39.63
C VAL A 260 -19.34 -11.57 38.87
N TYR A 261 -19.49 -11.60 37.53
CA TYR A 261 -19.08 -10.47 36.71
C TYR A 261 -20.10 -9.32 36.83
N LEU A 262 -19.59 -8.13 37.08
CA LEU A 262 -20.39 -6.94 37.27
C LEU A 262 -21.20 -6.65 36.00
N ASP A 263 -20.58 -6.89 34.84
CA ASP A 263 -21.20 -6.49 33.58
C ASP A 263 -22.36 -7.43 33.28
N VAL A 264 -22.24 -8.71 33.68
CA VAL A 264 -23.31 -9.68 33.56
C VAL A 264 -24.52 -9.22 34.38
N LEU A 265 -24.29 -8.78 35.63
CA LEU A 265 -25.37 -8.38 36.51
C LEU A 265 -26.01 -7.10 35.98
N LEU A 266 -25.18 -6.13 35.55
CA LEU A 266 -25.63 -4.85 35.01
C LEU A 266 -26.45 -5.03 33.72
N ASN A 267 -26.33 -6.17 33.05
CA ASN A 267 -27.15 -6.47 31.89
C ASN A 267 -28.64 -6.40 32.21
N ASP A 268 -29.04 -6.75 33.46
CA ASP A 268 -30.44 -6.85 33.88
C ASP A 268 -30.91 -5.64 34.69
N ILE A 269 -30.11 -4.58 34.68
CA ILE A 269 -30.43 -3.36 35.38
C ILE A 269 -30.68 -2.27 34.33
N PRO A 270 -31.95 -1.93 34.02
CA PRO A 270 -32.26 -0.85 33.08
C PRO A 270 -31.49 0.47 33.24
N GLU A 271 -31.42 1.23 32.16
CA GLU A 271 -30.79 2.54 32.12
C GLU A 271 -31.50 3.55 33.06
N ASP A 272 -32.83 3.44 33.15
CA ASP A 272 -33.65 4.36 33.93
C ASP A 272 -33.69 3.99 35.44
N THR A 273 -32.92 2.98 35.88
CA THR A 273 -32.96 2.52 37.26
C THR A 273 -32.54 3.65 38.19
N VAL A 274 -33.20 3.76 39.35
CA VAL A 274 -32.90 4.79 40.33
C VAL A 274 -32.96 4.19 41.74
N VAL A 275 -31.82 4.24 42.43
CA VAL A 275 -31.75 4.08 43.86
C VAL A 275 -31.59 5.46 44.52
N PRO A 276 -32.64 5.99 45.19
CA PRO A 276 -32.54 7.34 45.74
C PRO A 276 -31.51 7.34 46.87
N CYS A 277 -30.80 8.44 47.03
CA CYS A 277 -29.83 8.51 48.10
C CYS A 277 -30.53 8.29 49.43
N GLU A 278 -29.91 7.43 50.24
CA GLU A 278 -30.36 7.16 51.59
C GLU A 278 -29.99 8.38 52.43
N PRO A 279 -30.95 9.10 53.03
CA PRO A 279 -30.62 10.28 53.83
C PRO A 279 -30.05 9.86 55.19
N VAL A 280 -28.75 10.03 55.37
CA VAL A 280 -28.11 9.51 56.57
C VAL A 280 -27.83 10.68 57.49
N ASP A 281 -27.52 10.33 58.74
CA ASP A 281 -27.16 11.34 59.72
C ASP A 281 -25.82 11.90 59.28
N SER A 282 -25.59 13.17 59.59
CA SER A 282 -24.37 13.87 59.27
C SER A 282 -23.15 13.20 59.90
N GLU A 283 -23.37 12.20 60.74
CA GLU A 283 -22.25 11.52 61.39
C GLU A 283 -22.23 10.03 61.12
N ASP A 284 -22.97 9.55 60.09
CA ASP A 284 -22.97 8.15 59.69
C ASP A 284 -21.71 7.88 58.88
N MET A 285 -21.20 6.66 58.93
CA MET A 285 -19.93 6.39 58.31
C MET A 285 -20.02 6.59 56.81
N LEU A 286 -19.07 7.36 56.26
CA LEU A 286 -18.83 7.38 54.84
C LEU A 286 -17.84 6.29 54.43
N TYR A 287 -16.69 6.18 55.11
CA TYR A 287 -15.70 5.19 54.71
C TYR A 287 -14.66 4.94 55.79
N ILE A 288 -13.94 3.83 55.57
CA ILE A 288 -12.77 3.44 56.35
C ILE A 288 -11.59 3.36 55.41
N LEU A 289 -10.46 3.95 55.81
CA LEU A 289 -9.25 3.89 55.02
C LEU A 289 -8.10 3.60 55.97
N TYR A 290 -7.39 2.49 55.69
CA TYR A 290 -6.36 2.00 56.59
C TYR A 290 -5.03 2.73 56.28
N THR A 291 -4.42 3.31 57.33
CA THR A 291 -3.07 3.86 57.30
C THR A 291 -2.28 3.29 58.48
N SER A 292 -0.99 3.64 58.59
CA SER A 292 -0.10 2.94 59.51
C SER A 292 0.81 3.91 60.25
N GLY A 293 1.13 3.57 61.51
CA GLY A 293 2.28 4.11 62.22
C GLY A 293 3.49 3.18 62.09
N SER A 294 4.60 3.55 62.74
CA SER A 294 5.82 2.73 62.71
C SER A 294 5.63 1.46 63.52
N THR A 295 4.70 1.47 64.48
CA THR A 295 4.27 0.28 65.21
C THR A 295 2.76 0.23 65.15
N GLY A 296 2.24 -0.94 65.52
CA GLY A 296 0.81 -1.22 65.50
C GLY A 296 0.43 -1.94 64.21
N LYS A 297 -0.69 -2.67 64.25
CA LYS A 297 -1.36 -3.17 63.07
C LYS A 297 -1.99 -1.96 62.36
N PRO A 298 -2.45 -2.04 61.08
CA PRO A 298 -2.96 -0.85 60.41
C PRO A 298 -4.19 -0.30 61.13
N LYS A 299 -4.38 1.04 61.06
CA LYS A 299 -5.46 1.78 61.67
C LYS A 299 -6.57 2.08 60.66
N GLY A 300 -7.80 1.61 60.93
CA GLY A 300 -8.94 1.93 60.08
C GLY A 300 -9.57 3.28 60.44
N VAL A 301 -9.16 4.34 59.74
CA VAL A 301 -9.57 5.69 60.01
C VAL A 301 -10.99 5.86 59.49
N VAL A 302 -11.85 6.50 60.31
CA VAL A 302 -13.27 6.60 60.02
C VAL A 302 -13.63 8.05 59.70
N HIS A 303 -14.26 8.22 58.54
CA HIS A 303 -14.80 9.51 58.17
C HIS A 303 -16.32 9.41 58.02
N VAL A 304 -16.99 10.54 58.21
CA VAL A 304 -18.44 10.57 58.17
C VAL A 304 -18.89 11.49 57.03
N HIS A 305 -20.15 11.42 56.61
CA HIS A 305 -20.66 12.15 55.47
C HIS A 305 -20.60 13.66 55.59
N GLY A 306 -21.17 14.23 56.65
CA GLY A 306 -21.41 15.68 56.72
C GLY A 306 -20.13 16.51 56.83
N GLY A 307 -19.49 16.49 57.98
CA GLY A 307 -18.29 17.28 58.15
C GLY A 307 -17.24 17.02 57.07
N TYR A 308 -17.11 15.76 56.63
CA TYR A 308 -16.10 15.40 55.65
C TYR A 308 -16.43 16.10 54.34
N ALA A 309 -17.71 16.08 53.95
CA ALA A 309 -18.10 16.69 52.70
C ALA A 309 -17.80 18.18 52.74
N VAL A 310 -18.20 18.82 53.84
CA VAL A 310 -18.06 20.26 53.91
C VAL A 310 -16.59 20.67 53.90
N GLY A 311 -15.74 19.93 54.59
CA GLY A 311 -14.33 20.23 54.65
C GLY A 311 -13.63 20.01 53.31
N CYS A 312 -13.86 18.84 52.72
CA CYS A 312 -13.32 18.51 51.41
C CYS A 312 -13.78 19.53 50.35
N TYR A 313 -15.08 19.86 50.35
CA TYR A 313 -15.63 20.89 49.48
C TYR A 313 -14.94 22.25 49.61
N ALA A 314 -14.83 22.75 50.84
CA ALA A 314 -14.31 24.08 51.09
C ALA A 314 -12.82 24.18 50.77
N THR A 315 -12.04 23.19 51.18
CA THR A 315 -10.61 23.23 50.92
C THR A 315 -10.35 23.14 49.41
N THR A 316 -11.12 22.33 48.69
CA THR A 316 -10.94 22.20 47.24
C THR A 316 -11.25 23.55 46.57
N LYS A 317 -12.39 24.13 46.95
CA LYS A 317 -12.83 25.43 46.44
C LYS A 317 -11.79 26.53 46.62
N PHE A 318 -11.12 26.55 47.76
CA PHE A 318 -10.29 27.69 48.12
C PHE A 318 -8.87 27.45 47.65
N VAL A 319 -8.36 26.22 47.87
CA VAL A 319 -6.96 25.92 47.57
C VAL A 319 -6.71 25.80 46.07
N PHE A 320 -7.61 25.08 45.38
CA PHE A 320 -7.50 24.84 43.95
C PHE A 320 -8.39 25.78 43.13
N ASP A 321 -9.16 26.65 43.80
CA ASP A 321 -9.72 27.83 43.17
C ASP A 321 -10.70 27.44 42.06
N ILE A 322 -11.35 26.30 42.21
CA ILE A 322 -12.04 25.65 41.12
C ILE A 322 -13.07 26.58 40.49
N LYS A 323 -13.05 26.72 39.17
CA LYS A 323 -14.07 27.50 38.49
C LYS A 323 -14.78 26.63 37.49
N PRO A 324 -15.90 27.09 36.86
CA PRO A 324 -16.66 26.21 35.99
C PRO A 324 -15.88 25.75 34.78
N SER A 325 -14.86 26.50 34.35
CA SER A 325 -14.14 26.15 33.13
C SER A 325 -12.93 25.26 33.41
N ASP A 326 -12.74 24.77 34.63
CA ASP A 326 -11.49 24.14 35.01
C ASP A 326 -11.52 22.63 34.72
N VAL A 327 -10.38 22.14 34.22
CA VAL A 327 -10.10 20.71 34.22
C VAL A 327 -9.05 20.45 35.27
N PHE A 328 -9.40 19.57 36.23
CA PHE A 328 -8.61 19.33 37.42
C PHE A 328 -8.07 17.91 37.38
N TRP A 329 -6.81 17.74 37.81
CA TRP A 329 -6.13 16.46 37.83
C TRP A 329 -5.29 16.32 39.09
N CYS A 330 -5.74 15.39 39.95
CA CYS A 330 -4.91 14.88 41.01
C CYS A 330 -4.43 13.51 40.59
N THR A 331 -3.08 13.32 40.62
CA THR A 331 -2.38 12.17 40.11
C THR A 331 -2.36 11.00 41.10
N ALA A 332 -2.88 11.20 42.32
CA ALA A 332 -2.86 10.13 43.33
C ALA A 332 -3.94 9.05 43.05
N ASP A 333 -3.70 7.85 43.57
CA ASP A 333 -4.65 6.76 43.44
C ASP A 333 -5.79 7.04 44.41
N ILE A 334 -6.98 6.61 44.04
CA ILE A 334 -8.11 6.67 44.95
C ILE A 334 -7.85 5.76 46.16
N GLY A 335 -6.91 4.82 46.05
CA GLY A 335 -6.55 3.96 47.17
C GLY A 335 -5.93 4.72 48.35
N TRP A 336 -5.53 5.96 48.15
CA TRP A 336 -5.07 6.82 49.23
C TRP A 336 -6.09 7.91 49.54
N VAL A 337 -5.92 8.56 50.70
CA VAL A 337 -6.86 9.58 51.12
C VAL A 337 -6.87 10.71 50.09
N THR A 338 -5.73 10.93 49.43
CA THR A 338 -5.61 12.01 48.47
C THR A 338 -6.68 11.93 47.39
N GLY A 339 -7.02 10.69 46.98
CA GLY A 339 -7.88 10.46 45.84
C GLY A 339 -9.34 10.37 46.26
N HIS A 340 -9.59 9.84 47.47
CA HIS A 340 -10.85 10.05 48.15
C HIS A 340 -11.18 11.54 48.15
N SER A 341 -10.34 12.34 48.83
CA SER A 341 -10.69 13.72 49.16
C SER A 341 -10.61 14.61 47.93
N TYR A 342 -9.57 14.42 47.11
CA TYR A 342 -9.27 15.37 46.05
C TYR A 342 -9.14 14.70 44.69
N THR A 343 -9.74 13.54 44.49
CA THR A 343 -10.09 13.19 43.14
C THR A 343 -11.60 13.07 43.07
N ILE A 344 -12.21 12.26 43.93
CA ILE A 344 -13.63 12.03 43.85
C ILE A 344 -14.44 13.11 44.58
N TYR A 345 -14.38 13.15 45.91
CA TYR A 345 -15.44 13.80 46.68
C TYR A 345 -15.35 15.32 46.55
N GLY A 346 -14.24 15.90 47.01
CA GLY A 346 -14.00 17.34 46.93
C GLY A 346 -14.24 17.95 45.56
N PRO A 347 -13.55 17.49 44.48
CA PRO A 347 -13.71 18.09 43.15
C PRO A 347 -15.08 17.89 42.52
N MET A 348 -15.76 16.75 42.76
CA MET A 348 -17.13 16.58 42.25
C MET A 348 -18.14 17.51 42.92
N MET A 349 -17.85 17.92 44.16
CA MET A 349 -18.75 18.81 44.87
C MET A 349 -18.53 20.23 44.41
N ASN A 350 -17.44 20.50 43.70
CA ASN A 350 -17.28 21.77 43.01
C ASN A 350 -17.67 21.64 41.53
N ALA A 351 -18.26 20.51 41.13
CA ALA A 351 -18.66 20.27 39.75
C ALA A 351 -17.49 20.34 38.76
N ALA A 352 -16.28 19.94 39.17
CA ALA A 352 -15.10 20.03 38.33
C ALA A 352 -15.16 18.95 37.25
N SER A 353 -14.46 19.21 36.14
CA SER A 353 -14.09 18.18 35.19
C SER A 353 -12.77 17.58 35.66
N ILE A 354 -12.74 16.26 35.88
CA ILE A 354 -11.67 15.59 36.58
C ILE A 354 -11.03 14.51 35.72
N VAL A 355 -9.73 14.60 35.51
CA VAL A 355 -8.97 13.55 34.85
C VAL A 355 -8.80 12.36 35.80
N LEU A 356 -8.86 11.16 35.25
CA LEU A 356 -8.70 9.93 36.02
C LEU A 356 -7.84 9.00 35.20
N PHE A 357 -6.62 8.74 35.67
CA PHE A 357 -5.64 8.02 34.85
C PHE A 357 -5.31 6.69 35.49
N GLU A 358 -5.38 5.62 34.71
CA GLU A 358 -5.11 4.25 35.15
C GLU A 358 -3.63 3.99 35.45
N GLY A 359 -2.72 4.74 34.81
CA GLY A 359 -1.35 4.26 34.69
C GLY A 359 -0.30 5.02 35.50
N ILE A 360 0.91 5.05 34.94
CA ILE A 360 2.08 5.55 35.65
C ILE A 360 2.77 6.61 34.79
N PRO A 361 3.63 7.42 35.43
CA PRO A 361 4.23 8.60 34.78
C PRO A 361 5.26 8.34 33.69
N THR A 362 5.75 7.10 33.66
CA THR A 362 6.87 6.69 32.84
C THR A 362 6.46 5.79 31.68
N TYR A 363 5.17 5.46 31.51
CA TYR A 363 4.78 4.57 30.42
C TYR A 363 3.67 5.19 29.57
N PRO A 364 3.77 5.20 28.22
CA PRO A 364 4.88 4.59 27.45
C PRO A 364 6.27 5.18 27.68
N ALA A 365 6.32 6.45 28.08
CA ALA A 365 7.56 7.15 28.37
C ALA A 365 7.32 8.27 29.38
N ALA A 366 8.37 9.01 29.73
CA ALA A 366 8.38 9.85 30.90
C ALA A 366 7.82 11.26 30.63
N ASP A 367 7.11 11.40 29.50
CA ASP A 367 6.37 12.61 29.22
C ASP A 367 4.87 12.35 29.41
N ARG A 368 4.50 11.14 29.85
CA ARG A 368 3.10 10.75 29.90
C ARG A 368 2.25 11.77 30.67
N PHE A 369 2.70 12.25 31.84
CA PHE A 369 1.93 13.27 32.53
C PHE A 369 1.72 14.49 31.62
N TRP A 370 2.71 14.84 30.78
CA TRP A 370 2.64 16.10 30.06
C TRP A 370 1.77 15.92 28.83
N SER A 371 1.72 14.69 28.30
CA SER A 371 0.74 14.34 27.27
C SER A 371 -0.64 14.52 27.86
N ILE A 372 -0.83 14.04 29.09
CA ILE A 372 -2.17 14.10 29.66
C ILE A 372 -2.63 15.55 29.83
N VAL A 373 -1.79 16.40 30.43
CA VAL A 373 -2.09 17.81 30.64
C VAL A 373 -2.49 18.44 29.33
N GLU A 374 -1.72 18.15 28.27
CA GLU A 374 -1.97 18.72 26.96
C GLU A 374 -3.25 18.15 26.34
N LYS A 375 -3.39 16.83 26.41
CA LYS A 375 -4.52 16.16 25.79
C LYS A 375 -5.83 16.77 26.30
N TYR A 376 -5.91 17.06 27.61
CA TYR A 376 -7.17 17.42 28.24
C TYR A 376 -7.18 18.89 28.68
N LYS A 377 -6.18 19.67 28.26
CA LYS A 377 -6.12 21.08 28.62
C LYS A 377 -6.38 21.25 30.12
N VAL A 378 -5.59 20.53 30.92
CA VAL A 378 -5.67 20.51 32.36
C VAL A 378 -5.25 21.88 32.90
N ASN A 379 -6.00 22.37 33.88
CA ASN A 379 -5.80 23.68 34.46
C ASN A 379 -5.11 23.63 35.83
N ILE A 380 -5.34 22.54 36.57
CA ILE A 380 -4.85 22.36 37.93
C ILE A 380 -4.30 20.94 38.07
N ILE A 381 -3.05 20.85 38.56
CA ILE A 381 -2.40 19.58 38.75
C ILE A 381 -1.91 19.51 40.19
N TYR A 382 -2.20 18.36 40.81
CA TYR A 382 -1.86 18.08 42.19
C TYR A 382 -1.19 16.71 42.22
N THR A 383 0.10 16.68 42.57
CA THR A 383 0.90 15.49 42.35
C THR A 383 1.90 15.31 43.50
N ALA A 384 2.44 14.09 43.57
CA ALA A 384 3.47 13.70 44.51
C ALA A 384 4.82 14.35 44.19
N PRO A 385 5.59 14.80 45.18
CA PRO A 385 6.98 15.14 44.90
C PRO A 385 7.83 13.93 44.51
N THR A 386 7.41 12.71 44.83
CA THR A 386 8.07 11.54 44.28
C THR A 386 8.04 11.59 42.75
N ALA A 387 6.85 11.83 42.21
CA ALA A 387 6.67 11.89 40.78
C ALA A 387 7.62 12.92 40.15
N ILE A 388 7.75 14.06 40.80
CA ILE A 388 8.61 15.11 40.29
C ILE A 388 10.08 14.72 40.40
N ARG A 389 10.52 14.17 41.52
CA ARG A 389 11.89 13.67 41.62
C ARG A 389 12.12 12.58 40.56
N SER A 390 11.10 11.74 40.32
CA SER A 390 11.20 10.70 39.33
C SER A 390 11.43 11.27 37.94
N LEU A 391 10.61 12.25 37.54
CA LEU A 391 10.66 12.75 36.17
C LEU A 391 11.84 13.69 35.93
N MET A 392 12.43 14.22 37.02
CA MET A 392 13.51 15.19 36.96
C MET A 392 14.72 14.48 36.38
N ARG A 393 14.86 13.20 36.70
CA ARG A 393 15.93 12.38 36.22
C ARG A 393 15.98 12.38 34.69
N PHE A 394 14.84 12.52 34.00
CA PHE A 394 14.79 12.30 32.57
C PHE A 394 14.94 13.63 31.82
N GLY A 395 15.13 14.75 32.52
CA GLY A 395 15.57 15.97 31.88
C GLY A 395 14.41 16.88 31.45
N GLU A 396 14.79 18.08 30.99
CA GLU A 396 13.86 19.18 30.80
C GLU A 396 13.26 19.13 29.40
N GLU A 397 13.61 18.13 28.59
CA GLU A 397 13.19 18.11 27.19
C GLU A 397 11.76 17.62 27.08
N LEU A 398 11.43 16.64 27.92
CA LEU A 398 10.17 15.92 27.86
C LEU A 398 8.99 16.87 28.09
N PRO A 399 8.89 17.62 29.21
CA PRO A 399 7.79 18.58 29.35
C PRO A 399 7.81 19.65 28.25
N ALA A 400 9.01 19.95 27.75
CA ALA A 400 9.14 21.02 26.78
C ALA A 400 8.50 20.64 25.45
N ARG A 401 8.44 19.34 25.13
CA ARG A 401 7.73 18.83 23.95
C ARG A 401 6.21 19.04 23.95
N HIS A 402 5.59 19.33 25.12
CA HIS A 402 4.14 19.36 25.17
C HIS A 402 3.68 20.77 25.49
N ASP A 403 2.43 21.10 25.12
CA ASP A 403 1.84 22.37 25.48
C ASP A 403 1.22 22.31 26.88
N LEU A 404 1.95 22.84 27.87
CA LEU A 404 1.44 22.87 29.23
C LEU A 404 0.77 24.21 29.54
N SER A 405 0.38 24.95 28.51
CA SER A 405 0.07 26.35 28.73
C SER A 405 -1.32 26.47 29.35
N SER A 406 -2.06 25.36 29.47
CA SER A 406 -3.40 25.40 30.04
C SER A 406 -3.35 25.44 31.58
N LEU A 407 -2.23 24.97 32.16
CA LEU A 407 -2.10 24.97 33.61
C LEU A 407 -2.16 26.39 34.13
N ARG A 408 -2.87 26.61 35.25
CA ARG A 408 -2.82 27.88 35.99
C ARG A 408 -2.47 27.72 37.47
N ILE A 409 -2.60 26.49 37.99
CA ILE A 409 -2.28 26.16 39.38
C ILE A 409 -1.58 24.80 39.46
N LEU A 410 -0.48 24.74 40.21
CA LEU A 410 0.25 23.52 40.47
C LEU A 410 0.06 23.18 41.94
N GLY A 411 0.31 21.92 42.30
CA GLY A 411 0.24 21.51 43.69
C GLY A 411 1.00 20.21 44.00
N THR A 412 1.19 20.02 45.31
CA THR A 412 2.11 19.08 45.92
C THR A 412 1.40 18.40 47.07
N VAL A 413 1.63 17.10 47.24
CA VAL A 413 0.89 16.37 48.24
C VAL A 413 1.68 15.14 48.60
N GLY A 414 1.65 14.80 49.88
CA GLY A 414 2.06 13.48 50.33
C GLY A 414 3.27 13.60 51.22
N GLU A 415 4.06 14.65 50.99
CA GLU A 415 5.28 14.89 51.75
C GLU A 415 5.78 16.29 51.40
N PRO A 416 6.78 16.78 52.15
CA PRO A 416 7.39 18.06 51.84
C PRO A 416 8.33 17.93 50.65
N ILE A 417 8.37 18.99 49.84
CA ILE A 417 9.07 19.00 48.59
C ILE A 417 10.34 19.81 48.79
N ASN A 418 11.49 19.25 48.37
CA ASN A 418 12.76 19.94 48.45
C ASN A 418 12.64 21.20 47.61
N PRO A 419 13.44 22.25 47.89
CA PRO A 419 13.47 23.45 47.05
C PRO A 419 13.98 23.22 45.63
N GLU A 420 14.82 22.20 45.41
CA GLU A 420 15.33 21.92 44.09
C GLU A 420 14.18 21.49 43.16
N ALA A 421 13.32 20.61 43.65
CA ALA A 421 12.23 20.06 42.86
C ALA A 421 11.08 21.06 42.75
N TRP A 422 10.93 21.91 43.76
CA TRP A 422 10.04 23.06 43.70
C TRP A 422 10.43 23.95 42.53
N MET A 423 11.71 24.36 42.45
CA MET A 423 12.18 25.16 41.32
C MET A 423 11.92 24.45 40.00
N TRP A 424 12.16 23.13 39.95
CA TRP A 424 11.99 22.37 38.72
C TRP A 424 10.53 22.39 38.29
N TYR A 425 9.64 22.12 39.25
CA TYR A 425 8.20 22.14 39.03
C TYR A 425 7.76 23.51 38.53
N ARG A 426 8.18 24.59 39.19
CA ARG A 426 7.78 25.92 38.79
C ARG A 426 8.38 26.31 37.43
N LYS A 427 9.61 25.86 37.15
CA LYS A 427 10.34 26.32 35.98
C LYS A 427 9.76 25.66 34.72
N ASN A 428 9.62 24.33 34.78
CA ASN A 428 9.33 23.53 33.60
C ASN A 428 7.82 23.30 33.48
N ILE A 429 7.13 23.14 34.60
CA ILE A 429 5.70 22.90 34.55
C ILE A 429 4.92 24.19 34.75
N GLY A 430 5.54 25.25 35.30
CA GLY A 430 4.79 26.45 35.63
C GLY A 430 5.34 27.72 34.97
N HIS A 431 6.22 27.56 33.96
CA HIS A 431 6.92 28.64 33.27
C HIS A 431 7.27 29.80 34.21
N ASN A 432 7.81 29.51 35.40
CA ASN A 432 8.31 30.54 36.31
C ASN A 432 7.28 31.62 36.63
N GLU A 433 6.05 31.20 36.98
CA GLU A 433 4.95 32.11 37.23
C GLU A 433 3.90 31.43 38.11
N LEU A 434 3.61 30.17 37.79
CA LEU A 434 2.50 29.49 38.40
C LEU A 434 2.76 29.27 39.89
N PRO A 435 1.69 29.37 40.70
CA PRO A 435 1.75 29.00 42.11
C PRO A 435 1.80 27.50 42.41
N ILE A 436 2.49 27.15 43.48
CA ILE A 436 2.54 25.78 43.98
C ILE A 436 1.81 25.71 45.33
N MET A 437 0.69 25.01 45.36
CA MET A 437 -0.02 24.71 46.58
C MET A 437 0.64 23.50 47.24
N ASP A 438 1.63 23.78 48.11
CA ASP A 438 2.35 22.81 48.90
C ASP A 438 1.49 22.45 50.11
N THR A 439 0.90 21.25 50.16
CA THR A 439 -0.14 20.94 51.12
C THR A 439 0.36 20.06 52.26
N TRP A 440 -0.24 20.23 53.44
CA TRP A 440 0.04 19.36 54.57
C TRP A 440 -1.25 18.87 55.21
N TRP A 441 -1.35 17.54 55.31
CA TRP A 441 -2.45 16.81 55.91
C TRP A 441 -2.17 15.31 55.87
N GLN A 442 -3.11 14.51 56.35
CA GLN A 442 -2.94 13.07 56.51
C GLN A 442 -4.32 12.44 56.48
N THR A 443 -4.34 11.11 56.38
CA THR A 443 -5.57 10.33 56.30
C THR A 443 -6.49 10.72 57.46
N GLU A 444 -5.90 10.80 58.65
CA GLU A 444 -6.61 11.16 59.86
C GLU A 444 -7.28 12.54 59.76
N THR A 445 -6.68 13.51 59.06
CA THR A 445 -7.22 14.86 59.07
C THR A 445 -8.33 14.98 58.03
N GLY A 446 -8.38 14.07 57.04
CA GLY A 446 -9.46 14.02 56.04
C GLY A 446 -9.38 15.12 54.97
N MET A 447 -8.86 16.28 55.33
CA MET A 447 -8.75 17.38 54.39
C MET A 447 -7.45 18.12 54.64
N ILE A 448 -7.08 18.95 53.67
CA ILE A 448 -5.92 19.81 53.79
C ILE A 448 -6.11 20.74 54.97
N LEU A 449 -5.01 20.99 55.69
CA LEU A 449 -5.03 21.78 56.90
C LEU A 449 -4.12 22.98 56.76
N ILE A 450 -2.85 22.75 56.40
CA ILE A 450 -1.92 23.85 56.17
C ILE A 450 -1.49 23.81 54.71
N SER A 451 -1.54 24.98 54.04
CA SER A 451 -1.39 25.08 52.60
C SER A 451 -1.49 26.53 52.15
N PRO A 452 -0.79 26.95 51.07
CA PRO A 452 -1.10 28.23 50.43
C PRO A 452 -2.48 28.21 49.75
N THR A 453 -2.92 29.43 49.46
CA THR A 453 -4.05 29.69 48.59
C THR A 453 -3.48 30.59 47.51
N PRO A 454 -4.22 30.84 46.42
CA PRO A 454 -3.71 31.72 45.36
C PRO A 454 -3.26 33.10 45.79
N ILE A 455 -3.75 33.59 46.94
CA ILE A 455 -3.46 34.96 47.35
C ILE A 455 -2.16 35.09 48.17
N LEU A 456 -1.44 33.99 48.45
CA LEU A 456 -0.29 34.06 49.34
C LEU A 456 1.02 34.00 48.56
N PRO A 457 1.91 34.99 48.75
CA PRO A 457 3.31 34.81 48.36
C PRO A 457 3.82 33.47 48.87
N LEU A 458 4.58 32.76 48.02
CA LEU A 458 5.04 31.41 48.31
C LEU A 458 6.52 31.46 48.67
N LYS A 459 6.91 30.46 49.46
CA LYS A 459 8.30 30.21 49.82
C LYS A 459 8.58 28.75 49.50
N PRO A 460 9.68 28.39 48.80
CA PRO A 460 9.94 27.00 48.44
C PRO A 460 10.06 26.08 49.65
N GLY A 461 9.33 24.97 49.66
CA GLY A 461 9.45 23.96 50.70
C GLY A 461 8.63 24.31 51.95
N SER A 462 7.67 25.22 51.78
CA SER A 462 6.81 25.69 52.85
C SER A 462 5.33 25.48 52.54
N ALA A 463 4.63 24.74 53.42
CA ALA A 463 3.19 24.59 53.40
C ALA A 463 2.48 25.93 53.56
N SER A 464 3.17 26.91 54.15
CA SER A 464 2.62 28.26 54.24
C SER A 464 1.81 28.45 55.54
N ARG A 465 0.72 29.23 55.44
CA ARG A 465 -0.16 29.54 56.55
C ARG A 465 -1.32 28.56 56.60
N PRO A 466 -1.87 28.27 57.80
CA PRO A 466 -3.02 27.39 57.93
C PRO A 466 -4.24 27.90 57.15
N LEU A 467 -5.12 26.97 56.77
CA LEU A 467 -6.40 27.31 56.17
C LEU A 467 -7.34 27.84 57.24
N PRO A 468 -8.43 28.54 56.85
CA PRO A 468 -9.39 29.07 57.81
C PRO A 468 -9.91 28.14 58.91
N THR A 469 -9.93 28.66 60.16
CA THR A 469 -10.36 28.01 61.40
C THR A 469 -9.29 27.06 61.97
N ILE A 470 -8.20 26.83 61.25
CA ILE A 470 -7.27 25.78 61.64
C ILE A 470 -6.18 26.39 62.52
N GLU A 471 -6.26 26.06 63.80
CA GLU A 471 -5.44 26.70 64.80
C GLU A 471 -4.24 25.81 65.08
N ALA A 472 -3.26 25.88 64.18
CA ALA A 472 -2.04 25.09 64.29
C ALA A 472 -0.97 25.91 64.98
N ASP A 473 -0.07 25.20 65.69
CA ASP A 473 1.02 25.82 66.43
C ASP A 473 2.14 24.77 66.56
N VAL A 474 3.29 25.24 67.04
CA VAL A 474 4.43 24.36 67.30
C VAL A 474 4.78 24.41 68.79
N VAL A 475 4.72 23.25 69.45
CA VAL A 475 4.83 23.17 70.90
C VAL A 475 5.88 22.12 71.28
N ASN A 476 6.33 22.11 72.55
CA ASN A 476 7.26 21.10 73.05
C ASN A 476 6.48 19.93 73.66
N LYS A 477 7.20 18.99 74.30
CA LYS A 477 6.54 17.82 74.89
C LYS A 477 5.33 18.29 75.71
N ASP A 478 5.53 19.36 76.47
CA ASP A 478 4.56 19.78 77.47
C ASP A 478 3.48 20.68 76.88
N GLY A 479 3.58 20.98 75.58
CA GLY A 479 2.57 21.80 74.92
C GLY A 479 2.81 23.30 75.10
N LYS A 480 4.03 23.70 75.47
CA LYS A 480 4.37 25.12 75.56
C LYS A 480 4.87 25.62 74.21
N PRO A 481 4.31 26.71 73.64
CA PRO A 481 4.79 27.26 72.37
C PRO A 481 6.31 27.44 72.42
N VAL A 482 7.02 26.98 71.36
CA VAL A 482 8.47 27.03 71.27
C VAL A 482 8.92 28.35 70.65
N GLY A 483 8.01 29.03 69.96
CA GLY A 483 8.26 30.36 69.41
C GLY A 483 8.83 30.28 67.99
N PRO A 484 8.86 31.41 67.23
CA PRO A 484 9.45 31.43 65.89
C PRO A 484 10.81 30.73 65.80
N GLU A 485 11.05 30.12 64.64
CA GLU A 485 12.35 29.68 64.21
C GLU A 485 12.81 28.41 64.94
N NEP A 486 12.01 27.78 65.81
CA NEP A 486 12.51 26.63 66.56
C NEP A 486 11.66 25.41 66.24
O NEP A 486 10.45 25.54 66.07
CB NEP A 486 12.61 26.90 68.07
CG NEP A 486 13.38 28.12 68.43
ND1 NEP A 486 12.71 29.25 68.87
CD2 NEP A 486 14.72 28.38 68.39
CE1 NEP A 486 13.62 30.16 69.10
NE2 NEP A 486 14.88 29.71 68.81
P NEP A 486 16.25 30.71 69.03
O1P NEP A 486 16.03 32.05 68.36
O2P NEP A 486 16.30 31.00 70.51
O3P NEP A 486 17.50 30.02 68.48
H NEP A 486 11.14 28.06 65.94
HA NEP A 486 13.43 26.46 66.23
HB2 NEP A 486 11.69 26.98 68.42
HB3 NEP A 486 13.01 26.12 68.50
HD2 NEP A 486 15.42 27.80 68.12
HE1 NEP A 486 13.44 31.03 69.41
N GLY A 487 12.33 24.25 66.13
CA GLY A 487 11.71 22.99 65.72
C GLY A 487 10.88 22.41 66.86
N GLY A 488 9.71 21.86 66.55
CA GLY A 488 8.87 21.32 67.61
C GLY A 488 7.77 20.42 67.08
N PHE A 489 6.88 19.98 67.97
CA PHE A 489 5.72 19.18 67.64
C PHE A 489 4.65 20.10 67.06
N LEU A 490 3.96 19.63 66.03
CA LEU A 490 2.99 20.44 65.32
C LEU A 490 1.60 19.99 65.75
N ILE A 491 0.87 20.89 66.42
CA ILE A 491 -0.43 20.51 66.95
C ILE A 491 -1.51 21.38 66.34
N ILE A 492 -2.72 20.83 66.32
CA ILE A 492 -3.92 21.59 66.04
C ILE A 492 -4.71 21.71 67.35
N ARG A 493 -5.31 22.89 67.60
CA ARG A 493 -5.90 23.23 68.89
C ARG A 493 -7.40 22.96 69.03
N HIS A 494 -8.10 22.74 67.91
N HIS A 494 -8.14 22.89 67.91
CA HIS A 494 -9.55 22.65 67.91
CA HIS A 494 -9.58 22.66 67.89
C HIS A 494 -9.98 21.83 66.69
C HIS A 494 -9.93 21.77 66.70
N PRO A 495 -10.94 20.89 66.81
CA PRO A 495 -11.39 20.11 65.66
C PRO A 495 -11.81 20.94 64.45
N TRP A 496 -11.89 20.22 63.33
CA TRP A 496 -12.25 20.76 62.04
C TRP A 496 -13.21 19.73 61.41
N PRO A 497 -14.09 20.16 60.47
CA PRO A 497 -15.20 19.30 60.01
C PRO A 497 -14.89 17.90 59.48
N ALA A 498 -13.72 17.76 58.84
CA ALA A 498 -13.43 16.56 58.06
C ALA A 498 -12.47 15.61 58.79
N GLN A 499 -12.13 15.95 60.04
CA GLN A 499 -11.30 15.13 60.93
C GLN A 499 -11.97 13.78 61.13
N MET A 500 -11.14 12.76 61.35
CA MET A 500 -11.64 11.42 61.65
C MET A 500 -12.44 11.46 62.96
N ARG A 501 -13.37 10.54 63.10
CA ARG A 501 -14.17 10.48 64.31
C ARG A 501 -13.63 9.41 65.24
N THR A 502 -13.04 8.35 64.68
CA THR A 502 -12.46 7.28 65.47
C THR A 502 -11.60 6.38 64.57
N ILE A 503 -10.94 5.41 65.20
CA ILE A 503 -10.31 4.28 64.54
C ILE A 503 -11.23 3.05 64.71
N PHE A 504 -11.56 2.37 63.62
CA PHE A 504 -12.58 1.35 63.69
C PHE A 504 -12.21 0.19 64.62
N GLY A 505 -13.14 -0.13 65.53
CA GLY A 505 -13.02 -1.25 66.44
C GLY A 505 -12.02 -0.94 67.56
N ASP A 506 -11.53 0.31 67.61
CA ASP A 506 -10.38 0.64 68.44
C ASP A 506 -10.37 2.14 68.76
N PRO A 507 -11.31 2.63 69.60
CA PRO A 507 -11.31 4.04 70.04
C PRO A 507 -10.14 4.51 70.91
N ASP A 508 -9.55 3.62 71.72
CA ASP A 508 -8.33 3.99 72.44
C ASP A 508 -7.30 4.58 71.48
N ARG A 509 -7.16 3.99 70.27
CA ARG A 509 -6.13 4.42 69.33
C ARG A 509 -6.40 5.81 68.78
N TYR A 510 -7.68 6.17 68.64
CA TYR A 510 -8.08 7.53 68.25
C TYR A 510 -7.81 8.52 69.38
N LYS A 511 -7.98 8.07 70.63
CA LYS A 511 -7.83 8.97 71.76
C LYS A 511 -6.37 9.43 71.90
N THR A 512 -5.40 8.60 71.54
CA THR A 512 -4.02 8.97 71.79
C THR A 512 -3.71 10.23 70.98
N TYR A 513 -4.47 10.48 69.91
CA TYR A 513 -4.22 11.66 69.09
C TYR A 513 -4.51 12.94 69.88
N TRP A 514 -5.38 12.84 70.89
CA TRP A 514 -5.76 14.00 71.66
C TRP A 514 -5.12 13.98 73.04
N GLU A 515 -4.67 12.82 73.52
CA GLU A 515 -4.18 12.68 74.87
C GLU A 515 -2.67 12.43 74.92
N THR A 516 -1.92 12.80 73.88
CA THR A 516 -0.48 12.66 73.93
C THR A 516 0.11 13.97 74.42
N ILE A 517 -0.48 15.08 74.00
CA ILE A 517 -0.17 16.38 74.55
C ILE A 517 -1.48 16.96 75.05
N PRO A 518 -1.59 17.38 76.32
CA PRO A 518 -2.89 17.81 76.85
C PRO A 518 -3.67 18.77 75.93
N ASP A 519 -4.92 18.35 75.62
CA ASP A 519 -6.01 19.15 75.08
C ASP A 519 -5.90 19.50 73.60
N VAL A 520 -4.91 18.93 72.91
CA VAL A 520 -4.65 19.27 71.52
C VAL A 520 -4.48 17.99 70.70
N TYR A 521 -4.74 18.17 69.40
CA TYR A 521 -4.53 17.18 68.37
C TYR A 521 -3.06 17.19 67.96
N PHE A 522 -2.46 16.00 68.07
CA PHE A 522 -1.05 15.77 67.81
C PHE A 522 -0.86 15.13 66.44
N ALA A 523 -0.45 15.95 65.46
CA ALA A 523 -0.48 15.56 64.07
C ALA A 523 0.45 14.37 63.82
N GLY A 524 1.60 14.34 64.51
CA GLY A 524 2.59 13.27 64.42
C GLY A 524 3.81 13.66 63.57
N ASP A 525 3.87 14.96 63.23
CA ASP A 525 4.94 15.56 62.44
C ASP A 525 5.62 16.64 63.27
N ALA A 526 6.92 16.83 63.01
CA ALA A 526 7.68 17.93 63.57
C ALA A 526 7.70 19.02 62.53
N ALA A 527 7.93 20.27 62.99
CA ALA A 527 7.72 21.43 62.15
C ALA A 527 8.38 22.68 62.73
N THR A 528 8.39 23.73 61.90
CA THR A 528 8.92 25.04 62.23
C THR A 528 8.07 26.10 61.58
N MET A 529 7.98 27.23 62.27
CA MET A 529 7.14 28.35 61.90
C MET A 529 8.05 29.56 61.91
N ASP A 530 8.16 30.28 60.79
CA ASP A 530 9.14 31.36 60.72
C ASP A 530 8.51 32.70 61.11
N LYS A 531 9.32 33.76 61.07
CA LYS A 531 8.88 35.06 61.54
C LYS A 531 7.55 35.45 60.89
N MET A 532 7.26 34.99 59.67
CA MET A 532 6.10 35.46 58.93
C MET A 532 4.89 34.52 59.11
N GLY A 533 5.04 33.46 59.91
CA GLY A 533 3.93 32.56 60.17
C GLY A 533 3.93 31.32 59.27
N TYR A 534 4.92 31.22 58.38
CA TYR A 534 4.94 30.15 57.38
C TYR A 534 5.50 28.89 58.05
N PHE A 535 4.76 27.79 57.94
CA PHE A 535 5.18 26.51 58.52
C PHE A 535 6.05 25.75 57.51
N ARG A 536 7.04 25.02 58.03
CA ARG A 536 7.77 24.05 57.25
C ARG A 536 7.66 22.68 57.91
N ILE A 537 7.38 21.64 57.13
CA ILE A 537 7.28 20.33 57.75
C ILE A 537 8.63 19.61 57.70
N GLN A 538 8.99 18.94 58.81
CA GLN A 538 10.27 18.28 58.91
C GLN A 538 10.13 16.76 59.11
N GLY A 539 9.02 16.15 58.67
CA GLY A 539 8.89 14.69 58.70
C GLY A 539 8.27 14.09 59.98
N ARG A 540 7.96 12.79 59.88
CA ARG A 540 7.13 12.09 60.86
C ARG A 540 7.98 11.85 62.10
N VAL A 541 7.37 11.99 63.28
CA VAL A 541 8.06 11.89 64.56
C VAL A 541 8.33 10.43 64.89
N ASP A 542 7.34 9.58 64.65
CA ASP A 542 7.42 8.15 64.91
C ASP A 542 8.43 7.51 63.97
N ASP A 543 9.05 8.31 63.09
CA ASP A 543 9.97 7.86 62.04
C ASP A 543 9.35 6.70 61.22
N VAL A 544 8.00 6.71 61.08
CA VAL A 544 7.28 5.74 60.26
C VAL A 544 7.92 5.72 58.89
N ILE A 545 7.92 4.54 58.28
CA ILE A 545 8.42 4.39 56.93
C ILE A 545 7.42 4.97 55.95
N LYS A 546 7.81 6.08 55.30
CA LYS A 546 7.14 6.61 54.11
C LYS A 546 7.90 6.30 52.81
N VAL A 547 7.23 5.61 51.88
CA VAL A 547 7.80 5.28 50.58
C VAL A 547 6.91 5.91 49.52
N SER A 548 7.51 6.71 48.65
CA SER A 548 6.77 7.37 47.58
C SER A 548 5.54 8.11 48.11
N GLY A 549 5.68 8.74 49.29
CA GLY A 549 4.59 9.51 49.90
C GLY A 549 3.62 8.72 50.79
N HIS A 550 3.83 7.42 50.98
CA HIS A 550 2.84 6.56 51.60
C HIS A 550 3.41 5.92 52.89
N ARG A 551 2.64 6.02 53.98
CA ARG A 551 3.01 5.39 55.23
C ARG A 551 2.82 3.88 55.12
N LEU A 552 3.87 3.12 55.44
CA LEU A 552 3.83 1.67 55.55
C LEU A 552 4.18 1.29 56.98
N GLY A 553 3.45 0.31 57.51
CA GLY A 553 3.73 -0.15 58.85
C GLY A 553 4.97 -1.03 58.87
N SER A 554 5.93 -0.70 59.74
CA SER A 554 6.97 -1.63 60.13
C SER A 554 6.40 -3.01 60.51
N MET A 555 5.23 -3.05 61.15
CA MET A 555 4.70 -4.30 61.67
C MET A 555 4.15 -5.17 60.54
N GLU A 556 3.65 -4.57 59.47
CA GLU A 556 3.09 -5.39 58.40
C GLU A 556 4.24 -6.11 57.69
N ILE A 557 5.33 -5.36 57.47
CA ILE A 557 6.51 -5.92 56.84
C ILE A 557 7.09 -7.02 57.71
N GLU A 558 7.38 -6.67 58.97
CA GLU A 558 8.06 -7.58 59.89
C GLU A 558 7.30 -8.89 60.08
N SER A 559 5.97 -8.84 60.07
CA SER A 559 5.14 -10.04 60.20
C SER A 559 5.32 -10.96 59.02
N SER A 560 5.23 -10.43 57.78
CA SER A 560 5.26 -11.33 56.64
C SER A 560 6.64 -12.01 56.61
N LEU A 561 7.66 -11.30 57.08
CA LEU A 561 8.99 -11.89 57.23
C LEU A 561 9.02 -13.00 58.28
N VAL A 562 8.43 -12.81 59.46
CA VAL A 562 8.47 -13.83 60.49
C VAL A 562 7.66 -15.09 60.11
N SER A 563 6.63 -14.91 59.24
CA SER A 563 5.78 -16.00 58.78
C SER A 563 6.56 -16.95 57.87
N HIS A 564 7.64 -16.50 57.25
CA HIS A 564 8.52 -17.39 56.52
C HIS A 564 9.15 -18.40 57.47
N PRO A 565 9.34 -19.67 57.03
CA PRO A 565 10.02 -20.69 57.86
C PRO A 565 11.46 -20.42 58.29
N ALA A 566 12.19 -19.61 57.52
CA ALA A 566 13.60 -19.36 57.78
C ALA A 566 13.82 -18.33 58.90
N VAL A 567 12.80 -17.49 59.14
CA VAL A 567 12.96 -16.24 59.88
C VAL A 567 12.40 -16.39 61.29
N ALA A 568 13.25 -16.06 62.28
CA ALA A 568 12.89 -15.98 63.70
C ALA A 568 12.32 -14.60 64.03
N GLU A 569 13.05 -13.53 63.69
CA GLU A 569 12.60 -12.17 63.96
C GLU A 569 13.07 -11.21 62.88
N ALA A 570 12.48 -10.02 62.90
CA ALA A 570 12.76 -9.03 61.88
C ALA A 570 12.52 -7.63 62.42
N ALA A 571 13.20 -6.65 61.86
CA ALA A 571 12.93 -5.24 62.14
C ALA A 571 13.13 -4.45 60.85
N ALA A 572 12.08 -3.73 60.43
CA ALA A 572 12.12 -2.82 59.29
C ALA A 572 12.41 -1.40 59.76
N ILE A 573 13.32 -0.70 59.06
CA ILE A 573 13.51 0.74 59.15
C ILE A 573 13.42 1.32 57.76
N GLY A 574 13.29 2.66 57.70
CA GLY A 574 13.33 3.38 56.44
C GLY A 574 14.67 4.12 56.33
N LYS A 575 15.30 4.02 55.15
CA LYS A 575 16.56 4.68 54.91
C LYS A 575 16.36 5.66 53.76
N PRO A 576 17.10 6.80 53.75
CA PRO A 576 17.02 7.76 52.63
C PRO A 576 17.09 7.18 51.20
N ASP A 577 16.28 7.77 50.31
CA ASP A 577 16.18 7.41 48.89
C ASP A 577 15.90 8.70 48.11
N GLU A 578 16.91 9.15 47.33
CA GLU A 578 16.87 10.22 46.34
C GLU A 578 15.48 10.41 45.71
N VAL A 579 14.83 9.33 45.22
CA VAL A 579 13.56 9.45 44.49
C VAL A 579 12.38 9.31 45.45
N LYS A 580 12.30 8.18 46.16
CA LYS A 580 11.04 7.69 46.74
C LYS A 580 10.82 8.25 48.15
N GLY A 581 11.78 8.99 48.70
CA GLY A 581 11.70 9.51 50.05
C GLY A 581 12.58 8.64 50.92
N GLU A 582 12.09 7.43 51.17
CA GLU A 582 12.87 6.41 51.83
C GLU A 582 12.60 5.08 51.11
N HIS A 583 13.47 4.09 51.32
CA HIS A 583 13.21 2.71 50.98
C HIS A 583 13.30 1.89 52.26
N VAL A 584 12.82 0.65 52.19
CA VAL A 584 12.86 -0.21 53.34
C VAL A 584 14.16 -0.97 53.38
N LYS A 585 14.81 -0.98 54.55
CA LYS A 585 15.83 -1.97 54.83
C LYS A 585 15.30 -2.82 55.97
N VAL A 586 15.53 -4.12 55.92
CA VAL A 586 15.09 -4.98 57.01
CA VAL A 586 15.08 -5.03 56.96
C VAL A 586 16.30 -5.74 57.55
N PHE A 587 16.26 -5.96 58.86
CA PHE A 587 17.27 -6.72 59.58
C PHE A 587 16.61 -8.01 60.03
N VAL A 588 17.17 -9.14 59.65
CA VAL A 588 16.53 -10.42 59.91
C VAL A 588 17.41 -11.25 60.82
N ILE A 589 16.85 -11.77 61.90
CA ILE A 589 17.47 -12.87 62.64
C ILE A 589 16.93 -14.18 62.08
N LEU A 590 17.81 -15.01 61.55
CA LEU A 590 17.34 -16.25 60.96
C LEU A 590 17.21 -17.28 62.08
N ARG A 591 16.58 -18.40 61.75
CA ARG A 591 16.58 -19.54 62.65
C ARG A 591 18.01 -20.00 62.82
N ASN A 592 18.36 -20.65 63.92
CA ASN A 592 19.71 -21.20 63.98
C ASN A 592 19.81 -22.30 62.94
N GLY A 593 20.94 -22.33 62.23
CA GLY A 593 21.26 -23.40 61.30
C GLY A 593 21.07 -23.01 59.85
N VAL A 594 20.27 -21.97 59.61
CA VAL A 594 19.95 -21.59 58.24
C VAL A 594 21.11 -20.80 57.66
N GLU A 595 21.51 -21.19 56.45
CA GLU A 595 22.61 -20.56 55.75
C GLU A 595 22.13 -19.24 55.15
N PRO A 596 22.82 -18.14 55.51
CA PRO A 596 22.45 -16.79 55.04
C PRO A 596 22.92 -16.38 53.64
N THR A 597 22.13 -16.75 52.61
CA THR A 597 22.56 -16.64 51.22
C THR A 597 21.88 -15.48 50.51
N GLU A 598 22.53 -15.03 49.43
CA GLU A 598 21.88 -14.16 48.46
C GLU A 598 20.61 -14.84 47.92
N SER A 599 20.61 -16.17 47.76
CA SER A 599 19.43 -16.85 47.22
C SER A 599 18.23 -16.60 48.14
N LEU A 600 18.50 -16.62 49.46
CA LEU A 600 17.49 -16.49 50.51
C LEU A 600 17.02 -15.05 50.65
N ALA A 601 17.97 -14.12 50.59
CA ALA A 601 17.65 -12.70 50.53
C ALA A 601 16.61 -12.43 49.44
N VAL A 602 16.82 -13.02 48.25
CA VAL A 602 15.97 -12.84 47.08
C VAL A 602 14.59 -13.45 47.35
N GLU A 603 14.63 -14.59 48.06
CA GLU A 603 13.45 -15.34 48.40
C GLU A 603 12.59 -14.56 49.41
N LEU A 604 13.23 -13.91 50.38
CA LEU A 604 12.44 -13.20 51.39
C LEU A 604 11.93 -11.89 50.81
N LYS A 605 12.66 -11.27 49.88
CA LYS A 605 12.11 -10.14 49.15
C LYS A 605 10.87 -10.60 48.41
N ARG A 606 10.94 -11.79 47.81
CA ARG A 606 9.82 -12.25 47.00
C ARG A 606 8.62 -12.41 47.92
N HIS A 607 8.89 -12.95 49.11
CA HIS A 607 7.84 -13.26 50.06
C HIS A 607 7.06 -11.99 50.39
N VAL A 608 7.77 -10.91 50.69
CA VAL A 608 7.12 -9.68 51.08
C VAL A 608 6.34 -9.13 49.89
N ARG A 609 6.95 -9.00 48.70
CA ARG A 609 6.23 -8.64 47.47
C ARG A 609 4.89 -9.41 47.36
N THR A 610 4.88 -10.75 47.49
CA THR A 610 3.66 -11.49 47.18
C THR A 610 2.60 -11.41 48.28
N LEU A 611 2.94 -10.93 49.49
CA LEU A 611 2.04 -10.83 50.63
C LEU A 611 1.62 -9.38 50.98
N VAL A 612 2.58 -8.46 51.11
CA VAL A 612 2.28 -7.07 51.45
C VAL A 612 2.15 -6.24 50.18
N GLY A 613 3.21 -6.21 49.35
CA GLY A 613 3.11 -5.77 47.97
C GLY A 613 4.40 -5.13 47.48
N PRO A 614 4.49 -4.76 46.19
CA PRO A 614 5.71 -4.11 45.68
C PRO A 614 6.25 -2.93 46.50
N LEU A 615 5.37 -2.04 46.97
CA LEU A 615 5.78 -0.80 47.62
C LEU A 615 6.47 -1.09 48.95
N ALA A 616 6.19 -2.24 49.56
CA ALA A 616 6.76 -2.59 50.85
C ALA A 616 7.98 -3.49 50.70
N THR A 617 8.31 -3.89 49.48
CA THR A 617 9.36 -4.89 49.30
C THR A 617 10.70 -4.26 49.68
N PRO A 618 11.48 -4.91 50.57
CA PRO A 618 12.77 -4.33 50.98
C PRO A 618 13.79 -4.17 49.84
N ASP A 619 14.39 -2.98 49.72
CA ASP A 619 15.53 -2.80 48.83
C ASP A 619 16.84 -3.23 49.48
N GLU A 620 16.90 -3.27 50.81
CA GLU A 620 18.07 -3.78 51.49
C GLU A 620 17.62 -4.78 52.54
N LEU A 621 18.51 -5.72 52.86
CA LEU A 621 18.18 -6.77 53.83
C LEU A 621 19.50 -7.25 54.42
N GLU A 622 19.54 -7.45 55.75
CA GLU A 622 20.77 -7.83 56.42
C GLU A 622 20.45 -8.90 57.47
N PHE A 623 21.11 -10.05 57.37
CA PHE A 623 20.99 -11.11 58.36
C PHE A 623 21.81 -10.70 59.58
N VAL A 624 21.22 -10.72 60.77
CA VAL A 624 21.91 -10.36 61.98
C VAL A 624 21.59 -11.41 63.03
N THR A 625 22.43 -11.48 64.06
CA THR A 625 22.30 -12.55 65.04
C THR A 625 21.47 -12.08 66.24
N SER A 626 21.25 -10.77 66.35
CA SER A 626 20.56 -10.24 67.51
C SER A 626 20.01 -8.86 67.19
N LEU A 627 19.01 -8.44 67.95
CA LEU A 627 18.35 -7.17 67.74
C LEU A 627 18.18 -6.47 69.08
N PRO A 628 18.21 -5.13 69.14
CA PRO A 628 18.03 -4.44 70.43
C PRO A 628 16.59 -4.47 70.92
N LYS A 629 16.42 -4.80 72.22
CA LYS A 629 15.09 -4.91 72.80
C LYS A 629 15.01 -4.11 74.09
N THR A 630 13.79 -3.69 74.45
CA THR A 630 13.45 -3.28 75.81
C THR A 630 13.59 -4.50 76.71
N ARG A 631 13.54 -4.32 78.04
CA ARG A 631 13.54 -5.47 78.94
C ARG A 631 12.14 -6.10 78.90
N SER A 632 11.13 -5.31 78.51
CA SER A 632 9.79 -5.83 78.22
C SER A 632 9.75 -6.67 76.94
N GLY A 633 10.82 -6.68 76.11
CA GLY A 633 11.01 -7.68 75.06
C GLY A 633 10.81 -7.16 73.62
N LYS A 634 10.27 -5.93 73.44
CA LYS A 634 9.99 -5.40 72.11
C LYS A 634 11.26 -4.90 71.43
N ILE A 635 11.21 -4.84 70.09
CA ILE A 635 12.31 -4.34 69.27
C ILE A 635 12.40 -2.81 69.43
N MET A 636 13.57 -2.28 69.80
CA MET A 636 13.77 -0.84 69.83
C MET A 636 14.21 -0.34 68.44
N ARG A 637 13.25 0.01 67.59
CA ARG A 637 13.57 0.32 66.21
C ARG A 637 14.38 1.61 66.06
N ARG A 638 14.30 2.51 67.05
CA ARG A 638 15.05 3.76 66.99
C ARG A 638 16.55 3.48 67.10
N VAL A 639 16.91 2.53 67.98
CA VAL A 639 18.29 2.13 68.22
C VAL A 639 18.87 1.52 66.93
N VAL A 640 18.07 0.66 66.28
CA VAL A 640 18.46 -0.02 65.06
C VAL A 640 18.86 1.01 64.01
N ARG A 641 17.98 2.02 63.84
CA ARG A 641 18.21 3.06 62.84
C ARG A 641 19.43 3.90 63.22
N ALA A 642 19.60 4.14 64.52
CA ALA A 642 20.66 4.98 65.04
C ALA A 642 22.01 4.27 64.92
N ARG A 643 22.00 2.93 64.97
CA ARG A 643 23.20 2.15 64.73
C ARG A 643 23.63 2.36 63.28
N GLU A 644 22.65 2.33 62.35
CA GLU A 644 22.95 2.49 60.93
C GLU A 644 23.28 3.92 60.59
N LEU A 645 22.46 4.90 61.02
CA LEU A 645 22.45 6.25 60.46
C LEU A 645 22.76 7.31 61.50
N GLY A 646 22.88 6.92 62.78
CA GLY A 646 23.03 7.87 63.88
C GLY A 646 21.72 8.61 64.19
N GLU A 647 21.58 9.06 65.45
CA GLU A 647 20.44 9.86 65.87
C GLU A 647 20.91 11.28 66.05
N PRO A 648 20.20 12.29 65.47
CA PRO A 648 20.42 13.71 65.80
C PRO A 648 20.13 13.99 67.28
N VAL A 649 20.74 15.06 67.82
CA VAL A 649 20.68 15.33 69.25
C VAL A 649 19.22 15.64 69.68
N LEU B 24 -5.97 -2.59 -11.61
CA LEU B 24 -6.76 -3.42 -10.66
C LEU B 24 -7.44 -2.47 -9.66
N ILE B 25 -6.60 -1.75 -8.89
CA ILE B 25 -7.00 -0.96 -7.72
C ILE B 25 -8.10 0.07 -8.04
N GLU B 26 -7.95 0.84 -9.14
CA GLU B 26 -8.94 1.82 -9.57
C GLU B 26 -10.31 1.23 -9.87
N GLU B 27 -10.38 -0.04 -10.30
CA GLU B 27 -11.67 -0.62 -10.66
C GLU B 27 -12.21 -1.46 -9.49
N ARG B 28 -12.09 -0.93 -8.25
CA ARG B 28 -12.60 -1.56 -7.03
C ARG B 28 -13.48 -0.58 -6.26
N LEU B 29 -14.43 -1.12 -5.51
CA LEU B 29 -15.50 -0.34 -4.92
C LEU B 29 -15.45 -0.45 -3.40
N PHE B 30 -15.40 0.69 -2.71
CA PHE B 30 -15.25 0.72 -1.26
C PHE B 30 -16.55 1.23 -0.65
N PRO B 31 -17.31 0.41 0.10
CA PRO B 31 -18.62 0.85 0.59
C PRO B 31 -18.45 1.79 1.78
N PRO B 32 -19.39 2.72 2.04
CA PRO B 32 -19.27 3.56 3.23
C PRO B 32 -19.47 2.85 4.58
N PRO B 33 -19.24 3.49 5.75
N PRO B 33 -18.71 3.33 5.61
CA PRO B 33 -20.01 3.15 6.95
CA PRO B 33 -18.62 2.72 6.94
C PRO B 33 -21.55 3.22 6.77
C PRO B 33 -19.89 2.80 7.80
N GLU B 34 -22.16 2.13 6.24
N GLU B 34 -19.77 2.61 9.12
CA GLU B 34 -23.60 2.05 6.03
CA GLU B 34 -20.92 2.53 10.00
C GLU B 34 -24.36 2.61 7.23
C GLU B 34 -21.42 3.94 10.38
N ASP B 35 -23.89 3.71 7.80
N ASP B 35 -22.75 4.11 10.30
CA ASP B 35 -24.46 4.18 9.05
CA ASP B 35 -23.48 5.20 10.93
C ASP B 35 -24.09 5.64 9.28
C ASP B 35 -23.62 6.40 10.02
N ILE B 36 -22.90 6.04 8.84
N ILE B 36 -22.66 6.60 9.11
CA ILE B 36 -22.68 7.42 8.43
CA ILE B 36 -22.63 7.78 8.28
C ILE B 36 -23.78 7.75 7.42
C ILE B 36 -23.84 7.82 7.35
N VAL B 37 -24.18 6.68 6.70
CA VAL B 37 -25.28 6.66 5.74
C VAL B 37 -26.63 6.95 6.40
N LYS B 38 -27.05 6.20 7.43
CA LYS B 38 -28.33 6.49 8.08
C LYS B 38 -28.39 7.94 8.61
N ASN B 39 -27.28 8.49 9.13
CA ASN B 39 -27.31 9.81 9.73
C ASN B 39 -26.92 10.92 8.74
N ALA B 40 -26.67 10.62 7.48
CA ALA B 40 -26.22 11.65 6.57
C ALA B 40 -27.31 12.69 6.34
N ASN B 41 -26.89 13.95 6.16
CA ASN B 41 -27.81 15.05 5.90
C ASN B 41 -28.51 14.85 4.55
N ILE B 42 -27.77 14.37 3.54
CA ILE B 42 -28.30 14.04 2.21
C ILE B 42 -29.41 12.99 2.35
N THR B 43 -29.15 11.97 3.20
CA THR B 43 -30.05 10.85 3.39
C THR B 43 -31.40 11.33 3.93
N ALA B 44 -31.34 12.27 4.87
CA ALA B 44 -32.50 12.90 5.45
C ALA B 44 -33.21 13.80 4.43
N TYR B 45 -32.45 14.48 3.58
CA TYR B 45 -33.10 15.30 2.59
C TYR B 45 -33.79 14.40 1.56
N MET B 46 -33.15 13.29 1.17
CA MET B 46 -33.79 12.37 0.24
C MET B 46 -35.07 11.75 0.82
N LYS B 47 -34.99 11.21 2.04
CA LYS B 47 -36.13 10.62 2.74
C LYS B 47 -37.29 11.62 2.76
N SER B 48 -36.96 12.91 2.87
CA SER B 48 -37.99 13.94 2.95
C SER B 48 -38.68 14.15 1.60
N LYS B 49 -38.16 13.61 0.50
CA LYS B 49 -38.87 13.64 -0.78
C LYS B 49 -39.24 12.22 -1.21
N GLY B 50 -38.93 11.23 -0.34
CA GLY B 50 -39.36 9.84 -0.52
C GLY B 50 -38.38 9.02 -1.35
N PHE B 51 -37.08 9.08 -1.02
CA PHE B 51 -36.07 8.33 -1.75
C PHE B 51 -35.08 7.66 -0.79
N ASP B 52 -34.83 6.36 -1.02
CA ASP B 52 -33.79 5.61 -0.33
C ASP B 52 -32.50 5.57 -1.14
N ASP B 53 -32.58 5.81 -2.46
CA ASP B 53 -31.53 5.48 -3.42
C ASP B 53 -31.01 6.77 -4.05
N TYR B 54 -29.68 6.95 -4.14
CA TYR B 54 -29.17 8.15 -4.78
C TYR B 54 -29.63 8.22 -6.25
N GLU B 55 -29.50 7.14 -7.00
CA GLU B 55 -29.74 7.20 -8.44
C GLU B 55 -31.19 7.58 -8.75
N ALA B 56 -32.16 7.01 -8.02
CA ALA B 56 -33.55 7.39 -8.18
C ALA B 56 -33.76 8.89 -7.94
N PHE B 57 -33.06 9.42 -6.92
CA PHE B 57 -33.17 10.82 -6.51
C PHE B 57 -32.38 11.72 -7.45
N TYR B 58 -31.24 11.23 -7.92
CA TYR B 58 -30.47 11.99 -8.88
C TYR B 58 -31.35 12.28 -10.10
N ARG B 59 -32.14 11.29 -10.54
CA ARG B 59 -32.89 11.44 -11.79
C ARG B 59 -34.04 12.39 -11.50
N TRP B 60 -34.59 12.27 -10.29
CA TRP B 60 -35.64 13.16 -9.79
C TRP B 60 -35.14 14.60 -9.83
N SER B 61 -33.88 14.80 -9.42
CA SER B 61 -33.31 16.13 -9.22
C SER B 61 -33.07 16.83 -10.54
N LEU B 62 -32.84 16.08 -11.62
CA LEU B 62 -32.73 16.64 -12.97
C LEU B 62 -34.10 17.14 -13.47
N ALA B 63 -35.12 16.27 -13.32
CA ALA B 63 -36.49 16.58 -13.64
C ALA B 63 -37.06 17.74 -12.81
N ASN B 64 -36.58 17.95 -11.58
CA ASN B 64 -37.23 18.86 -10.65
C ASN B 64 -36.23 19.86 -10.06
N ARG B 65 -35.40 20.48 -10.89
CA ARG B 65 -34.21 21.14 -10.39
C ARG B 65 -34.59 22.40 -9.60
N PHE B 66 -35.59 23.14 -10.07
CA PHE B 66 -35.98 24.37 -9.40
C PHE B 66 -36.46 24.08 -7.97
N GLU B 67 -37.15 22.96 -7.80
CA GLU B 67 -37.70 22.59 -6.50
C GLU B 67 -36.57 22.35 -5.52
N PHE B 68 -35.55 21.59 -6.00
CA PHE B 68 -34.39 21.27 -5.20
C PHE B 68 -33.80 22.58 -4.72
N TRP B 69 -33.62 23.53 -5.63
CA TRP B 69 -32.82 24.69 -5.28
C TRP B 69 -33.62 25.62 -4.39
N ASN B 70 -34.95 25.55 -4.54
CA ASN B 70 -35.85 26.31 -3.70
C ASN B 70 -35.74 25.86 -2.25
N ASP B 71 -35.77 24.52 -2.07
CA ASP B 71 -35.69 23.93 -0.75
C ASP B 71 -34.42 24.38 -0.06
N MET B 72 -33.32 24.44 -0.83
CA MET B 72 -32.04 24.81 -0.27
C MET B 72 -32.06 26.29 0.04
N ALA B 73 -32.53 27.10 -0.91
CA ALA B 73 -32.52 28.53 -0.71
C ALA B 73 -33.35 28.89 0.53
N LYS B 74 -34.39 28.10 0.81
CA LYS B 74 -35.30 28.44 1.90
C LYS B 74 -34.67 28.16 3.27
N GLU B 75 -33.59 27.37 3.33
CA GLU B 75 -32.89 27.14 4.59
C GLU B 75 -32.04 28.36 4.97
N LEU B 76 -31.93 29.37 4.09
CA LEU B 76 -31.15 30.56 4.36
C LEU B 76 -32.10 31.72 4.68
N HIS B 77 -31.53 32.81 5.20
CA HIS B 77 -32.27 34.03 5.45
C HIS B 77 -32.20 34.94 4.23
N TRP B 78 -33.39 35.26 3.70
CA TRP B 78 -33.60 36.28 2.68
C TRP B 78 -34.20 37.56 3.27
N PHE B 79 -33.88 38.72 2.65
CA PHE B 79 -34.44 40.01 3.05
C PHE B 79 -35.81 40.15 2.39
N GLU B 80 -35.87 40.35 1.08
CA GLU B 80 -37.08 40.10 0.31
C GLU B 80 -36.96 38.73 -0.38
N PRO B 81 -38.06 38.05 -0.78
CA PRO B 81 -37.95 36.78 -1.51
C PRO B 81 -38.00 36.95 -3.04
N TRP B 82 -37.85 35.83 -3.75
CA TRP B 82 -37.57 35.83 -5.18
C TRP B 82 -38.81 35.47 -6.02
N LYS B 83 -38.91 36.05 -7.23
CA LYS B 83 -40.01 35.77 -8.15
C LYS B 83 -39.79 34.40 -8.76
N SER B 84 -38.62 34.20 -9.32
CA SER B 84 -38.38 33.06 -10.17
C SER B 84 -37.03 32.41 -9.79
N THR B 85 -37.01 31.07 -9.69
CA THR B 85 -35.82 30.33 -9.27
C THR B 85 -34.67 30.57 -10.24
N PHE B 86 -34.92 30.45 -11.54
CA PHE B 86 -33.90 30.65 -12.57
C PHE B 86 -34.55 31.18 -13.84
N GLU B 87 -33.86 32.10 -14.53
CA GLU B 87 -34.27 32.45 -15.87
C GLU B 87 -33.04 32.85 -16.68
N TRP B 88 -33.14 32.73 -18.00
CA TRP B 88 -32.12 33.27 -18.87
C TRP B 88 -32.29 34.79 -18.91
N THR B 89 -31.25 35.52 -19.29
CA THR B 89 -31.37 36.93 -19.64
C THR B 89 -31.16 37.00 -21.15
N ASP B 90 -30.17 37.79 -21.66
CA ASP B 90 -29.63 37.54 -22.98
C ASP B 90 -28.79 36.26 -22.86
N LYS B 91 -29.43 35.10 -23.09
CA LYS B 91 -28.74 33.83 -23.08
C LYS B 91 -27.46 33.92 -23.92
N PRO B 92 -26.33 33.28 -23.54
CA PRO B 92 -26.21 32.40 -22.36
C PRO B 92 -25.98 32.91 -20.94
N PHE B 93 -26.15 34.22 -20.72
CA PHE B 93 -26.23 34.78 -19.39
C PHE B 93 -27.56 34.38 -18.75
N PHE B 94 -27.63 34.45 -17.42
CA PHE B 94 -28.79 33.95 -16.70
C PHE B 94 -28.73 34.52 -15.29
N LYS B 95 -29.82 34.33 -14.53
CA LYS B 95 -30.01 34.80 -13.18
C LYS B 95 -30.64 33.65 -12.39
N TRP B 96 -30.34 33.59 -11.08
CA TRP B 96 -31.06 32.76 -10.13
C TRP B 96 -31.64 33.64 -9.02
N PHE B 97 -32.77 33.16 -8.47
CA PHE B 97 -33.54 33.81 -7.42
C PHE B 97 -33.80 35.27 -7.77
N THR B 98 -34.58 35.48 -8.85
CA THR B 98 -34.72 36.81 -9.43
C THR B 98 -35.43 37.70 -8.41
N ASP B 99 -34.87 38.91 -8.25
CA ASP B 99 -35.50 39.98 -7.52
C ASP B 99 -35.39 39.75 -6.02
N GLY B 100 -34.90 38.59 -5.57
CA GLY B 100 -34.66 38.38 -4.15
C GLY B 100 -33.62 39.39 -3.65
N LYS B 101 -33.75 39.79 -2.38
CA LYS B 101 -32.76 40.62 -1.70
C LYS B 101 -32.17 39.79 -0.56
N PHE B 102 -30.87 39.96 -0.31
CA PHE B 102 -30.07 38.94 0.37
C PHE B 102 -28.72 39.53 0.72
N ASN B 103 -28.04 38.91 1.69
CA ASN B 103 -26.62 39.21 1.86
C ASN B 103 -25.94 37.96 2.42
N ILE B 104 -24.85 37.52 1.78
CA ILE B 104 -24.21 36.30 2.24
C ILE B 104 -23.59 36.51 3.62
N ALA B 105 -23.09 37.71 3.90
CA ALA B 105 -22.53 37.96 5.21
C ALA B 105 -23.55 37.70 6.33
N TYR B 106 -24.84 37.92 6.04
CA TYR B 106 -25.86 37.83 7.08
C TYR B 106 -26.10 36.35 7.45
N ASN B 107 -25.91 35.45 6.48
CA ASN B 107 -26.12 34.03 6.72
C ASN B 107 -24.84 33.43 7.32
N CYS B 108 -23.73 34.17 7.25
CA CYS B 108 -22.49 33.72 7.88
C CYS B 108 -22.32 34.22 9.31
N LEU B 109 -22.97 35.35 9.66
CA LEU B 109 -22.82 36.01 10.95
C LEU B 109 -24.19 36.35 11.59
N ASP B 110 -24.89 37.35 11.06
CA ASP B 110 -25.96 38.00 11.79
C ASP B 110 -27.02 37.01 12.28
N ARG B 111 -27.44 36.08 11.41
CA ARG B 111 -28.57 35.23 11.75
C ARG B 111 -28.25 34.34 12.94
N TYR B 112 -26.98 34.29 13.34
CA TYR B 112 -26.57 33.49 14.47
C TYR B 112 -26.59 34.33 15.76
N MET B 113 -26.61 35.68 15.64
CA MET B 113 -26.59 36.56 16.81
C MET B 113 -27.92 36.50 17.55
N GLY B 114 -27.85 36.34 18.88
CA GLY B 114 -29.03 36.11 19.70
C GLY B 114 -29.44 34.64 19.70
N THR B 115 -28.55 33.75 19.24
CA THR B 115 -28.77 32.29 19.26
C THR B 115 -27.60 31.61 19.95
N PRO B 116 -27.78 30.36 20.43
CA PRO B 116 -26.67 29.60 21.03
C PRO B 116 -25.39 29.59 20.17
N ILE B 117 -25.56 29.66 18.83
CA ILE B 117 -24.46 29.56 17.89
C ILE B 117 -23.52 30.76 17.99
N GLU B 118 -23.93 31.88 18.63
CA GLU B 118 -23.08 33.06 18.74
C GLU B 118 -21.85 32.72 19.58
N ASP B 119 -21.98 31.75 20.49
CA ASP B 119 -20.91 31.43 21.44
C ASP B 119 -20.04 30.27 20.93
N LYS B 120 -20.33 29.79 19.73
CA LYS B 120 -19.60 28.69 19.13
C LYS B 120 -18.36 29.24 18.44
N VAL B 121 -17.32 28.43 18.39
CA VAL B 121 -16.14 28.84 17.65
C VAL B 121 -16.46 28.84 16.16
N ALA B 122 -16.18 29.96 15.50
CA ALA B 122 -16.29 30.05 14.07
C ALA B 122 -14.92 29.76 13.47
N PHE B 123 -13.86 30.41 13.98
CA PHE B 123 -12.51 30.19 13.48
C PHE B 123 -11.58 29.82 14.62
N TYR B 124 -10.97 28.65 14.48
CA TYR B 124 -9.78 28.28 15.22
C TYR B 124 -8.58 28.66 14.38
N TRP B 125 -8.05 29.89 14.58
CA TRP B 125 -6.86 30.30 13.85
C TRP B 125 -5.61 29.68 14.44
N GLU B 126 -4.72 29.21 13.56
CA GLU B 126 -3.47 28.55 13.94
C GLU B 126 -2.32 29.22 13.18
N GLY B 127 -1.41 29.80 13.95
CA GLY B 127 -0.32 30.54 13.36
C GLY B 127 0.75 29.60 12.81
N ASP B 128 1.56 30.12 11.89
CA ASP B 128 2.73 29.42 11.41
C ASP B 128 3.60 29.00 12.60
N ASP B 129 3.68 29.87 13.60
CA ASP B 129 4.65 29.70 14.67
C ASP B 129 4.11 28.79 15.77
N GLY B 130 2.89 28.27 15.67
CA GLY B 130 2.32 27.51 16.78
C GLY B 130 1.38 28.35 17.65
N SER B 131 1.50 29.69 17.58
CA SER B 131 0.55 30.54 18.26
C SER B 131 -0.84 30.26 17.69
N SER B 132 -1.86 30.53 18.50
CA SER B 132 -3.23 30.24 18.11
C SER B 132 -4.21 31.18 18.82
N ARG B 133 -5.43 31.28 18.28
CA ARG B 133 -6.50 32.01 18.92
C ARG B 133 -7.82 31.64 18.27
N ALA B 134 -8.84 31.39 19.10
CA ALA B 134 -10.18 31.02 18.66
C ALA B 134 -11.09 32.25 18.63
N TYR B 135 -12.08 32.23 17.73
CA TYR B 135 -12.96 33.36 17.49
C TYR B 135 -14.39 32.84 17.38
N THR B 136 -15.30 33.33 18.23
CA THR B 136 -16.69 32.91 18.12
C THR B 136 -17.35 33.60 16.93
N TYR B 137 -18.50 33.07 16.54
CA TYR B 137 -19.38 33.79 15.63
C TYR B 137 -19.56 35.21 16.17
N LYS B 138 -19.77 35.40 17.49
CA LYS B 138 -19.99 36.75 18.01
C LYS B 138 -18.75 37.61 17.77
N GLU B 139 -17.56 37.12 18.14
CA GLU B 139 -16.36 37.93 18.06
C GLU B 139 -16.05 38.26 16.61
N MET B 140 -16.43 37.36 15.69
CA MET B 140 -16.23 37.56 14.25
C MET B 140 -17.25 38.56 13.65
N TYR B 141 -18.52 38.49 14.08
CA TYR B 141 -19.53 39.48 13.77
C TYR B 141 -19.08 40.87 14.21
N VAL B 142 -18.45 40.94 15.38
CA VAL B 142 -18.06 42.22 15.95
C VAL B 142 -16.87 42.77 15.19
N LEU B 143 -15.90 41.89 14.95
CA LEU B 143 -14.71 42.28 14.23
C LEU B 143 -15.04 42.67 12.79
N THR B 144 -15.91 41.90 12.13
CA THR B 144 -16.30 42.17 10.76
C THR B 144 -17.03 43.52 10.68
N ASN B 145 -17.83 43.86 11.70
CA ASN B 145 -18.62 45.08 11.69
C ASN B 145 -17.68 46.28 11.76
N ARG B 146 -16.61 46.13 12.53
CA ARG B 146 -15.72 47.23 12.83
C ARG B 146 -14.77 47.48 11.66
N VAL B 147 -14.48 46.43 10.90
CA VAL B 147 -13.66 46.56 9.70
C VAL B 147 -14.51 47.12 8.57
N ALA B 148 -15.79 46.73 8.56
CA ALA B 148 -16.78 47.28 7.65
C ALA B 148 -16.84 48.79 7.80
N LYS B 149 -16.78 49.24 9.07
CA LYS B 149 -16.95 50.63 9.40
C LYS B 149 -15.74 51.43 8.91
N VAL B 150 -14.55 50.85 8.95
CA VAL B 150 -13.37 51.56 8.50
C VAL B 150 -13.46 51.78 7.00
N LEU B 151 -13.73 50.69 6.27
CA LEU B 151 -13.91 50.73 4.83
C LEU B 151 -15.00 51.75 4.49
N GLN B 152 -16.09 51.79 5.26
CA GLN B 152 -17.14 52.79 5.01
C GLN B 152 -16.59 54.21 5.14
N ASN B 153 -15.79 54.43 6.19
CA ASN B 153 -15.34 55.77 6.53
C ASN B 153 -14.35 56.26 5.48
N GLN B 154 -13.92 55.38 4.57
CA GLN B 154 -13.00 55.82 3.53
C GLN B 154 -13.73 56.08 2.22
N GLY B 155 -15.06 55.90 2.18
CA GLY B 155 -15.86 56.06 0.97
C GLY B 155 -16.08 54.76 0.16
N VAL B 156 -15.92 53.60 0.81
CA VAL B 156 -16.26 52.34 0.17
C VAL B 156 -17.78 52.22 0.22
N LYS B 157 -18.39 51.90 -0.93
CA LYS B 157 -19.84 51.71 -1.03
C LYS B 157 -20.11 50.69 -2.14
N LYS B 158 -21.38 50.26 -2.24
CA LYS B 158 -21.80 49.13 -3.06
C LYS B 158 -21.19 49.26 -4.46
N GLY B 159 -20.68 48.14 -5.00
CA GLY B 159 -20.07 48.15 -6.32
C GLY B 159 -18.58 48.49 -6.34
N ASP B 160 -18.07 49.17 -5.30
CA ASP B 160 -16.65 49.48 -5.20
C ASP B 160 -15.82 48.19 -5.05
N ARG B 161 -14.66 48.13 -5.71
CA ARG B 161 -13.80 46.95 -5.62
C ARG B 161 -12.71 47.12 -4.56
N VAL B 162 -12.68 46.17 -3.62
CA VAL B 162 -11.65 46.12 -2.58
C VAL B 162 -10.71 44.98 -2.88
N ALA B 163 -9.42 45.28 -2.99
CA ALA B 163 -8.44 44.24 -3.22
C ALA B 163 -7.90 43.78 -1.87
N ILE B 164 -7.61 42.47 -1.78
CA ILE B 164 -7.08 41.87 -0.56
C ILE B 164 -5.85 41.07 -0.92
N TYR B 165 -4.76 41.32 -0.17
CA TYR B 165 -3.47 40.65 -0.36
C TYR B 165 -2.86 40.42 1.02
N MET B 166 -3.29 39.34 1.64
CA MET B 166 -3.02 39.14 3.05
C MET B 166 -2.62 37.70 3.31
N PRO B 167 -2.05 37.43 4.50
CA PRO B 167 -1.84 36.06 4.95
C PRO B 167 -3.09 35.52 5.66
N MET B 168 -3.06 34.22 5.93
CA MET B 168 -4.24 33.50 6.39
C MET B 168 -4.41 33.79 7.87
N ILE B 169 -5.12 34.90 8.15
CA ILE B 169 -5.30 35.37 9.51
C ILE B 169 -6.75 35.80 9.68
N PRO B 170 -7.28 35.88 10.93
CA PRO B 170 -8.66 36.29 11.17
C PRO B 170 -9.09 37.50 10.35
N GLU B 171 -8.20 38.49 10.26
CA GLU B 171 -8.53 39.77 9.66
C GLU B 171 -8.76 39.61 8.14
N MET B 172 -8.22 38.56 7.52
CA MET B 172 -8.45 38.31 6.11
C MET B 172 -9.87 37.83 5.91
N ALA B 173 -10.35 36.93 6.77
CA ALA B 173 -11.74 36.48 6.72
C ALA B 173 -12.72 37.61 7.03
N ALA B 174 -12.39 38.44 8.02
CA ALA B 174 -13.27 39.51 8.43
C ALA B 174 -13.33 40.57 7.35
N SER B 175 -12.21 40.76 6.63
CA SER B 175 -12.12 41.71 5.53
C SER B 175 -12.96 41.23 4.36
N VAL B 176 -12.89 39.94 4.05
CA VAL B 176 -13.78 39.34 3.08
C VAL B 176 -15.24 39.62 3.45
N LEU B 177 -15.62 39.38 4.69
CA LEU B 177 -17.02 39.50 5.09
C LEU B 177 -17.48 40.96 5.21
N ALA B 178 -16.58 41.85 5.64
CA ALA B 178 -16.84 43.27 5.71
C ALA B 178 -17.24 43.82 4.34
N CYS B 179 -16.43 43.52 3.33
CA CYS B 179 -16.75 43.81 1.94
C CYS B 179 -18.12 43.24 1.53
N ALA B 180 -18.36 41.96 1.82
CA ALA B 180 -19.64 41.39 1.47
C ALA B 180 -20.75 42.23 2.07
N ARG B 181 -20.62 42.66 3.32
CA ARG B 181 -21.74 43.25 4.01
C ARG B 181 -22.02 44.66 3.52
N LEU B 182 -21.03 45.31 2.89
CA LEU B 182 -21.21 46.62 2.27
C LEU B 182 -21.72 46.53 0.83
N GLY B 183 -21.67 45.34 0.22
CA GLY B 183 -21.99 45.17 -1.20
C GLY B 183 -20.83 45.57 -2.10
N ALA B 184 -19.62 45.63 -1.50
CA ALA B 184 -18.40 46.03 -2.16
C ALA B 184 -17.63 44.77 -2.55
N PRO B 185 -17.61 44.41 -3.83
CA PRO B 185 -17.01 43.15 -4.26
C PRO B 185 -15.52 43.02 -3.95
N HIS B 186 -15.16 41.91 -3.33
CA HIS B 186 -13.77 41.71 -3.00
C HIS B 186 -13.00 41.05 -4.15
N MET B 187 -11.70 41.27 -4.12
CA MET B 187 -10.82 40.76 -5.13
C MET B 187 -9.57 40.31 -4.41
N VAL B 188 -9.48 39.00 -4.13
CA VAL B 188 -8.43 38.43 -3.29
C VAL B 188 -7.33 37.82 -4.15
N VAL B 189 -6.09 38.25 -3.90
CA VAL B 189 -4.90 37.79 -4.60
C VAL B 189 -4.06 36.99 -3.61
N PHE B 190 -3.88 35.69 -3.89
CA PHE B 190 -2.94 34.83 -3.19
C PHE B 190 -1.65 35.55 -2.79
N GLY B 191 -1.13 35.28 -1.59
CA GLY B 191 0.03 35.97 -1.03
C GLY B 191 1.33 35.50 -1.68
N GLY B 192 1.25 34.40 -2.44
CA GLY B 192 2.41 33.90 -3.17
C GLY B 192 2.60 34.53 -4.54
N PHE B 193 1.65 35.36 -4.98
CA PHE B 193 1.83 36.14 -6.19
C PHE B 193 2.68 37.33 -5.81
N ALA B 194 3.41 37.85 -6.80
CA ALA B 194 4.33 38.99 -6.64
C ALA B 194 3.70 40.22 -7.27
N ALA B 195 4.47 41.28 -7.51
CA ALA B 195 3.87 42.56 -7.83
C ALA B 195 3.25 42.63 -9.23
N SER B 196 3.85 41.97 -10.24
CA SER B 196 3.32 42.02 -11.60
C SER B 196 1.96 41.33 -11.69
N SER B 197 1.75 40.32 -10.82
CA SER B 197 0.50 39.57 -10.76
C SER B 197 -0.57 40.32 -9.98
N LEU B 198 -0.20 40.93 -8.83
CA LEU B 198 -1.08 41.76 -8.02
C LEU B 198 -1.53 42.99 -8.80
N ARG B 199 -0.60 43.60 -9.54
CA ARG B 199 -0.86 44.80 -10.29
C ARG B 199 -1.92 44.57 -11.36
N ASP B 200 -1.65 43.59 -12.22
CA ASP B 200 -2.47 43.24 -13.37
C ASP B 200 -3.92 43.02 -12.94
N ARG B 201 -4.09 42.37 -11.77
CA ARG B 201 -5.39 42.04 -11.21
C ARG B 201 -6.07 43.26 -10.59
N MET B 202 -5.34 44.11 -9.87
CA MET B 202 -5.95 45.29 -9.32
C MET B 202 -6.35 46.22 -10.46
N ASN B 203 -5.60 46.14 -11.59
CA ASN B 203 -5.87 47.04 -12.70
C ASN B 203 -7.09 46.55 -13.49
N ASP B 204 -7.17 45.24 -13.78
CA ASP B 204 -8.24 44.69 -14.59
C ASP B 204 -9.61 44.92 -13.95
N CYS B 205 -9.65 45.14 -12.63
CA CYS B 205 -10.91 45.38 -11.93
C CYS B 205 -10.95 46.72 -11.19
N ASP B 206 -10.04 47.66 -11.52
CA ASP B 206 -10.13 49.06 -11.10
C ASP B 206 -10.33 49.21 -9.59
N ALA B 207 -9.48 48.52 -8.83
CA ALA B 207 -9.62 48.45 -7.39
C ALA B 207 -9.43 49.82 -6.80
N LYS B 208 -10.19 50.08 -5.72
CA LYS B 208 -10.26 51.38 -5.07
C LYS B 208 -9.35 51.43 -3.85
N VAL B 209 -9.31 50.32 -3.08
CA VAL B 209 -8.48 50.22 -1.89
C VAL B 209 -7.92 48.81 -1.79
N LEU B 210 -6.86 48.66 -0.99
CA LEU B 210 -6.17 47.38 -0.88
C LEU B 210 -5.95 47.13 0.60
N ILE B 211 -6.36 45.93 1.06
CA ILE B 211 -6.09 45.50 2.41
C ILE B 211 -4.95 44.49 2.37
N THR B 212 -3.88 44.77 3.11
CA THR B 212 -2.74 43.90 3.12
C THR B 212 -2.11 43.91 4.52
N ALA B 213 -0.90 43.39 4.62
CA ALA B 213 -0.21 43.24 5.89
C ALA B 213 1.24 43.67 5.75
N ASP B 214 1.85 43.98 6.89
CA ASP B 214 3.27 44.29 6.91
C ASP B 214 4.05 43.12 6.32
N GLY B 215 3.55 41.91 6.64
CA GLY B 215 3.98 40.68 6.00
C GLY B 215 3.25 39.47 6.56
N GLY B 216 3.57 38.29 6.02
CA GLY B 216 3.00 37.03 6.48
C GLY B 216 4.14 36.07 6.81
N TYR B 217 3.89 35.11 7.72
CA TYR B 217 4.93 34.15 8.09
C TYR B 217 4.60 32.86 7.33
N ARG B 218 5.65 32.23 6.77
CA ARG B 218 5.53 31.02 5.99
CA ARG B 218 5.56 31.03 5.96
C ARG B 218 6.78 30.16 6.24
N GLY B 219 6.58 29.02 6.88
CA GLY B 219 7.69 28.13 7.16
C GLY B 219 8.78 28.83 7.97
N GLY B 220 8.38 29.72 8.89
CA GLY B 220 9.30 30.32 9.83
C GLY B 220 9.96 31.59 9.28
N LYS B 221 9.78 31.88 7.97
CA LYS B 221 10.33 33.05 7.31
C LYS B 221 9.22 34.09 7.01
N VAL B 222 9.62 35.35 6.86
CA VAL B 222 8.70 36.45 6.61
C VAL B 222 8.56 36.69 5.11
N ILE B 223 7.33 36.90 4.65
CA ILE B 223 7.04 37.27 3.27
C ILE B 223 6.72 38.76 3.30
N GLU B 224 7.41 39.53 2.47
CA GLU B 224 7.35 40.99 2.55
C GLU B 224 6.13 41.50 1.78
N LEU B 225 4.92 41.18 2.26
CA LEU B 225 3.71 41.50 1.52
C LEU B 225 3.61 43.01 1.27
N LYS B 226 3.84 43.83 2.29
CA LYS B 226 3.69 45.26 2.14
C LYS B 226 4.69 45.81 1.10
N LYS B 227 5.94 45.32 1.15
CA LYS B 227 6.94 45.79 0.21
C LYS B 227 6.51 45.43 -1.22
N ILE B 228 6.01 44.20 -1.43
CA ILE B 228 5.54 43.77 -2.73
C ILE B 228 4.32 44.60 -3.15
N ALA B 229 3.49 45.00 -2.17
CA ALA B 229 2.29 45.77 -2.43
C ALA B 229 2.67 47.14 -2.97
N ASP B 230 3.66 47.79 -2.32
CA ASP B 230 4.17 49.08 -2.73
C ASP B 230 4.51 49.07 -4.21
N GLU B 231 5.25 48.03 -4.62
CA GLU B 231 5.80 47.91 -5.97
C GLU B 231 4.69 47.82 -7.02
N ALA B 232 3.54 47.28 -6.62
CA ALA B 232 2.39 47.11 -7.49
C ALA B 232 1.49 48.33 -7.45
N VAL B 233 1.29 48.95 -6.28
CA VAL B 233 0.42 50.11 -6.16
C VAL B 233 0.98 51.31 -6.93
N ALA B 234 2.30 51.31 -7.20
CA ALA B 234 2.97 52.37 -7.93
C ALA B 234 2.59 52.37 -9.41
N GLU B 235 2.03 51.25 -9.91
CA GLU B 235 1.54 51.11 -11.27
C GLU B 235 0.04 50.76 -11.27
N THR B 236 -0.68 51.18 -10.19
CA THR B 236 -2.10 50.93 -9.96
C THR B 236 -2.77 52.25 -9.60
N PRO B 237 -3.14 53.07 -10.62
CA PRO B 237 -3.63 54.43 -10.37
C PRO B 237 -4.93 54.54 -9.55
N THR B 238 -5.79 53.51 -9.59
CA THR B 238 -7.12 53.61 -9.01
C THR B 238 -7.08 53.53 -7.49
N ILE B 239 -5.99 52.97 -6.93
CA ILE B 239 -5.84 52.69 -5.50
C ILE B 239 -5.71 54.00 -4.75
N GLU B 240 -6.74 54.34 -3.94
CA GLU B 240 -6.74 55.57 -3.18
C GLU B 240 -6.13 55.34 -1.79
N LYS B 241 -6.23 54.12 -1.25
CA LYS B 241 -5.81 53.86 0.12
C LYS B 241 -5.32 52.42 0.28
N VAL B 242 -4.38 52.22 1.20
CA VAL B 242 -3.87 50.89 1.51
C VAL B 242 -4.02 50.70 3.00
N PHE B 243 -4.83 49.72 3.41
CA PHE B 243 -4.96 49.40 4.83
C PHE B 243 -3.95 48.31 5.19
N VAL B 244 -3.21 48.52 6.29
CA VAL B 244 -2.08 47.65 6.61
C VAL B 244 -2.31 47.01 7.97
N GLN B 245 -2.31 45.68 7.96
CA GLN B 245 -2.46 44.92 9.18
C GLN B 245 -1.08 44.67 9.76
N ARG B 246 -0.95 44.99 11.06
CA ARG B 246 0.28 44.83 11.81
C ARG B 246 0.30 43.42 12.39
N HIS B 247 1.06 42.54 11.73
CA HIS B 247 1.06 41.12 12.01
C HIS B 247 2.49 40.65 12.30
N THR B 248 3.46 41.00 11.46
CA THR B 248 4.82 40.59 11.73
C THR B 248 5.34 41.47 12.84
N GLY B 249 4.97 42.74 12.74
CA GLY B 249 5.47 43.79 13.63
C GLY B 249 6.67 44.56 13.05
N PHE B 250 7.17 44.14 11.89
CA PHE B 250 8.45 44.65 11.38
C PHE B 250 8.23 46.05 10.81
N GLU B 251 9.24 46.90 11.01
CA GLU B 251 9.31 48.19 10.35
C GLU B 251 9.10 47.95 8.86
N VAL B 252 8.11 48.63 8.27
CA VAL B 252 7.87 48.56 6.84
C VAL B 252 7.61 49.96 6.32
N PRO B 253 7.99 50.28 5.04
CA PRO B 253 7.70 51.58 4.43
C PRO B 253 6.20 51.78 4.36
N MET B 254 5.77 52.94 4.85
CA MET B 254 4.38 53.34 4.91
C MET B 254 4.24 54.76 4.36
N ALA B 255 3.89 54.85 3.07
CA ALA B 255 3.72 56.12 2.38
C ALA B 255 2.59 56.95 2.98
N GLU B 256 2.95 58.06 3.68
CA GLU B 256 2.02 59.00 4.28
C GLU B 256 0.92 59.35 3.30
N GLY B 257 -0.32 59.34 3.79
CA GLY B 257 -1.50 59.69 3.01
C GLY B 257 -2.23 58.44 2.54
N ARG B 258 -1.51 57.55 1.86
CA ARG B 258 -2.08 56.37 1.20
C ARG B 258 -2.17 55.19 2.17
N ASP B 259 -1.04 54.85 2.82
CA ASP B 259 -0.93 53.68 3.65
C ASP B 259 -1.23 54.05 5.10
N VAL B 260 -2.03 53.22 5.78
CA VAL B 260 -2.42 53.45 7.17
C VAL B 260 -2.60 52.11 7.86
N TYR B 261 -2.12 52.01 9.10
CA TYR B 261 -2.22 50.77 9.87
C TYR B 261 -3.66 50.58 10.32
N LEU B 262 -4.18 49.35 10.17
CA LEU B 262 -5.59 49.09 10.38
C LEU B 262 -5.91 49.11 11.88
N ASP B 263 -4.96 48.64 12.70
CA ASP B 263 -5.13 48.57 14.14
C ASP B 263 -5.26 49.97 14.73
N VAL B 264 -4.63 50.96 14.09
CA VAL B 264 -4.72 52.35 14.51
C VAL B 264 -6.12 52.87 14.28
N LEU B 265 -6.70 52.62 13.10
CA LEU B 265 -8.05 53.05 12.77
C LEU B 265 -9.04 52.38 13.70
N LEU B 266 -8.84 51.05 13.91
CA LEU B 266 -9.74 50.22 14.70
C LEU B 266 -9.82 50.68 16.16
N ASN B 267 -8.73 51.29 16.64
CA ASN B 267 -8.64 51.93 17.93
C ASN B 267 -9.82 52.87 18.20
N ASP B 268 -10.23 53.66 17.19
CA ASP B 268 -11.23 54.70 17.36
C ASP B 268 -12.64 54.21 17.02
N ILE B 269 -12.80 52.89 16.83
CA ILE B 269 -14.08 52.31 16.47
C ILE B 269 -14.61 51.50 17.66
N PRO B 270 -15.61 51.98 18.41
CA PRO B 270 -16.12 51.26 19.57
C PRO B 270 -16.38 49.79 19.29
N GLU B 271 -16.45 49.03 20.37
CA GLU B 271 -16.57 47.59 20.33
C GLU B 271 -17.97 47.15 19.88
N ASP B 272 -18.92 48.06 19.78
CA ASP B 272 -20.30 47.70 19.50
C ASP B 272 -20.81 48.46 18.27
N THR B 273 -19.89 48.92 17.41
CA THR B 273 -20.26 49.43 16.10
C THR B 273 -21.04 48.36 15.34
N VAL B 274 -22.10 48.79 14.65
CA VAL B 274 -22.93 47.88 13.84
C VAL B 274 -23.18 48.60 12.54
N VAL B 275 -22.54 48.09 11.47
CA VAL B 275 -22.88 48.39 10.10
C VAL B 275 -23.84 47.30 9.63
N PRO B 276 -25.14 47.57 9.40
CA PRO B 276 -26.06 46.49 9.06
C PRO B 276 -25.76 46.10 7.60
N CYS B 277 -26.12 44.87 7.21
CA CYS B 277 -25.84 44.38 5.88
C CYS B 277 -26.67 45.09 4.84
N GLU B 278 -26.00 45.56 3.80
CA GLU B 278 -26.67 46.10 2.64
C GLU B 278 -27.53 45.02 1.96
N PRO B 279 -28.86 45.22 1.83
CA PRO B 279 -29.69 44.22 1.16
C PRO B 279 -29.51 44.45 -0.33
N VAL B 280 -28.85 43.48 -1.00
CA VAL B 280 -28.48 43.59 -2.41
C VAL B 280 -29.28 42.57 -3.22
N ASP B 281 -29.39 42.80 -4.53
CA ASP B 281 -30.08 41.86 -5.41
C ASP B 281 -29.32 40.53 -5.41
N SER B 282 -30.05 39.43 -5.64
CA SER B 282 -29.47 38.10 -5.61
C SER B 282 -28.39 37.97 -6.67
N GLU B 283 -28.31 38.95 -7.59
CA GLU B 283 -27.37 38.90 -8.70
C GLU B 283 -26.35 40.04 -8.62
N ASP B 284 -26.30 40.76 -7.49
CA ASP B 284 -25.24 41.74 -7.27
C ASP B 284 -23.91 41.03 -7.00
N MET B 285 -22.81 41.71 -7.34
CA MET B 285 -21.47 41.14 -7.23
C MET B 285 -21.11 40.92 -5.76
N LEU B 286 -20.63 39.69 -5.51
CA LEU B 286 -19.95 39.33 -4.27
C LEU B 286 -18.45 39.59 -4.39
N TYR B 287 -17.85 39.02 -5.46
CA TYR B 287 -16.40 38.96 -5.59
C TYR B 287 -15.95 38.64 -7.03
N ILE B 288 -14.70 39.06 -7.31
CA ILE B 288 -13.97 38.65 -8.48
C ILE B 288 -12.79 37.79 -8.04
N LEU B 289 -12.46 36.79 -8.85
CA LEU B 289 -11.33 35.91 -8.62
C LEU B 289 -10.74 35.48 -9.97
N TYR B 290 -9.43 35.72 -10.15
CA TYR B 290 -8.78 35.50 -11.42
C TYR B 290 -8.27 34.06 -11.51
N THR B 291 -8.59 33.38 -12.62
CA THR B 291 -7.96 32.14 -12.99
C THR B 291 -7.46 32.27 -14.44
N SER B 292 -6.83 31.23 -14.98
CA SER B 292 -6.12 31.36 -16.25
C SER B 292 -6.43 30.20 -17.19
N GLY B 293 -6.56 30.50 -18.49
CA GLY B 293 -6.36 29.54 -19.56
C GLY B 293 -4.88 29.45 -19.95
N SER B 294 -4.55 28.51 -20.83
CA SER B 294 -3.21 28.43 -21.39
C SER B 294 -2.96 29.47 -22.48
N THR B 295 -3.90 30.42 -22.65
CA THR B 295 -3.75 31.59 -23.51
C THR B 295 -4.66 32.67 -22.93
N GLY B 296 -4.38 33.92 -23.32
CA GLY B 296 -5.11 35.07 -22.83
C GLY B 296 -4.54 35.57 -21.50
N LYS B 297 -4.89 36.80 -21.12
CA LYS B 297 -4.49 37.31 -19.82
C LYS B 297 -5.37 36.65 -18.73
N PRO B 298 -5.09 36.86 -17.42
CA PRO B 298 -5.98 36.31 -16.40
C PRO B 298 -7.43 36.82 -16.53
N LYS B 299 -8.38 35.97 -16.11
CA LYS B 299 -9.82 36.11 -16.31
C LYS B 299 -10.53 36.49 -15.00
N GLY B 300 -11.24 37.62 -14.98
CA GLY B 300 -11.90 38.04 -13.76
C GLY B 300 -13.20 37.29 -13.58
N VAL B 301 -13.19 36.13 -12.87
CA VAL B 301 -14.39 35.36 -12.64
C VAL B 301 -15.26 36.07 -11.62
N VAL B 302 -16.54 36.27 -11.98
CA VAL B 302 -17.50 37.02 -11.19
C VAL B 302 -18.60 36.12 -10.62
N HIS B 303 -18.74 36.22 -9.30
CA HIS B 303 -19.79 35.55 -8.57
C HIS B 303 -20.66 36.60 -7.89
N VAL B 304 -21.84 36.14 -7.47
CA VAL B 304 -22.88 37.02 -6.97
C VAL B 304 -23.45 36.41 -5.70
N HIS B 305 -24.13 37.23 -4.88
CA HIS B 305 -24.50 36.85 -3.51
C HIS B 305 -25.41 35.61 -3.50
N GLY B 306 -26.51 35.63 -4.24
CA GLY B 306 -27.60 34.72 -3.92
C GLY B 306 -27.30 33.28 -4.35
N GLY B 307 -27.29 33.08 -5.67
CA GLY B 307 -27.07 31.75 -6.24
C GLY B 307 -25.80 31.10 -5.71
N TYR B 308 -24.75 31.91 -5.50
CA TYR B 308 -23.51 31.42 -4.93
C TYR B 308 -23.71 30.94 -3.49
N ALA B 309 -24.39 31.73 -2.66
CA ALA B 309 -24.53 31.33 -1.27
C ALA B 309 -25.26 29.99 -1.19
N VAL B 310 -26.33 29.87 -1.97
CA VAL B 310 -27.19 28.71 -1.93
C VAL B 310 -26.39 27.50 -2.34
N GLY B 311 -25.63 27.67 -3.42
CA GLY B 311 -24.83 26.60 -3.98
C GLY B 311 -23.77 26.11 -2.99
N CYS B 312 -22.99 27.04 -2.42
CA CYS B 312 -21.93 26.69 -1.47
C CYS B 312 -22.52 26.10 -0.19
N TYR B 313 -23.63 26.69 0.27
CA TYR B 313 -24.34 26.17 1.44
C TYR B 313 -24.69 24.69 1.25
N ALA B 314 -25.35 24.35 0.13
CA ALA B 314 -25.90 23.03 -0.09
C ALA B 314 -24.84 21.97 -0.34
N THR B 315 -23.89 22.27 -1.23
CA THR B 315 -22.81 21.35 -1.51
C THR B 315 -22.05 21.09 -0.22
N THR B 316 -21.77 22.15 0.56
CA THR B 316 -21.07 21.95 1.81
C THR B 316 -21.88 21.02 2.71
N LYS B 317 -23.19 21.29 2.82
CA LYS B 317 -24.07 20.54 3.69
C LYS B 317 -24.05 19.06 3.32
N PHE B 318 -24.18 18.75 2.02
CA PHE B 318 -24.41 17.37 1.60
C PHE B 318 -23.09 16.60 1.46
N VAL B 319 -22.07 17.26 0.89
CA VAL B 319 -20.81 16.60 0.57
C VAL B 319 -20.02 16.35 1.86
N PHE B 320 -19.94 17.35 2.76
CA PHE B 320 -19.12 17.26 3.95
C PHE B 320 -19.98 17.01 5.19
N ASP B 321 -21.30 16.97 5.03
CA ASP B 321 -22.17 16.34 5.99
C ASP B 321 -22.12 17.09 7.32
N ILE B 322 -21.99 18.42 7.27
CA ILE B 322 -21.70 19.20 8.46
C ILE B 322 -22.78 18.99 9.50
N LYS B 323 -22.36 18.73 10.73
CA LYS B 323 -23.26 18.72 11.87
C LYS B 323 -22.82 19.76 12.92
N PRO B 324 -23.67 20.04 13.91
CA PRO B 324 -23.29 21.02 14.96
C PRO B 324 -22.01 20.72 15.74
N SER B 325 -21.64 19.44 15.88
CA SER B 325 -20.43 19.04 16.61
C SER B 325 -19.18 18.99 15.73
N ASP B 326 -19.28 19.37 14.45
CA ASP B 326 -18.15 19.22 13.55
C ASP B 326 -17.20 20.41 13.65
N VAL B 327 -15.91 20.06 13.75
CA VAL B 327 -14.80 20.93 13.40
C VAL B 327 -14.28 20.52 12.03
N PHE B 328 -14.12 21.52 11.15
CA PHE B 328 -13.91 21.36 9.73
C PHE B 328 -12.67 22.14 9.32
N TRP B 329 -11.86 21.55 8.42
CA TRP B 329 -10.62 22.16 8.00
C TRP B 329 -10.40 21.92 6.52
N CYS B 330 -10.45 23.02 5.74
CA CYS B 330 -9.93 23.01 4.37
C CYS B 330 -8.55 23.65 4.37
N THR B 331 -7.55 22.92 3.82
CA THR B 331 -6.13 23.29 3.90
C THR B 331 -5.77 24.35 2.85
N ALA B 332 -6.71 24.69 1.96
CA ALA B 332 -6.41 25.58 0.84
C ALA B 332 -6.33 27.03 1.30
N ASP B 333 -5.66 27.85 0.51
CA ASP B 333 -5.54 29.26 0.84
C ASP B 333 -6.87 29.92 0.48
N ILE B 334 -7.19 31.02 1.15
CA ILE B 334 -8.38 31.78 0.80
C ILE B 334 -8.16 32.49 -0.54
N GLY B 335 -6.90 32.54 -1.00
CA GLY B 335 -6.56 33.21 -2.25
C GLY B 335 -7.05 32.43 -3.47
N TRP B 336 -7.38 31.15 -3.25
CA TRP B 336 -8.01 30.32 -4.25
C TRP B 336 -9.50 30.14 -3.97
N VAL B 337 -10.24 29.71 -4.99
CA VAL B 337 -11.68 29.63 -4.88
C VAL B 337 -12.06 28.63 -3.79
N THR B 338 -11.23 27.58 -3.64
CA THR B 338 -11.42 26.56 -2.63
C THR B 338 -11.62 27.19 -1.27
N GLY B 339 -10.77 28.15 -0.94
CA GLY B 339 -10.87 28.85 0.34
C GLY B 339 -12.06 29.79 0.41
N HIS B 340 -12.46 30.40 -0.71
CA HIS B 340 -13.61 31.28 -0.70
C HIS B 340 -14.88 30.47 -0.43
N SER B 341 -15.10 29.41 -1.22
CA SER B 341 -16.31 28.62 -1.16
C SER B 341 -16.32 27.64 0.02
N TYR B 342 -15.15 27.11 0.45
CA TYR B 342 -15.13 26.03 1.42
C TYR B 342 -14.11 26.26 2.54
N THR B 343 -13.81 27.53 2.84
CA THR B 343 -13.32 27.90 4.16
C THR B 343 -14.30 28.92 4.73
N ILE B 344 -14.59 29.96 3.98
CA ILE B 344 -15.39 31.03 4.56
C ILE B 344 -16.89 30.75 4.40
N TYR B 345 -17.38 30.85 3.16
CA TYR B 345 -18.79 31.04 2.92
C TYR B 345 -19.56 29.76 3.16
N GLY B 346 -19.16 28.67 2.50
CA GLY B 346 -19.84 27.38 2.64
C GLY B 346 -19.89 26.95 4.10
N PRO B 347 -18.74 26.77 4.77
CA PRO B 347 -18.70 26.36 6.18
C PRO B 347 -19.46 27.27 7.13
N MET B 348 -19.44 28.59 6.91
CA MET B 348 -20.04 29.48 7.90
C MET B 348 -21.57 29.44 7.79
N MET B 349 -22.10 29.15 6.61
CA MET B 349 -23.54 29.02 6.46
C MET B 349 -24.02 27.68 7.02
N ASN B 350 -23.10 26.73 7.27
CA ASN B 350 -23.47 25.52 8.02
C ASN B 350 -23.06 25.67 9.50
N ALA B 351 -22.68 26.89 9.91
CA ALA B 351 -22.40 27.19 11.31
C ALA B 351 -21.28 26.30 11.87
N ALA B 352 -20.25 26.08 11.07
CA ALA B 352 -19.21 25.14 11.42
C ALA B 352 -18.15 25.86 12.26
N SER B 353 -17.47 25.07 13.09
CA SER B 353 -16.21 25.47 13.66
C SER B 353 -15.14 25.15 12.61
N ILE B 354 -14.34 26.15 12.23
CA ILE B 354 -13.48 26.08 11.07
C ILE B 354 -12.02 26.29 11.47
N VAL B 355 -11.11 25.39 11.07
CA VAL B 355 -9.69 25.66 11.28
C VAL B 355 -9.15 26.60 10.18
N LEU B 356 -8.28 27.53 10.58
CA LEU B 356 -7.70 28.52 9.68
C LEU B 356 -6.18 28.56 9.89
N PHE B 357 -5.40 28.01 8.94
CA PHE B 357 -3.97 27.84 9.18
C PHE B 357 -3.15 28.80 8.32
N GLU B 358 -2.19 29.47 8.98
CA GLU B 358 -1.35 30.46 8.32
C GLU B 358 -0.29 29.80 7.43
N GLY B 359 0.09 28.57 7.80
CA GLY B 359 1.40 28.03 7.44
C GLY B 359 1.39 26.90 6.41
N ILE B 360 2.32 25.96 6.56
CA ILE B 360 2.62 25.02 5.49
C ILE B 360 2.77 23.64 6.10
N PRO B 361 2.59 22.59 5.29
CA PRO B 361 2.53 21.22 5.81
C PRO B 361 3.83 20.66 6.37
N THR B 362 4.95 21.35 6.10
CA THR B 362 6.29 20.87 6.41
C THR B 362 7.05 21.74 7.41
N TYR B 363 6.39 22.67 8.11
CA TYR B 363 7.06 23.46 9.14
C TYR B 363 6.19 23.51 10.39
N PRO B 364 6.72 23.15 11.59
CA PRO B 364 8.15 22.89 11.82
C PRO B 364 8.72 21.63 11.19
N ALA B 365 7.85 20.63 10.99
CA ALA B 365 8.17 19.38 10.30
C ALA B 365 6.93 18.82 9.61
N ALA B 366 7.05 17.64 8.98
CA ALA B 366 6.10 17.20 7.96
C ALA B 366 4.84 16.58 8.56
N ASP B 367 4.81 16.52 9.90
CA ASP B 367 3.62 16.10 10.61
C ASP B 367 2.73 17.28 11.04
N ARG B 368 2.97 18.49 10.53
CA ARG B 368 2.28 19.67 11.04
C ARG B 368 0.78 19.51 10.87
N PHE B 369 0.35 19.01 9.71
CA PHE B 369 -1.09 18.85 9.46
C PHE B 369 -1.77 17.96 10.49
N TRP B 370 -1.08 16.93 10.97
CA TRP B 370 -1.70 15.96 11.86
C TRP B 370 -1.65 16.48 13.31
N SER B 371 -0.65 17.32 13.62
CA SER B 371 -0.64 18.09 14.86
C SER B 371 -1.89 18.94 14.95
N ILE B 372 -2.25 19.55 13.81
CA ILE B 372 -3.42 20.42 13.73
C ILE B 372 -4.70 19.59 13.84
N VAL B 373 -4.78 18.47 13.15
CA VAL B 373 -5.95 17.62 13.32
C VAL B 373 -6.09 17.27 14.81
N GLU B 374 -4.98 16.89 15.45
CA GLU B 374 -5.03 16.40 16.82
C GLU B 374 -5.51 17.53 17.73
N LYS B 375 -4.81 18.67 17.65
CA LYS B 375 -5.03 19.83 18.50
C LYS B 375 -6.47 20.32 18.45
N TYR B 376 -7.12 20.34 17.28
CA TYR B 376 -8.46 20.90 17.17
C TYR B 376 -9.50 19.80 17.05
N LYS B 377 -9.10 18.53 17.29
CA LYS B 377 -9.95 17.36 17.16
C LYS B 377 -10.81 17.44 15.90
N VAL B 378 -10.18 17.69 14.75
CA VAL B 378 -10.84 17.98 13.48
C VAL B 378 -11.58 16.75 13.00
N ASN B 379 -12.76 16.97 12.40
CA ASN B 379 -13.66 15.89 12.02
C ASN B 379 -13.71 15.74 10.49
N ILE B 380 -13.45 16.84 9.78
CA ILE B 380 -13.52 16.84 8.33
C ILE B 380 -12.33 17.59 7.73
N ILE B 381 -11.52 16.90 6.93
CA ILE B 381 -10.38 17.52 6.29
C ILE B 381 -10.49 17.38 4.77
N TYR B 382 -10.33 18.55 4.12
CA TYR B 382 -10.46 18.75 2.69
C TYR B 382 -9.15 19.37 2.18
N THR B 383 -8.30 18.56 1.55
CA THR B 383 -6.93 18.95 1.25
C THR B 383 -6.62 18.66 -0.21
N ALA B 384 -5.38 18.95 -0.61
CA ALA B 384 -4.96 18.93 -2.00
C ALA B 384 -4.11 17.70 -2.26
N PRO B 385 -4.30 17.01 -3.40
CA PRO B 385 -3.40 15.92 -3.75
C PRO B 385 -1.93 16.32 -3.75
N THR B 386 -1.61 17.57 -4.08
CA THR B 386 -0.22 17.97 -4.01
C THR B 386 0.35 17.77 -2.60
N ALA B 387 -0.47 18.03 -1.57
CA ALA B 387 -0.05 17.99 -0.18
C ALA B 387 0.07 16.54 0.26
N ILE B 388 -0.85 15.69 -0.19
CA ILE B 388 -0.72 14.28 0.09
C ILE B 388 0.54 13.73 -0.56
N ARG B 389 0.82 14.08 -1.83
CA ARG B 389 1.98 13.52 -2.53
C ARG B 389 3.28 14.00 -1.86
N SER B 390 3.29 15.29 -1.51
CA SER B 390 4.39 15.89 -0.78
C SER B 390 4.64 15.15 0.54
N LEU B 391 3.61 14.89 1.33
CA LEU B 391 3.86 14.26 2.61
C LEU B 391 4.20 12.78 2.50
N MET B 392 3.84 12.12 1.40
CA MET B 392 4.00 10.68 1.27
C MET B 392 5.48 10.33 1.34
N ARG B 393 6.29 11.28 0.88
CA ARG B 393 7.72 11.15 0.82
C ARG B 393 8.38 11.00 2.19
N PHE B 394 7.71 11.39 3.28
CA PHE B 394 8.35 11.45 4.59
C PHE B 394 7.96 10.26 5.46
N GLY B 395 7.16 9.32 4.95
CA GLY B 395 6.86 8.11 5.69
C GLY B 395 5.51 8.16 6.38
N GLU B 396 5.06 6.99 6.84
CA GLU B 396 3.79 6.79 7.51
C GLU B 396 3.92 6.96 9.03
N GLU B 397 5.18 6.99 9.48
CA GLU B 397 5.54 7.18 10.89
C GLU B 397 4.87 8.44 11.42
N LEU B 398 4.85 9.46 10.58
CA LEU B 398 4.55 10.81 11.04
C LEU B 398 3.07 10.94 11.40
N PRO B 399 2.10 10.61 10.53
CA PRO B 399 0.71 10.60 10.96
C PRO B 399 0.44 9.61 12.10
N ALA B 400 1.27 8.59 12.23
CA ALA B 400 1.04 7.60 13.29
C ALA B 400 1.29 8.22 14.67
N ARG B 401 2.19 9.21 14.74
CA ARG B 401 2.60 9.84 15.99
C ARG B 401 1.46 10.67 16.60
N HIS B 402 0.42 11.01 15.81
CA HIS B 402 -0.68 11.86 16.27
C HIS B 402 -2.01 11.09 16.25
N ASP B 403 -3.00 11.65 16.97
CA ASP B 403 -4.32 11.06 17.09
C ASP B 403 -5.29 11.65 16.08
N LEU B 404 -5.58 10.85 15.04
CA LEU B 404 -6.32 11.33 13.88
C LEU B 404 -7.72 10.75 13.89
N SER B 405 -8.16 10.25 15.05
CA SER B 405 -9.39 9.46 15.12
C SER B 405 -10.62 10.35 15.27
N SER B 406 -10.43 11.66 15.41
CA SER B 406 -11.53 12.61 15.37
C SER B 406 -12.18 12.59 13.97
N LEU B 407 -11.34 12.38 12.95
CA LEU B 407 -11.74 12.49 11.55
C LEU B 407 -12.83 11.45 11.26
N ARG B 408 -13.88 11.91 10.62
CA ARG B 408 -14.87 11.01 10.06
C ARG B 408 -14.98 11.15 8.53
N ILE B 409 -14.39 12.17 7.92
CA ILE B 409 -14.53 12.34 6.48
C ILE B 409 -13.29 13.00 5.90
N LEU B 410 -12.77 12.43 4.80
CA LEU B 410 -11.64 13.01 4.10
C LEU B 410 -12.10 13.60 2.77
N GLY B 411 -11.34 14.55 2.23
CA GLY B 411 -11.66 15.07 0.92
C GLY B 411 -10.41 15.54 0.17
N THR B 412 -10.60 15.71 -1.13
CA THR B 412 -9.58 16.00 -2.13
C THR B 412 -10.07 17.10 -3.07
N VAL B 413 -9.21 18.05 -3.43
CA VAL B 413 -9.61 19.17 -4.25
C VAL B 413 -8.42 19.71 -5.03
N GLY B 414 -8.69 20.20 -6.24
CA GLY B 414 -7.70 20.91 -7.04
C GLY B 414 -7.26 20.09 -8.26
N GLU B 415 -7.24 18.76 -8.15
CA GLU B 415 -6.86 17.89 -9.24
C GLU B 415 -7.26 16.45 -8.91
N PRO B 416 -7.29 15.53 -9.90
CA PRO B 416 -7.56 14.11 -9.61
C PRO B 416 -6.48 13.52 -8.73
N ILE B 417 -6.87 12.69 -7.78
CA ILE B 417 -5.87 12.02 -6.97
C ILE B 417 -5.55 10.69 -7.64
N ASN B 418 -4.27 10.33 -7.73
CA ASN B 418 -3.91 9.06 -8.35
C ASN B 418 -4.23 7.93 -7.36
N PRO B 419 -4.60 6.74 -7.85
CA PRO B 419 -4.81 5.60 -6.97
C PRO B 419 -3.86 5.40 -5.79
N GLU B 420 -2.54 5.55 -6.04
CA GLU B 420 -1.54 5.26 -5.01
C GLU B 420 -1.72 6.20 -3.82
N ALA B 421 -1.86 7.51 -4.09
CA ALA B 421 -2.05 8.53 -3.07
C ALA B 421 -3.40 8.38 -2.36
N TRP B 422 -4.39 7.88 -3.09
CA TRP B 422 -5.70 7.65 -2.54
C TRP B 422 -5.57 6.60 -1.45
N MET B 423 -4.90 5.46 -1.74
CA MET B 423 -4.72 4.38 -0.76
C MET B 423 -3.91 4.86 0.45
N TRP B 424 -2.91 5.70 0.23
CA TRP B 424 -2.09 6.21 1.32
C TRP B 424 -2.96 7.03 2.25
N TYR B 425 -3.75 7.96 1.68
CA TYR B 425 -4.62 8.83 2.45
C TYR B 425 -5.70 8.03 3.19
N ARG B 426 -6.26 7.04 2.50
CA ARG B 426 -7.29 6.25 3.12
C ARG B 426 -6.71 5.44 4.27
N LYS B 427 -5.50 4.87 4.08
CA LYS B 427 -4.85 4.01 5.09
C LYS B 427 -4.28 4.81 6.28
N ASN B 428 -3.43 5.81 6.04
CA ASN B 428 -2.72 6.51 7.11
C ASN B 428 -3.59 7.60 7.76
N ILE B 429 -4.39 8.32 6.98
CA ILE B 429 -5.23 9.36 7.54
C ILE B 429 -6.65 8.90 7.80
N GLY B 430 -7.08 7.80 7.17
CA GLY B 430 -8.47 7.37 7.27
C GLY B 430 -8.66 5.98 7.89
N HIS B 431 -7.60 5.45 8.52
CA HIS B 431 -7.60 4.13 9.14
C HIS B 431 -8.44 3.15 8.31
N ASN B 432 -8.19 3.14 7.00
CA ASN B 432 -8.81 2.22 6.07
C ASN B 432 -10.32 2.09 6.23
N GLU B 433 -11.00 3.18 6.57
CA GLU B 433 -12.45 3.15 6.73
C GLU B 433 -13.11 4.41 6.15
N LEU B 434 -12.45 5.56 6.33
CA LEU B 434 -13.09 6.85 6.09
C LEU B 434 -13.25 7.02 4.60
N PRO B 435 -14.35 7.66 4.17
CA PRO B 435 -14.57 7.97 2.77
C PRO B 435 -13.70 9.15 2.35
N ILE B 436 -13.35 9.16 1.06
CA ILE B 436 -12.64 10.25 0.45
C ILE B 436 -13.55 10.91 -0.61
N MET B 437 -13.97 12.12 -0.28
CA MET B 437 -14.71 12.97 -1.18
C MET B 437 -13.77 13.61 -2.20
N ASP B 438 -13.51 12.88 -3.30
CA ASP B 438 -12.75 13.38 -4.45
C ASP B 438 -13.61 14.38 -5.25
N THR B 439 -13.39 15.70 -5.09
CA THR B 439 -14.26 16.70 -5.70
C THR B 439 -13.68 17.23 -7.00
N TRP B 440 -14.55 17.37 -8.03
CA TRP B 440 -14.22 18.07 -9.26
C TRP B 440 -15.02 19.36 -9.44
N TRP B 441 -14.31 20.46 -9.75
CA TRP B 441 -14.89 21.77 -9.97
C TRP B 441 -13.79 22.80 -10.25
N GLN B 442 -14.18 24.01 -10.67
CA GLN B 442 -13.24 25.06 -11.03
C GLN B 442 -13.76 26.37 -10.44
N THR B 443 -12.88 27.40 -10.38
CA THR B 443 -13.26 28.77 -10.07
C THR B 443 -14.59 29.15 -10.72
N GLU B 444 -14.68 28.82 -12.02
CA GLU B 444 -15.80 29.21 -12.86
C GLU B 444 -17.11 28.62 -12.33
N THR B 445 -17.04 27.44 -11.70
CA THR B 445 -18.24 26.73 -11.33
C THR B 445 -18.66 27.13 -9.92
N GLY B 446 -17.82 27.86 -9.18
CA GLY B 446 -18.30 28.44 -7.92
C GLY B 446 -18.41 27.43 -6.77
N MET B 447 -18.90 26.22 -7.07
CA MET B 447 -19.19 25.18 -6.10
C MET B 447 -18.79 23.82 -6.66
N ILE B 448 -18.72 22.81 -5.80
CA ILE B 448 -18.41 21.46 -6.24
C ILE B 448 -19.52 21.03 -7.18
N LEU B 449 -19.19 20.31 -8.26
CA LEU B 449 -20.16 19.81 -9.21
C LEU B 449 -20.23 18.31 -9.20
N ILE B 450 -19.07 17.65 -9.35
CA ILE B 450 -19.03 16.20 -9.33
C ILE B 450 -18.21 15.79 -8.10
N SER B 451 -18.80 14.96 -7.26
CA SER B 451 -18.19 14.53 -6.01
C SER B 451 -18.99 13.37 -5.44
N PRO B 452 -18.38 12.45 -4.69
CA PRO B 452 -19.15 11.54 -3.85
C PRO B 452 -19.85 12.35 -2.77
N THR B 453 -20.90 11.78 -2.17
CA THR B 453 -21.45 12.24 -0.90
C THR B 453 -21.16 11.10 0.07
N PRO B 454 -21.49 11.23 1.38
CA PRO B 454 -21.23 10.14 2.32
C PRO B 454 -21.96 8.83 2.07
N ILE B 455 -22.88 8.79 1.09
CA ILE B 455 -23.71 7.61 0.93
C ILE B 455 -23.27 6.74 -0.25
N LEU B 456 -22.24 7.16 -1.01
CA LEU B 456 -21.90 6.53 -2.28
C LEU B 456 -20.69 5.63 -2.15
N PRO B 457 -20.72 4.40 -2.70
CA PRO B 457 -19.50 3.59 -2.78
C PRO B 457 -18.44 4.42 -3.48
N LEU B 458 -17.17 4.16 -3.18
CA LEU B 458 -16.07 4.92 -3.77
C LEU B 458 -15.24 4.00 -4.65
N LYS B 459 -14.67 4.62 -5.68
CA LYS B 459 -13.64 4.02 -6.51
C LYS B 459 -12.43 4.95 -6.47
N PRO B 460 -11.20 4.45 -6.20
CA PRO B 460 -10.04 5.33 -6.11
C PRO B 460 -9.79 6.04 -7.43
N GLY B 461 -9.81 7.38 -7.43
CA GLY B 461 -9.32 8.14 -8.57
C GLY B 461 -10.44 8.87 -9.31
N SER B 462 -11.66 8.54 -8.93
CA SER B 462 -12.87 8.91 -9.62
C SER B 462 -13.71 9.87 -8.78
N ALA B 463 -14.14 10.98 -9.39
CA ALA B 463 -14.95 11.93 -8.67
C ALA B 463 -16.38 11.44 -8.52
N SER B 464 -16.72 10.31 -9.16
CA SER B 464 -17.95 9.63 -8.79
C SER B 464 -19.14 10.08 -9.66
N ARG B 465 -20.30 10.23 -9.03
CA ARG B 465 -21.51 10.69 -9.68
C ARG B 465 -21.64 12.20 -9.51
N PRO B 466 -22.34 12.92 -10.39
CA PRO B 466 -22.67 14.31 -10.11
C PRO B 466 -23.48 14.55 -8.83
N LEU B 467 -23.59 15.83 -8.44
CA LEU B 467 -24.45 16.22 -7.34
C LEU B 467 -25.82 16.61 -7.85
N PRO B 468 -26.79 16.77 -6.97
CA PRO B 468 -28.18 16.92 -7.41
C PRO B 468 -28.33 18.11 -8.34
N THR B 469 -29.06 17.87 -9.45
CA THR B 469 -29.43 18.83 -10.49
C THR B 469 -28.36 18.99 -11.55
N ILE B 470 -27.14 18.50 -11.31
CA ILE B 470 -26.00 18.80 -12.18
C ILE B 470 -25.97 17.79 -13.34
N GLU B 471 -26.38 18.20 -14.54
CA GLU B 471 -26.58 17.25 -15.62
C GLU B 471 -25.30 17.17 -16.45
N ALA B 472 -24.41 16.26 -16.06
CA ALA B 472 -23.09 16.20 -16.69
C ALA B 472 -23.00 14.99 -17.63
N ASP B 473 -22.16 15.13 -18.67
CA ASP B 473 -22.02 14.07 -19.66
C ASP B 473 -20.63 14.21 -20.26
N VAL B 474 -20.28 13.21 -21.06
CA VAL B 474 -19.03 13.21 -21.81
C VAL B 474 -19.38 13.09 -23.28
N VAL B 475 -18.87 14.02 -24.09
CA VAL B 475 -19.25 14.12 -25.49
C VAL B 475 -18.00 14.32 -26.35
N ASN B 476 -18.12 14.06 -27.66
CA ASN B 476 -17.09 14.47 -28.60
C ASN B 476 -17.27 15.96 -28.95
N LYS B 477 -16.48 16.49 -29.88
CA LYS B 477 -16.52 17.91 -30.22
C LYS B 477 -17.89 18.31 -30.79
N ASP B 478 -18.73 17.33 -31.13
CA ASP B 478 -20.04 17.62 -31.69
C ASP B 478 -21.16 17.54 -30.66
N GLY B 479 -20.83 17.19 -29.40
CA GLY B 479 -21.84 17.01 -28.36
C GLY B 479 -22.49 15.62 -28.35
N LYS B 480 -22.14 14.78 -29.33
CA LYS B 480 -22.48 13.37 -29.30
C LYS B 480 -21.96 12.73 -28.03
N PRO B 481 -22.80 12.01 -27.26
CA PRO B 481 -22.31 11.29 -26.10
C PRO B 481 -21.44 10.12 -26.57
N VAL B 482 -20.21 10.04 -26.04
CA VAL B 482 -19.27 9.02 -26.43
C VAL B 482 -19.66 7.70 -25.78
N GLY B 483 -20.29 7.75 -24.60
CA GLY B 483 -20.82 6.55 -23.99
C GLY B 483 -19.87 5.98 -22.95
N PRO B 484 -20.15 4.79 -22.38
CA PRO B 484 -19.35 4.26 -21.28
C PRO B 484 -18.01 3.91 -21.90
N GLU B 485 -16.95 4.27 -21.15
CA GLU B 485 -15.58 3.77 -21.26
C GLU B 485 -14.77 4.64 -22.23
N NEP B 486 -15.36 5.52 -23.03
CA NEP B 486 -14.55 6.27 -23.99
C NEP B 486 -14.36 7.69 -23.47
O NEP B 486 -15.22 8.26 -22.78
CB NEP B 486 -15.10 6.29 -25.44
CG NEP B 486 -15.53 4.94 -25.93
ND1 NEP B 486 -16.87 4.61 -25.88
CD2 NEP B 486 -14.80 3.89 -26.38
CE1 NEP B 486 -16.96 3.39 -26.32
NE2 NEP B 486 -15.74 2.88 -26.64
P NEP B 486 -15.52 1.29 -27.23
O1P NEP B 486 -14.81 0.57 -26.07
O2P NEP B 486 -16.89 0.68 -27.49
O3P NEP B 486 -14.72 1.42 -28.51
H NEP B 486 -16.26 5.67 -23.00
HA NEP B 486 -13.66 5.84 -24.02
HB2 NEP B 486 -15.85 6.91 -25.47
HB3 NEP B 486 -14.39 6.64 -26.03
HD2 NEP B 486 -13.86 3.83 -26.49
HE1 NEP B 486 -17.76 2.91 -26.40
N GLY B 487 -13.19 8.23 -23.82
CA GLY B 487 -12.76 9.53 -23.37
C GLY B 487 -13.44 10.62 -24.17
N GLY B 488 -13.57 11.79 -23.55
CA GLY B 488 -14.12 12.91 -24.26
C GLY B 488 -14.11 14.16 -23.40
N PHE B 489 -14.90 15.15 -23.83
CA PHE B 489 -15.03 16.43 -23.17
C PHE B 489 -16.16 16.35 -22.16
N LEU B 490 -15.91 16.94 -20.98
CA LEU B 490 -16.89 16.91 -19.91
C LEU B 490 -17.74 18.17 -19.99
N ILE B 491 -19.05 17.99 -20.18
CA ILE B 491 -19.95 19.12 -20.33
C ILE B 491 -21.05 19.02 -19.30
N ILE B 492 -21.61 20.21 -18.98
CA ILE B 492 -22.79 20.38 -18.15
C ILE B 492 -23.88 20.98 -19.03
N ARG B 493 -25.10 20.45 -18.93
CA ARG B 493 -26.17 20.75 -19.88
C ARG B 493 -27.12 21.87 -19.47
N HIS B 494 -27.21 22.18 -18.16
N HIS B 494 -27.26 22.14 -18.15
CA HIS B 494 -28.08 23.23 -17.67
CA HIS B 494 -28.04 23.24 -17.61
C HIS B 494 -27.34 23.96 -16.52
C HIS B 494 -27.21 23.99 -16.57
N PRO B 495 -27.46 25.30 -16.38
CA PRO B 495 -26.79 26.03 -15.30
C PRO B 495 -27.17 25.55 -13.91
N TRP B 496 -26.37 26.03 -12.94
CA TRP B 496 -26.51 25.76 -11.52
C TRP B 496 -26.30 27.09 -10.80
N PRO B 497 -26.77 27.23 -9.55
CA PRO B 497 -26.81 28.54 -8.89
C PRO B 497 -25.50 29.28 -8.67
N ALA B 498 -24.43 28.52 -8.44
CA ALA B 498 -23.19 29.09 -7.95
C ALA B 498 -22.23 29.37 -9.11
N GLN B 499 -22.71 29.12 -10.33
CA GLN B 499 -21.98 29.38 -11.55
C GLN B 499 -21.61 30.86 -11.65
N MET B 500 -20.46 31.12 -12.28
CA MET B 500 -20.02 32.46 -12.58
C MET B 500 -21.06 33.12 -13.47
N ARG B 501 -21.28 34.43 -13.32
CA ARG B 501 -22.26 35.10 -14.15
C ARG B 501 -21.63 35.66 -15.42
N THR B 502 -20.39 36.15 -15.31
CA THR B 502 -19.65 36.68 -16.45
C THR B 502 -18.15 36.64 -16.12
N ILE B 503 -17.33 37.17 -17.05
CA ILE B 503 -15.93 37.50 -16.83
C ILE B 503 -15.81 39.01 -16.80
N PHE B 504 -15.07 39.57 -15.83
CA PHE B 504 -15.19 40.99 -15.50
C PHE B 504 -14.73 41.86 -16.67
N GLY B 505 -15.67 42.66 -17.16
CA GLY B 505 -15.43 43.57 -18.27
C GLY B 505 -15.04 42.84 -19.55
N ASP B 506 -15.48 41.58 -19.75
CA ASP B 506 -15.12 40.80 -20.92
C ASP B 506 -16.16 39.73 -21.14
N PRO B 507 -17.39 40.17 -21.51
CA PRO B 507 -18.53 39.26 -21.59
C PRO B 507 -18.32 38.24 -22.70
N ASP B 508 -17.52 38.60 -23.71
CA ASP B 508 -17.23 37.73 -24.84
C ASP B 508 -16.55 36.44 -24.39
N ARG B 509 -15.74 36.50 -23.33
CA ARG B 509 -15.00 35.32 -22.88
C ARG B 509 -15.89 34.41 -22.06
N TYR B 510 -16.87 34.96 -21.35
CA TYR B 510 -17.86 34.11 -20.71
C TYR B 510 -18.57 33.30 -21.80
N LYS B 511 -18.90 33.96 -22.93
CA LYS B 511 -19.74 33.35 -23.94
C LYS B 511 -19.06 32.12 -24.53
N THR B 512 -17.73 32.05 -24.54
CA THR B 512 -17.05 30.95 -25.21
C THR B 512 -17.20 29.65 -24.42
N TYR B 513 -17.50 29.72 -23.09
CA TYR B 513 -17.71 28.51 -22.31
C TYR B 513 -19.00 27.81 -22.73
N TRP B 514 -19.95 28.59 -23.27
CA TRP B 514 -21.28 28.11 -23.60
C TRP B 514 -21.43 27.87 -25.10
N GLU B 515 -20.36 28.12 -25.84
CA GLU B 515 -20.41 28.13 -27.30
C GLU B 515 -19.21 27.40 -27.90
N THR B 516 -18.54 26.53 -27.13
CA THR B 516 -17.42 25.78 -27.68
C THR B 516 -17.98 24.44 -28.12
N ILE B 517 -18.86 23.83 -27.33
CA ILE B 517 -19.69 22.80 -27.90
C ILE B 517 -21.12 23.30 -27.75
N PRO B 518 -21.94 23.14 -28.81
CA PRO B 518 -23.32 23.62 -28.82
C PRO B 518 -24.14 23.41 -27.54
N ASP B 519 -24.57 24.54 -26.95
CA ASP B 519 -25.69 24.62 -26.01
C ASP B 519 -25.41 24.02 -24.63
N VAL B 520 -24.11 23.90 -24.31
CA VAL B 520 -23.66 23.18 -23.13
C VAL B 520 -22.40 23.88 -22.63
N TYR B 521 -22.17 23.77 -21.31
CA TYR B 521 -21.02 24.40 -20.69
C TYR B 521 -19.83 23.47 -20.84
N PHE B 522 -18.71 24.06 -21.29
CA PHE B 522 -17.47 23.36 -21.58
C PHE B 522 -16.49 23.62 -20.44
N ALA B 523 -16.47 22.68 -19.49
CA ALA B 523 -15.69 22.83 -18.27
C ALA B 523 -14.23 23.08 -18.60
N GLY B 524 -13.70 22.25 -19.52
CA GLY B 524 -12.40 22.44 -20.13
C GLY B 524 -11.43 21.31 -19.82
N ASP B 525 -12.01 20.18 -19.38
CA ASP B 525 -11.31 19.01 -18.86
C ASP B 525 -11.83 17.81 -19.62
N ALA B 526 -10.94 16.88 -19.95
CA ALA B 526 -11.37 15.60 -20.48
C ALA B 526 -11.82 14.74 -19.31
N ALA B 527 -12.50 13.63 -19.64
CA ALA B 527 -13.00 12.72 -18.66
C ALA B 527 -13.64 11.54 -19.37
N THR B 528 -13.93 10.53 -18.54
CA THR B 528 -14.45 9.22 -18.91
C THR B 528 -15.57 8.89 -17.94
N MET B 529 -16.50 8.04 -18.34
CA MET B 529 -17.62 7.66 -17.50
C MET B 529 -17.72 6.15 -17.56
N ASP B 530 -17.86 5.45 -16.44
CA ASP B 530 -17.85 3.98 -16.50
C ASP B 530 -19.30 3.46 -16.55
N LYS B 531 -19.41 2.14 -16.69
CA LYS B 531 -20.69 1.48 -16.85
C LYS B 531 -21.58 1.78 -15.66
N MET B 532 -21.01 2.26 -14.54
CA MET B 532 -21.81 2.65 -13.37
C MET B 532 -22.03 4.16 -13.31
N GLY B 533 -21.56 4.92 -14.30
CA GLY B 533 -21.78 6.35 -14.36
C GLY B 533 -20.81 7.13 -13.49
N TYR B 534 -19.70 6.49 -13.08
CA TYR B 534 -18.71 7.16 -12.25
C TYR B 534 -17.71 7.87 -13.15
N PHE B 535 -17.59 9.19 -12.92
CA PHE B 535 -16.73 10.06 -13.69
C PHE B 535 -15.28 10.00 -13.19
N ARG B 536 -14.31 9.97 -14.12
CA ARG B 536 -12.89 10.11 -13.85
C ARG B 536 -12.40 11.27 -14.70
N ILE B 537 -11.91 12.33 -14.05
CA ILE B 537 -11.33 13.48 -14.74
C ILE B 537 -9.91 13.14 -15.21
N GLN B 538 -9.58 13.59 -16.42
CA GLN B 538 -8.31 13.28 -17.06
C GLN B 538 -7.51 14.54 -17.38
N GLY B 539 -7.73 15.64 -16.65
CA GLY B 539 -6.96 16.86 -16.84
C GLY B 539 -7.45 17.76 -18.00
N ARG B 540 -6.83 18.93 -18.08
CA ARG B 540 -7.33 20.04 -18.89
C ARG B 540 -6.97 19.82 -20.35
N VAL B 541 -7.88 20.24 -21.25
CA VAL B 541 -7.74 20.02 -22.68
C VAL B 541 -6.91 21.15 -23.30
N ASP B 542 -6.93 22.35 -22.69
CA ASP B 542 -6.11 23.48 -23.10
C ASP B 542 -4.65 23.22 -22.74
N ASP B 543 -4.39 22.17 -21.94
CA ASP B 543 -3.07 21.84 -21.40
C ASP B 543 -2.50 23.01 -20.59
N VAL B 544 -3.38 23.87 -20.05
CA VAL B 544 -3.00 24.94 -19.14
C VAL B 544 -2.04 24.34 -18.12
N ILE B 545 -1.04 25.14 -17.76
CA ILE B 545 -0.08 24.76 -16.75
C ILE B 545 -0.75 24.77 -15.38
N LYS B 546 -0.71 23.62 -14.70
CA LYS B 546 -1.33 23.42 -13.41
C LYS B 546 -0.26 23.00 -12.40
N VAL B 547 0.14 23.92 -11.52
CA VAL B 547 1.19 23.66 -10.57
C VAL B 547 0.59 23.64 -9.16
N SER B 548 0.78 22.52 -8.47
CA SER B 548 0.36 22.35 -7.07
C SER B 548 -1.11 22.67 -6.96
N GLY B 549 -1.88 22.28 -7.97
CA GLY B 549 -3.33 22.36 -7.95
C GLY B 549 -3.87 23.65 -8.55
N HIS B 550 -2.96 24.50 -9.08
CA HIS B 550 -3.25 25.90 -9.42
C HIS B 550 -2.95 26.20 -10.89
N ARG B 551 -3.97 26.71 -11.58
CA ARG B 551 -3.82 27.09 -12.97
C ARG B 551 -2.95 28.33 -13.02
N LEU B 552 -1.90 28.27 -13.85
CA LEU B 552 -1.10 29.44 -14.20
C LEU B 552 -1.28 29.75 -15.67
N GLY B 553 -1.30 31.04 -15.96
CA GLY B 553 -1.30 31.49 -17.34
C GLY B 553 0.05 31.21 -17.99
N SER B 554 0.01 30.53 -19.12
CA SER B 554 1.16 30.49 -20.02
C SER B 554 1.56 31.90 -20.42
N MET B 555 0.57 32.78 -20.67
CA MET B 555 0.85 34.09 -21.22
C MET B 555 1.42 35.01 -20.14
N GLU B 556 1.02 34.82 -18.88
CA GLU B 556 1.50 35.72 -17.83
C GLU B 556 3.03 35.56 -17.67
N ILE B 557 3.50 34.31 -17.79
CA ILE B 557 4.89 33.90 -17.60
C ILE B 557 5.73 34.33 -18.79
N GLU B 558 5.24 34.06 -19.99
CA GLU B 558 5.90 34.54 -21.20
C GLU B 558 6.14 36.05 -21.17
N SER B 559 5.17 36.83 -20.65
CA SER B 559 5.26 38.29 -20.64
C SER B 559 6.41 38.76 -19.77
N SER B 560 6.53 38.18 -18.58
CA SER B 560 7.58 38.53 -17.64
C SER B 560 8.95 38.25 -18.26
N LEU B 561 8.99 37.19 -19.07
CA LEU B 561 10.24 36.84 -19.70
C LEU B 561 10.59 37.82 -20.81
N VAL B 562 9.62 38.18 -21.66
CA VAL B 562 9.88 39.06 -22.78
C VAL B 562 10.22 40.48 -22.31
N SER B 563 9.75 40.84 -21.13
CA SER B 563 10.00 42.15 -20.56
C SER B 563 11.45 42.28 -20.13
N HIS B 564 12.18 41.15 -20.02
CA HIS B 564 13.60 41.19 -19.74
C HIS B 564 14.34 41.74 -20.96
N PRO B 565 15.45 42.46 -20.75
CA PRO B 565 16.32 42.92 -21.85
C PRO B 565 16.85 41.85 -22.82
N ALA B 566 17.09 40.64 -22.30
CA ALA B 566 17.74 39.54 -23.01
C ALA B 566 16.78 38.78 -23.93
N VAL B 567 15.47 38.86 -23.70
CA VAL B 567 14.50 37.95 -24.30
C VAL B 567 13.71 38.65 -25.41
N ALA B 568 13.56 37.93 -26.54
CA ALA B 568 12.78 38.34 -27.70
C ALA B 568 11.39 37.71 -27.64
N GLU B 569 11.34 36.38 -27.53
CA GLU B 569 10.09 35.67 -27.46
C GLU B 569 10.27 34.51 -26.50
N ALA B 570 9.13 33.88 -26.14
CA ALA B 570 9.13 32.87 -25.09
C ALA B 570 7.87 32.03 -25.13
N ALA B 571 8.01 30.71 -24.94
CA ALA B 571 6.88 29.80 -24.89
C ALA B 571 6.94 29.00 -23.61
N ALA B 572 5.81 28.93 -22.90
CA ALA B 572 5.75 28.25 -21.62
C ALA B 572 4.89 26.99 -21.75
N ILE B 573 5.35 25.88 -21.19
CA ILE B 573 4.57 24.66 -21.15
C ILE B 573 4.70 24.01 -19.80
N GLY B 574 3.85 23.02 -19.61
CA GLY B 574 3.85 22.26 -18.39
C GLY B 574 4.29 20.84 -18.70
N LYS B 575 5.07 20.32 -17.76
CA LYS B 575 5.68 19.02 -17.92
C LYS B 575 5.46 18.29 -16.61
N PRO B 576 5.27 16.94 -16.65
CA PRO B 576 5.01 16.17 -15.43
C PRO B 576 5.99 16.35 -14.26
N ASP B 577 5.44 16.28 -13.04
CA ASP B 577 6.22 16.40 -11.80
C ASP B 577 5.60 15.48 -10.75
N GLU B 578 6.44 14.69 -10.09
CA GLU B 578 6.01 13.71 -9.09
C GLU B 578 5.11 14.38 -8.04
N VAL B 579 5.56 15.49 -7.46
CA VAL B 579 4.84 16.10 -6.35
C VAL B 579 3.83 17.13 -6.86
N LYS B 580 4.30 18.09 -7.68
CA LYS B 580 3.54 19.31 -7.92
C LYS B 580 2.53 19.11 -9.05
N GLY B 581 2.60 17.96 -9.73
CA GLY B 581 1.61 17.62 -10.73
C GLY B 581 2.18 17.92 -12.10
N GLU B 582 2.36 19.22 -12.35
CA GLU B 582 3.22 19.74 -13.40
C GLU B 582 4.26 20.68 -12.81
N HIS B 583 5.33 20.96 -13.57
CA HIS B 583 6.22 22.10 -13.36
C HIS B 583 6.34 22.87 -14.67
N VAL B 584 6.90 24.08 -14.62
CA VAL B 584 6.92 24.95 -15.78
C VAL B 584 8.22 24.72 -16.53
N LYS B 585 8.15 24.69 -17.85
CA LYS B 585 9.38 24.79 -18.64
C LYS B 585 9.16 25.87 -19.68
N VAL B 586 10.19 26.69 -19.91
CA VAL B 586 10.08 27.77 -20.86
CA VAL B 586 10.09 27.77 -20.85
C VAL B 586 11.11 27.60 -21.97
N PHE B 587 10.67 27.86 -23.20
CA PHE B 587 11.52 27.89 -24.38
C PHE B 587 11.74 29.34 -24.76
N VAL B 588 12.99 29.81 -24.71
CA VAL B 588 13.28 31.23 -24.85
C VAL B 588 14.12 31.48 -26.10
N ILE B 589 13.63 32.41 -26.92
CA ILE B 589 14.41 32.97 -28.01
C ILE B 589 15.04 34.25 -27.50
N LEU B 590 16.37 34.26 -27.42
CA LEU B 590 17.07 35.47 -27.04
C LEU B 590 17.23 36.40 -28.23
N ARG B 591 17.36 37.69 -27.93
CA ARG B 591 17.93 38.69 -28.81
C ARG B 591 19.26 38.24 -29.41
N ASN B 592 19.56 38.65 -30.64
CA ASN B 592 20.74 38.12 -31.34
C ASN B 592 21.98 38.54 -30.58
N GLY B 593 22.87 37.59 -30.32
CA GLY B 593 24.21 37.91 -29.87
C GLY B 593 24.34 37.94 -28.35
N VAL B 594 23.22 37.61 -27.67
CA VAL B 594 23.20 37.37 -26.24
C VAL B 594 23.73 35.97 -26.00
N GLU B 595 24.81 35.85 -25.24
CA GLU B 595 25.40 34.57 -24.89
C GLU B 595 24.46 33.83 -23.93
N PRO B 596 24.00 32.62 -24.38
CA PRO B 596 23.08 31.77 -23.64
C PRO B 596 23.70 30.91 -22.54
N THR B 597 23.98 31.53 -21.40
CA THR B 597 24.76 30.90 -20.33
C THR B 597 23.82 30.30 -19.29
N GLU B 598 24.37 29.43 -18.45
CA GLU B 598 23.71 29.07 -17.20
C GLU B 598 23.42 30.32 -16.38
N SER B 599 24.39 31.24 -16.29
CA SER B 599 24.22 32.48 -15.54
C SER B 599 22.91 33.15 -15.92
N LEU B 600 22.70 33.27 -17.23
CA LEU B 600 21.53 33.95 -17.76
C LEU B 600 20.25 33.19 -17.42
N ALA B 601 20.27 31.86 -17.56
CA ALA B 601 19.17 31.02 -17.13
C ALA B 601 18.81 31.31 -15.67
N VAL B 602 19.83 31.35 -14.79
CA VAL B 602 19.58 31.61 -13.39
C VAL B 602 18.90 32.96 -13.20
N GLU B 603 19.38 33.95 -13.96
CA GLU B 603 18.90 35.31 -13.87
C GLU B 603 17.47 35.43 -14.37
N LEU B 604 17.11 34.72 -15.45
CA LEU B 604 15.77 34.80 -16.02
C LEU B 604 14.76 34.09 -15.11
N LYS B 605 15.23 33.16 -14.27
CA LYS B 605 14.31 32.49 -13.37
C LYS B 605 14.02 33.39 -12.19
N ARG B 606 15.07 34.06 -11.68
CA ARG B 606 14.95 35.09 -10.65
C ARG B 606 13.92 36.12 -11.13
N HIS B 607 14.07 36.55 -12.37
CA HIS B 607 13.17 37.52 -12.92
C HIS B 607 11.71 37.06 -12.82
N VAL B 608 11.40 35.86 -13.26
CA VAL B 608 10.02 35.37 -13.20
C VAL B 608 9.55 35.29 -11.73
N ARG B 609 10.41 34.76 -10.84
CA ARG B 609 10.12 34.59 -9.42
C ARG B 609 9.77 35.90 -8.71
N THR B 610 10.45 37.00 -9.08
CA THR B 610 10.24 38.26 -8.39
C THR B 610 9.19 39.11 -9.13
N LEU B 611 8.64 38.65 -10.27
CA LEU B 611 7.55 39.37 -10.90
C LEU B 611 6.21 38.65 -10.81
N VAL B 612 6.18 37.35 -11.14
CA VAL B 612 4.95 36.57 -11.18
C VAL B 612 4.80 35.79 -9.88
N GLY B 613 5.89 35.14 -9.44
CA GLY B 613 5.95 34.55 -8.12
C GLY B 613 6.62 33.19 -8.14
N PRO B 614 7.03 32.64 -6.97
CA PRO B 614 7.68 31.33 -6.90
C PRO B 614 6.99 30.09 -7.49
N LEU B 615 5.65 30.11 -7.62
CA LEU B 615 4.91 28.98 -8.20
C LEU B 615 5.05 28.91 -9.74
N ALA B 616 5.19 30.08 -10.38
CA ALA B 616 5.40 30.17 -11.80
C ALA B 616 6.88 30.01 -12.18
N THR B 617 7.78 30.14 -11.22
CA THR B 617 9.20 30.03 -11.50
C THR B 617 9.46 28.80 -12.37
N PRO B 618 10.00 28.95 -13.60
CA PRO B 618 10.37 27.81 -14.43
C PRO B 618 11.38 26.93 -13.72
N ASP B 619 11.14 25.61 -13.74
CA ASP B 619 12.09 24.64 -13.25
C ASP B 619 13.06 24.29 -14.35
N GLU B 620 12.68 24.57 -15.61
CA GLU B 620 13.51 24.30 -16.78
C GLU B 620 13.44 25.47 -17.78
N LEU B 621 14.61 25.79 -18.36
CA LEU B 621 14.70 26.78 -19.43
CA LEU B 621 14.73 26.80 -19.41
C LEU B 621 15.56 26.22 -20.54
N GLU B 622 15.05 26.29 -21.77
CA GLU B 622 15.84 25.92 -22.95
C GLU B 622 15.90 27.16 -23.86
N PHE B 623 17.10 27.51 -24.33
CA PHE B 623 17.27 28.58 -25.31
C PHE B 623 17.18 28.04 -26.73
N VAL B 624 16.29 28.60 -27.57
CA VAL B 624 16.11 28.10 -28.91
C VAL B 624 16.13 29.27 -29.87
N THR B 625 16.29 28.98 -31.16
CA THR B 625 16.49 30.06 -32.11
C THR B 625 15.18 30.27 -32.85
N SER B 626 14.23 29.34 -32.70
CA SER B 626 12.90 29.61 -33.23
C SER B 626 11.80 28.86 -32.46
N LEU B 627 10.58 29.26 -32.78
CA LEU B 627 9.40 28.63 -32.22
C LEU B 627 8.41 28.41 -33.36
N PRO B 628 7.48 27.46 -33.22
CA PRO B 628 6.46 27.25 -34.25
C PRO B 628 5.37 28.29 -34.10
N LYS B 629 5.03 28.95 -35.21
CA LYS B 629 4.00 29.96 -35.19
C LYS B 629 3.01 29.70 -36.33
N THR B 630 1.76 30.13 -36.15
CA THR B 630 0.77 30.21 -37.21
C THR B 630 1.18 31.30 -38.21
N ARG B 631 0.44 31.46 -39.31
CA ARG B 631 0.76 32.56 -40.22
C ARG B 631 0.52 33.89 -39.50
N SER B 632 -0.52 33.98 -38.64
CA SER B 632 -0.82 35.20 -37.87
C SER B 632 0.27 35.56 -36.86
N GLY B 633 1.32 34.72 -36.76
CA GLY B 633 2.49 35.00 -35.93
C GLY B 633 2.39 34.43 -34.51
N LYS B 634 1.23 33.86 -34.12
CA LYS B 634 1.03 33.38 -32.76
C LYS B 634 1.82 32.08 -32.50
N ILE B 635 2.26 31.88 -31.25
CA ILE B 635 2.94 30.66 -30.86
C ILE B 635 1.92 29.52 -30.76
N MET B 636 2.25 28.38 -31.38
CA MET B 636 1.45 27.18 -31.23
C MET B 636 2.07 26.35 -30.10
N ARG B 637 1.55 26.49 -28.88
CA ARG B 637 2.11 25.78 -27.75
C ARG B 637 1.90 24.27 -27.86
N ARG B 638 0.77 23.86 -28.46
CA ARG B 638 0.47 22.44 -28.63
C ARG B 638 1.65 21.73 -29.31
N VAL B 639 2.22 22.37 -30.35
CA VAL B 639 3.34 21.87 -31.13
C VAL B 639 4.60 21.82 -30.26
N VAL B 640 4.90 22.94 -29.59
CA VAL B 640 6.00 23.01 -28.65
C VAL B 640 5.94 21.80 -27.72
N ARG B 641 4.73 21.47 -27.20
CA ARG B 641 4.61 20.43 -26.18
C ARG B 641 4.81 19.06 -26.82
N ALA B 642 4.36 18.93 -28.05
CA ALA B 642 4.48 17.69 -28.80
C ALA B 642 5.92 17.44 -29.26
N ARG B 643 6.70 18.47 -29.65
CA ARG B 643 8.11 18.30 -29.92
C ARG B 643 8.77 17.63 -28.70
N GLU B 644 8.41 18.05 -27.48
CA GLU B 644 9.09 17.58 -26.29
C GLU B 644 8.59 16.21 -25.88
N LEU B 645 7.28 15.99 -25.91
CA LEU B 645 6.66 14.89 -25.18
C LEU B 645 5.81 13.99 -26.05
N GLY B 646 5.49 14.46 -27.27
CA GLY B 646 4.56 13.79 -28.19
C GLY B 646 3.12 14.20 -27.91
N GLU B 647 2.29 14.18 -28.94
CA GLU B 647 0.85 14.33 -28.77
C GLU B 647 0.18 12.97 -28.89
N PRO B 648 -0.60 12.51 -27.88
CA PRO B 648 -1.39 11.28 -28.01
C PRO B 648 -2.53 11.53 -28.99
N VAL B 649 -3.09 10.48 -29.60
CA VAL B 649 -3.79 10.62 -30.88
C VAL B 649 -5.28 11.00 -30.66
N LEU C 24 1.73 3.67 -23.29
CA LEU C 24 1.28 5.05 -23.61
C LEU C 24 2.26 5.68 -24.60
N ILE C 25 3.57 5.37 -24.48
CA ILE C 25 4.64 6.04 -25.24
C ILE C 25 4.64 5.64 -26.73
N GLU C 26 4.18 4.41 -27.03
CA GLU C 26 4.04 3.91 -28.40
C GLU C 26 2.99 4.71 -29.18
N GLU C 27 1.89 5.12 -28.51
CA GLU C 27 0.73 5.71 -29.13
C GLU C 27 0.80 7.25 -29.13
N ARG C 28 2.02 7.80 -29.20
CA ARG C 28 2.23 9.24 -29.17
C ARG C 28 2.84 9.67 -30.50
N LEU C 29 2.47 10.87 -30.96
CA LEU C 29 2.86 11.35 -32.28
C LEU C 29 3.79 12.56 -32.14
N PHE C 30 4.93 12.50 -32.85
CA PHE C 30 5.97 13.52 -32.71
C PHE C 30 6.06 14.29 -34.03
N PRO C 31 5.63 15.56 -34.06
CA PRO C 31 5.68 16.32 -35.30
C PRO C 31 7.10 16.61 -35.73
N PRO C 32 7.33 16.82 -37.05
CA PRO C 32 8.62 17.32 -37.51
C PRO C 32 8.92 18.75 -37.06
N PRO C 33 10.11 19.32 -37.39
N PRO C 33 10.24 18.98 -36.79
CA PRO C 33 10.19 20.77 -37.70
CA PRO C 33 10.77 20.30 -36.37
C PRO C 33 9.45 21.24 -38.96
C PRO C 33 10.58 21.39 -37.41
N GLU C 34 8.69 22.35 -38.87
N GLU C 34 11.03 22.60 -37.08
CA GLU C 34 7.88 22.84 -39.98
CA GLU C 34 10.91 23.73 -37.99
C GLU C 34 8.75 23.38 -41.12
C GLU C 34 12.07 23.65 -39.00
N ASP C 35 10.06 23.46 -40.87
N ASP C 35 11.86 24.23 -40.19
CA ASP C 35 10.98 24.07 -41.81
CA ASP C 35 12.81 24.25 -41.31
C ASP C 35 11.82 22.99 -42.49
C ASP C 35 12.64 23.06 -42.26
N ILE C 36 12.08 21.87 -41.80
N ILE C 36 12.46 21.84 -41.74
CA ILE C 36 12.72 20.73 -42.45
CA ILE C 36 12.81 20.64 -42.50
C ILE C 36 11.75 20.19 -43.51
C ILE C 36 11.75 20.28 -43.57
N VAL C 37 10.46 20.35 -43.25
CA VAL C 37 9.42 19.99 -44.22
C VAL C 37 9.60 20.81 -45.48
N LYS C 38 9.63 22.15 -45.36
CA LYS C 38 9.57 22.99 -46.54
C LYS C 38 10.82 22.83 -47.42
N ASN C 39 12.00 22.50 -46.85
CA ASN C 39 13.19 22.38 -47.67
C ASN C 39 13.54 20.94 -48.02
N ALA C 40 12.67 19.97 -47.75
CA ALA C 40 13.00 18.58 -47.96
C ALA C 40 12.87 18.17 -49.43
N ASN C 41 13.72 17.21 -49.81
CA ASN C 41 13.81 16.65 -51.16
C ASN C 41 12.48 16.07 -51.61
N ILE C 42 11.81 15.37 -50.68
CA ILE C 42 10.54 14.72 -50.95
C ILE C 42 9.45 15.78 -51.20
N THR C 43 9.52 16.91 -50.48
CA THR C 43 8.51 17.95 -50.62
C THR C 43 8.65 18.59 -51.98
N ALA C 44 9.90 18.77 -52.40
CA ALA C 44 10.24 19.37 -53.69
C ALA C 44 9.71 18.51 -54.84
N TYR C 45 9.97 17.19 -54.78
CA TYR C 45 9.56 16.27 -55.82
C TYR C 45 8.04 16.23 -55.86
N MET C 46 7.41 16.29 -54.68
CA MET C 46 5.96 16.21 -54.56
C MET C 46 5.29 17.44 -55.16
N LYS C 47 5.81 18.64 -54.86
CA LYS C 47 5.37 19.89 -55.45
C LYS C 47 5.54 19.82 -56.97
N SER C 48 6.69 19.31 -57.44
CA SER C 48 6.96 19.25 -58.87
C SER C 48 5.96 18.33 -59.61
N LYS C 49 4.98 17.76 -58.89
CA LYS C 49 3.96 16.92 -59.50
C LYS C 49 2.57 17.26 -58.96
N GLY C 50 2.43 18.29 -58.09
CA GLY C 50 1.12 18.85 -57.75
C GLY C 50 0.62 18.62 -56.31
N PHE C 51 1.39 17.96 -55.41
CA PHE C 51 0.88 17.60 -54.09
C PHE C 51 1.68 18.26 -52.97
N ASP C 52 1.00 18.51 -51.84
CA ASP C 52 1.65 18.88 -50.59
C ASP C 52 1.34 17.93 -49.44
N ASP C 53 0.29 17.10 -49.55
CA ASP C 53 0.04 16.08 -48.54
C ASP C 53 0.55 14.72 -49.07
N TYR C 54 1.16 13.94 -48.17
CA TYR C 54 1.88 12.73 -48.54
C TYR C 54 0.87 11.63 -48.92
N GLU C 55 -0.22 11.49 -48.15
CA GLU C 55 -1.18 10.43 -48.45
C GLU C 55 -1.67 10.61 -49.89
N ALA C 56 -2.21 11.79 -50.22
CA ALA C 56 -2.59 12.12 -51.59
C ALA C 56 -1.54 11.60 -52.58
N PHE C 57 -0.27 11.95 -52.34
CA PHE C 57 0.83 11.64 -53.24
C PHE C 57 1.14 10.15 -53.30
N TYR C 58 0.94 9.46 -52.17
CA TYR C 58 1.29 8.06 -52.06
C TYR C 58 0.30 7.27 -52.90
N ARG C 59 -0.99 7.65 -52.83
CA ARG C 59 -2.05 6.99 -53.60
C ARG C 59 -1.72 7.16 -55.08
N TRP C 60 -1.26 8.36 -55.45
CA TRP C 60 -0.83 8.65 -56.81
C TRP C 60 0.35 7.76 -57.21
N SER C 61 1.25 7.47 -56.28
CA SER C 61 2.47 6.79 -56.65
C SER C 61 2.21 5.31 -56.93
N LEU C 62 1.16 4.72 -56.31
CA LEU C 62 0.74 3.34 -56.55
C LEU C 62 0.06 3.20 -57.91
N ALA C 63 -0.62 4.26 -58.38
CA ALA C 63 -1.25 4.25 -59.70
C ALA C 63 -0.25 4.56 -60.81
N ASN C 64 0.78 5.37 -60.50
CA ASN C 64 1.70 5.89 -61.51
C ASN C 64 3.15 5.54 -61.19
N ARG C 65 3.39 4.27 -60.84
CA ARG C 65 4.70 3.84 -60.39
C ARG C 65 5.72 3.89 -61.54
N PHE C 66 5.25 3.69 -62.78
CA PHE C 66 6.12 3.70 -63.93
C PHE C 66 6.67 5.12 -64.08
N GLU C 67 5.80 6.12 -63.90
CA GLU C 67 6.20 7.51 -64.04
C GLU C 67 7.12 7.91 -62.89
N PHE C 68 6.81 7.41 -61.68
CA PHE C 68 7.64 7.73 -60.53
C PHE C 68 9.07 7.26 -60.84
N TRP C 69 9.23 5.96 -61.08
CA TRP C 69 10.56 5.35 -61.18
C TRP C 69 11.33 5.80 -62.42
N ASN C 70 10.62 6.27 -63.46
CA ASN C 70 11.28 6.93 -64.58
C ASN C 70 11.96 8.22 -64.17
N ASP C 71 11.19 9.13 -63.53
CA ASP C 71 11.72 10.44 -63.12
C ASP C 71 12.98 10.25 -62.29
N MET C 72 12.99 9.18 -61.48
CA MET C 72 14.11 8.86 -60.63
C MET C 72 15.27 8.50 -61.55
N ALA C 73 15.06 7.51 -62.43
CA ALA C 73 16.13 7.02 -63.28
C ALA C 73 16.65 8.13 -64.17
N LYS C 74 15.83 9.14 -64.49
CA LYS C 74 16.23 10.22 -65.37
C LYS C 74 17.32 11.07 -64.72
N GLU C 75 17.51 11.01 -63.40
CA GLU C 75 18.49 11.87 -62.76
C GLU C 75 19.87 11.20 -62.74
N LEU C 76 20.05 10.10 -63.49
CA LEU C 76 21.24 9.26 -63.48
C LEU C 76 21.79 9.09 -64.90
N HIS C 77 23.09 8.83 -65.06
CA HIS C 77 23.69 8.60 -66.37
C HIS C 77 23.45 7.17 -66.86
N TRP C 78 22.67 7.07 -67.96
CA TRP C 78 22.66 5.89 -68.79
C TRP C 78 23.49 6.05 -70.07
N PHE C 79 24.16 4.94 -70.42
CA PHE C 79 24.86 4.81 -71.69
C PHE C 79 23.88 4.64 -72.85
N GLU C 80 22.67 4.13 -72.57
CA GLU C 80 21.59 3.97 -73.54
C GLU C 80 20.24 3.86 -72.82
N PRO C 81 19.16 4.48 -73.35
CA PRO C 81 17.89 4.51 -72.64
C PRO C 81 17.22 3.13 -72.69
N TRP C 82 16.23 2.92 -71.81
CA TRP C 82 15.57 1.64 -71.62
C TRP C 82 14.30 1.59 -72.48
N LYS C 83 13.87 0.39 -72.90
CA LYS C 83 12.61 0.25 -73.63
C LYS C 83 11.49 0.47 -72.62
N SER C 84 10.94 -0.61 -72.06
CA SER C 84 9.90 -0.48 -71.04
C SER C 84 10.53 -0.31 -69.65
N THR C 85 9.78 0.36 -68.76
CA THR C 85 10.19 0.55 -67.37
C THR C 85 10.18 -0.78 -66.60
N PHE C 86 9.09 -1.54 -66.70
CA PHE C 86 8.99 -2.82 -66.03
C PHE C 86 8.26 -3.83 -66.92
N GLU C 87 8.59 -5.12 -66.76
CA GLU C 87 7.81 -6.21 -67.31
C GLU C 87 8.18 -7.51 -66.60
N TRP C 88 7.24 -8.46 -66.57
CA TRP C 88 7.55 -9.82 -66.13
C TRP C 88 8.19 -10.60 -67.27
N THR C 89 9.30 -11.28 -67.01
CA THR C 89 9.91 -12.18 -67.97
C THR C 89 9.21 -13.53 -67.91
N ASP C 90 9.27 -14.17 -66.75
CA ASP C 90 8.78 -15.53 -66.59
C ASP C 90 8.26 -15.66 -65.16
N LYS C 91 7.12 -15.00 -64.90
CA LYS C 91 6.53 -14.76 -63.60
C LYS C 91 6.68 -15.96 -62.65
N PRO C 92 7.20 -15.83 -61.40
CA PRO C 92 7.54 -14.52 -60.81
C PRO C 92 8.88 -13.79 -60.97
N PHE C 93 9.63 -14.01 -62.06
CA PHE C 93 10.81 -13.21 -62.36
C PHE C 93 10.42 -11.94 -63.10
N PHE C 94 11.36 -10.99 -63.20
CA PHE C 94 11.03 -9.70 -63.78
C PHE C 94 12.29 -8.89 -64.08
N LYS C 95 12.08 -7.76 -64.80
CA LYS C 95 13.13 -6.84 -65.21
C LYS C 95 12.63 -5.39 -65.06
N TRP C 96 13.56 -4.48 -64.75
CA TRP C 96 13.32 -3.05 -64.78
C TRP C 96 14.29 -2.42 -65.78
N PHE C 97 13.79 -1.46 -66.55
CA PHE C 97 14.61 -0.68 -67.47
C PHE C 97 15.27 -1.60 -68.49
N THR C 98 14.43 -2.38 -69.18
CA THR C 98 14.82 -3.40 -70.15
C THR C 98 15.64 -2.80 -71.30
N ASP C 99 16.73 -3.50 -71.64
CA ASP C 99 17.60 -3.15 -72.76
C ASP C 99 18.42 -1.90 -72.45
N GLY C 100 18.12 -1.20 -71.34
CA GLY C 100 18.92 -0.09 -70.84
C GLY C 100 20.37 -0.51 -70.66
N LYS C 101 21.30 0.40 -70.91
CA LYS C 101 22.71 0.11 -70.74
C LYS C 101 23.26 1.11 -69.73
N PHE C 102 23.95 0.59 -68.70
CA PHE C 102 24.13 1.35 -67.47
C PHE C 102 25.34 0.82 -66.71
N ASN C 103 25.86 1.61 -65.78
CA ASN C 103 26.87 1.08 -64.88
C ASN C 103 26.90 1.87 -63.59
N ILE C 104 26.44 1.23 -62.52
CA ILE C 104 26.27 1.91 -61.25
C ILE C 104 27.52 2.72 -60.90
N ALA C 105 28.71 2.21 -61.19
CA ALA C 105 29.94 2.86 -60.74
C ALA C 105 30.09 4.21 -61.43
N TYR C 106 29.55 4.34 -62.63
CA TYR C 106 29.69 5.57 -63.38
C TYR C 106 28.98 6.68 -62.61
N ASN C 107 27.81 6.35 -62.06
CA ASN C 107 27.02 7.30 -61.30
C ASN C 107 27.61 7.55 -59.91
N CYS C 108 28.50 6.66 -59.45
CA CYS C 108 29.19 6.88 -58.19
C CYS C 108 30.48 7.68 -58.39
N LEU C 109 31.17 7.54 -59.54
CA LEU C 109 32.45 8.20 -59.72
C LEU C 109 32.53 9.01 -61.01
N ASP C 110 32.52 8.31 -62.16
CA ASP C 110 32.93 8.87 -63.44
C ASP C 110 32.21 10.21 -63.68
N ARG C 111 30.89 10.23 -63.53
CA ARG C 111 30.10 11.38 -63.92
C ARG C 111 30.40 12.63 -63.07
N TYR C 112 31.16 12.45 -61.98
CA TYR C 112 31.54 13.59 -61.15
C TYR C 112 32.86 14.20 -61.64
N MET C 113 33.63 13.53 -62.50
CA MET C 113 34.92 14.03 -62.93
C MET C 113 34.73 15.22 -63.88
N GLY C 114 35.59 16.26 -63.73
CA GLY C 114 35.42 17.53 -64.41
C GLY C 114 34.27 18.40 -63.85
N THR C 115 33.73 18.10 -62.66
CA THR C 115 32.75 18.95 -61.99
C THR C 115 33.34 19.37 -60.64
N PRO C 116 32.80 20.42 -59.96
CA PRO C 116 33.30 20.79 -58.64
C PRO C 116 33.23 19.63 -57.65
N ILE C 117 32.19 18.78 -57.76
CA ILE C 117 32.00 17.60 -56.93
C ILE C 117 33.23 16.69 -56.89
N GLU C 118 34.10 16.74 -57.91
CA GLU C 118 35.29 15.89 -57.91
C GLU C 118 36.30 16.31 -56.85
N ASP C 119 36.25 17.56 -56.35
CA ASP C 119 37.15 18.00 -55.29
C ASP C 119 36.47 17.93 -53.92
N LYS C 120 35.18 17.55 -53.89
CA LYS C 120 34.45 17.36 -52.65
C LYS C 120 34.78 15.99 -52.06
N VAL C 121 34.73 15.93 -50.72
CA VAL C 121 35.09 14.73 -49.97
C VAL C 121 34.03 13.66 -50.19
N ALA C 122 34.50 12.42 -50.45
CA ALA C 122 33.64 11.26 -50.71
C ALA C 122 33.64 10.33 -49.50
N PHE C 123 34.82 10.03 -48.96
CA PHE C 123 34.94 9.22 -47.78
C PHE C 123 35.87 9.89 -46.78
N TYR C 124 35.32 10.20 -45.60
CA TYR C 124 36.12 10.48 -44.42
C TYR C 124 36.40 9.13 -43.77
N TRP C 125 37.63 8.66 -43.91
CA TRP C 125 37.97 7.39 -43.30
C TRP C 125 38.51 7.65 -41.92
N GLU C 126 38.03 6.82 -40.98
CA GLU C 126 38.45 6.83 -39.59
C GLU C 126 38.85 5.42 -39.19
N GLY C 127 40.09 5.29 -38.71
CA GLY C 127 40.59 4.03 -38.21
C GLY C 127 40.15 3.76 -36.77
N ASP C 128 40.19 2.50 -36.40
CA ASP C 128 40.00 2.06 -35.03
C ASP C 128 40.90 2.84 -34.06
N ASP C 129 42.10 3.25 -34.52
CA ASP C 129 43.11 3.79 -33.63
C ASP C 129 43.07 5.31 -33.61
N GLY C 130 42.20 5.93 -34.40
CA GLY C 130 42.09 7.39 -34.45
C GLY C 130 42.82 8.03 -35.63
N SER C 131 43.59 7.22 -36.37
CA SER C 131 44.23 7.66 -37.59
C SER C 131 43.12 7.87 -38.60
N SER C 132 43.38 8.74 -39.57
CA SER C 132 42.30 9.16 -40.46
C SER C 132 42.88 9.77 -41.72
N ARG C 133 42.04 9.77 -42.77
CA ARG C 133 42.41 10.20 -44.10
C ARG C 133 41.14 10.51 -44.88
N ALA C 134 41.14 11.56 -45.68
CA ALA C 134 39.96 11.88 -46.48
C ALA C 134 40.22 11.64 -47.97
N TYR C 135 39.21 11.11 -48.66
CA TYR C 135 39.33 10.85 -50.09
C TYR C 135 38.25 11.64 -50.83
N THR C 136 38.70 12.37 -51.86
CA THR C 136 37.78 13.11 -52.69
C THR C 136 37.25 12.18 -53.77
N TYR C 137 36.17 12.59 -54.44
CA TYR C 137 35.59 11.77 -55.48
C TYR C 137 36.66 11.50 -56.54
N LYS C 138 37.51 12.50 -56.84
CA LYS C 138 38.64 12.31 -57.73
C LYS C 138 39.57 11.23 -57.16
N GLU C 139 40.02 11.35 -55.90
CA GLU C 139 40.99 10.40 -55.37
C GLU C 139 40.41 8.98 -55.43
N MET C 140 39.08 8.89 -55.28
CA MET C 140 38.36 7.61 -55.23
C MET C 140 38.19 7.01 -56.64
N TYR C 141 37.93 7.86 -57.65
CA TYR C 141 37.95 7.43 -59.04
C TYR C 141 39.30 6.83 -59.41
N VAL C 142 40.36 7.61 -59.27
CA VAL C 142 41.70 7.15 -59.55
C VAL C 142 41.94 5.82 -58.85
N LEU C 143 41.69 5.75 -57.53
CA LEU C 143 42.08 4.55 -56.81
C LEU C 143 41.28 3.38 -57.35
N THR C 144 40.01 3.64 -57.69
CA THR C 144 39.13 2.62 -58.22
C THR C 144 39.66 2.11 -59.57
N ASN C 145 40.18 2.98 -60.43
CA ASN C 145 40.59 2.52 -61.75
C ASN C 145 41.85 1.68 -61.62
N ARG C 146 42.77 2.13 -60.76
CA ARG C 146 44.07 1.49 -60.67
C ARG C 146 43.89 0.11 -60.02
N VAL C 147 42.82 -0.06 -59.23
CA VAL C 147 42.51 -1.37 -58.68
C VAL C 147 41.78 -2.19 -59.74
N ALA C 148 40.79 -1.59 -60.40
CA ALA C 148 40.13 -2.25 -61.53
C ALA C 148 41.18 -2.85 -62.45
N LYS C 149 42.24 -2.09 -62.69
CA LYS C 149 43.29 -2.50 -63.60
C LYS C 149 43.90 -3.80 -63.13
N VAL C 150 44.24 -3.85 -61.86
CA VAL C 150 45.01 -4.97 -61.31
C VAL C 150 44.25 -6.28 -61.45
N LEU C 151 42.92 -6.19 -61.31
CA LEU C 151 42.00 -7.32 -61.48
C LEU C 151 41.97 -7.83 -62.92
N GLN C 152 41.62 -6.93 -63.86
CA GLN C 152 41.60 -7.18 -65.29
C GLN C 152 42.88 -7.90 -65.71
N ASN C 153 44.05 -7.38 -65.27
CA ASN C 153 45.34 -7.95 -65.59
C ASN C 153 45.47 -9.40 -65.16
N GLN C 154 44.47 -9.91 -64.44
CA GLN C 154 44.53 -11.25 -63.89
C GLN C 154 43.40 -12.08 -64.47
N GLY C 155 42.61 -11.51 -65.39
CA GLY C 155 41.64 -12.31 -66.14
C GLY C 155 40.23 -12.20 -65.56
N VAL C 156 39.88 -11.01 -65.07
CA VAL C 156 38.59 -10.76 -64.48
C VAL C 156 37.77 -9.91 -65.47
N LYS C 157 36.63 -10.46 -65.85
CA LYS C 157 35.84 -9.91 -66.94
C LYS C 157 34.37 -10.01 -66.54
N LYS C 158 33.53 -9.23 -67.22
CA LYS C 158 32.10 -9.21 -66.98
C LYS C 158 31.63 -10.62 -66.61
N GLY C 159 30.99 -10.75 -65.45
CA GLY C 159 30.32 -11.97 -64.99
C GLY C 159 31.13 -12.84 -64.01
N ASP C 160 32.47 -12.66 -63.90
CA ASP C 160 33.28 -13.45 -62.99
C ASP C 160 33.07 -12.94 -61.57
N ARG C 161 32.99 -13.86 -60.61
CA ARG C 161 32.72 -13.49 -59.22
C ARG C 161 34.01 -13.15 -58.46
N VAL C 162 34.00 -11.96 -57.79
CA VAL C 162 35.10 -11.48 -56.98
C VAL C 162 34.70 -11.41 -55.50
N ALA C 163 35.31 -12.29 -54.71
CA ALA C 163 35.06 -12.37 -53.29
C ALA C 163 35.90 -11.31 -52.57
N ILE C 164 35.24 -10.66 -51.60
CA ILE C 164 35.80 -9.59 -50.79
C ILE C 164 35.65 -9.93 -49.32
N TYR C 165 36.78 -9.87 -48.59
CA TYR C 165 36.85 -10.23 -47.18
C TYR C 165 37.80 -9.27 -46.50
N MET C 166 37.27 -8.13 -46.06
CA MET C 166 38.14 -7.02 -45.76
C MET C 166 37.66 -6.21 -44.56
N PRO C 167 38.53 -5.39 -43.96
CA PRO C 167 38.11 -4.41 -42.98
C PRO C 167 37.55 -3.17 -43.67
N MET C 168 36.83 -2.38 -42.90
CA MET C 168 36.20 -1.17 -43.37
C MET C 168 37.30 -0.14 -43.58
N ILE C 169 37.92 -0.19 -44.77
CA ILE C 169 38.95 0.76 -45.13
C ILE C 169 38.68 1.23 -46.53
N PRO C 170 39.34 2.29 -47.05
CA PRO C 170 38.98 2.85 -48.35
C PRO C 170 39.06 1.84 -49.51
N GLU C 171 40.16 1.07 -49.54
CA GLU C 171 40.36 0.01 -50.53
C GLU C 171 39.17 -0.93 -50.61
N MET C 172 38.44 -1.16 -49.52
CA MET C 172 37.23 -1.98 -49.62
C MET C 172 36.17 -1.29 -50.48
N ALA C 173 35.89 -0.02 -50.23
CA ALA C 173 34.92 0.65 -51.09
C ALA C 173 35.43 0.62 -52.52
N ALA C 174 36.70 0.96 -52.72
CA ALA C 174 37.30 1.06 -54.04
C ALA C 174 37.23 -0.29 -54.75
N SER C 175 37.56 -1.37 -54.02
CA SER C 175 37.47 -2.73 -54.54
C SER C 175 36.05 -3.09 -54.95
N VAL C 176 35.03 -2.62 -54.20
CA VAL C 176 33.64 -2.85 -54.54
C VAL C 176 33.28 -2.18 -55.88
N LEU C 177 33.82 -0.98 -56.10
CA LEU C 177 33.47 -0.19 -57.28
C LEU C 177 34.25 -0.66 -58.51
N ALA C 178 35.45 -1.22 -58.32
CA ALA C 178 36.21 -1.83 -59.41
C ALA C 178 35.42 -3.01 -59.98
N CYS C 179 34.96 -3.92 -59.11
CA CYS C 179 34.13 -5.02 -59.58
C CYS C 179 32.93 -4.48 -60.36
N ALA C 180 32.37 -3.37 -59.89
CA ALA C 180 31.21 -2.78 -60.53
C ALA C 180 31.60 -2.31 -61.92
N ARG C 181 32.81 -1.76 -62.04
CA ARG C 181 33.20 -1.14 -63.30
C ARG C 181 33.61 -2.21 -64.33
N LEU C 182 34.22 -3.31 -63.90
CA LEU C 182 34.54 -4.39 -64.83
C LEU C 182 33.33 -5.26 -65.17
N GLY C 183 32.14 -4.97 -64.62
CA GLY C 183 30.96 -5.81 -64.87
C GLY C 183 31.00 -7.15 -64.12
N ALA C 184 31.86 -7.25 -63.10
CA ALA C 184 32.04 -8.43 -62.28
C ALA C 184 31.23 -8.30 -60.97
N PRO C 185 30.43 -9.34 -60.71
CA PRO C 185 29.63 -9.38 -59.50
C PRO C 185 30.62 -9.44 -58.35
N HIS C 186 30.44 -8.56 -57.35
CA HIS C 186 31.21 -8.71 -56.12
C HIS C 186 30.41 -9.57 -55.15
N MET C 187 31.12 -10.16 -54.20
CA MET C 187 30.46 -10.93 -53.17
C MET C 187 31.23 -10.68 -51.88
N VAL C 188 30.66 -9.79 -51.08
CA VAL C 188 31.32 -9.35 -49.87
C VAL C 188 30.99 -10.28 -48.70
N VAL C 189 32.03 -10.75 -48.02
CA VAL C 189 31.87 -11.47 -46.78
C VAL C 189 32.33 -10.59 -45.62
N PHE C 190 31.43 -10.45 -44.65
CA PHE C 190 31.67 -9.68 -43.43
C PHE C 190 32.85 -10.25 -42.64
N GLY C 191 33.76 -9.36 -42.19
CA GLY C 191 35.05 -9.71 -41.58
C GLY C 191 34.90 -10.35 -40.21
N GLY C 192 33.68 -10.25 -39.66
CA GLY C 192 33.29 -11.03 -38.50
C GLY C 192 33.21 -12.54 -38.78
N PHE C 193 32.97 -12.95 -40.03
CA PHE C 193 32.81 -14.36 -40.35
C PHE C 193 34.16 -15.08 -40.41
N ALA C 194 34.15 -16.35 -39.97
CA ALA C 194 35.33 -17.21 -39.97
C ALA C 194 35.35 -18.17 -41.17
N ALA C 195 36.30 -19.11 -41.19
CA ALA C 195 36.70 -19.83 -42.40
C ALA C 195 35.57 -20.63 -43.08
N SER C 196 34.88 -21.50 -42.35
CA SER C 196 33.79 -22.30 -42.91
C SER C 196 32.73 -21.42 -43.55
N SER C 197 32.50 -20.23 -43.00
CA SER C 197 31.50 -19.33 -43.55
C SER C 197 32.04 -18.64 -44.78
N LEU C 198 33.36 -18.33 -44.78
CA LEU C 198 34.03 -17.70 -45.91
C LEU C 198 34.01 -18.68 -47.09
N ARG C 199 34.27 -19.95 -46.77
CA ARG C 199 34.33 -21.01 -47.75
C ARG C 199 32.98 -21.27 -48.42
N ASP C 200 31.94 -21.49 -47.61
CA ASP C 200 30.64 -21.93 -48.13
C ASP C 200 30.07 -20.92 -49.12
N ARG C 201 30.32 -19.63 -48.82
CA ARG C 201 29.85 -18.53 -49.62
C ARG C 201 30.70 -18.40 -50.88
N MET C 202 32.00 -18.61 -50.76
CA MET C 202 32.84 -18.49 -51.93
C MET C 202 32.59 -19.64 -52.90
N ASN C 203 32.14 -20.79 -52.41
CA ASN C 203 31.89 -21.92 -53.29
C ASN C 203 30.54 -21.79 -54.01
N ASP C 204 29.50 -21.31 -53.30
CA ASP C 204 28.15 -21.32 -53.86
C ASP C 204 28.19 -20.48 -55.14
N CYS C 205 29.02 -19.42 -55.15
CA CYS C 205 29.12 -18.49 -56.27
C CYS C 205 30.38 -18.71 -57.12
N ASP C 206 31.17 -19.77 -56.84
CA ASP C 206 32.28 -20.24 -57.68
C ASP C 206 33.22 -19.07 -58.01
N ALA C 207 33.76 -18.51 -56.94
CA ALA C 207 34.39 -17.21 -56.98
C ALA C 207 35.76 -17.41 -57.59
N LYS C 208 36.28 -16.41 -58.31
CA LYS C 208 37.50 -16.58 -59.10
C LYS C 208 38.71 -16.01 -58.34
N VAL C 209 38.56 -14.82 -57.74
CA VAL C 209 39.63 -14.24 -56.94
C VAL C 209 39.07 -13.73 -55.61
N LEU C 210 39.99 -13.54 -54.66
CA LEU C 210 39.63 -13.00 -53.35
C LEU C 210 40.46 -11.75 -53.09
N ILE C 211 39.76 -10.65 -52.82
CA ILE C 211 40.39 -9.50 -52.18
C ILE C 211 40.24 -9.54 -50.65
N THR C 212 41.36 -9.39 -49.93
CA THR C 212 41.34 -9.37 -48.48
C THR C 212 42.49 -8.48 -48.00
N ALA C 213 42.85 -8.60 -46.70
CA ALA C 213 43.93 -7.83 -46.11
C ALA C 213 44.68 -8.68 -45.10
N ASP C 214 45.87 -8.21 -44.69
CA ASP C 214 46.70 -8.95 -43.73
C ASP C 214 45.96 -9.06 -42.39
N GLY C 215 45.29 -7.96 -42.03
CA GLY C 215 44.21 -8.01 -41.04
C GLY C 215 43.48 -6.67 -40.92
N GLY C 216 42.53 -6.63 -39.98
CA GLY C 216 41.85 -5.40 -39.63
C GLY C 216 41.94 -5.20 -38.11
N TYR C 217 41.84 -3.94 -37.69
CA TYR C 217 41.84 -3.61 -36.26
C TYR C 217 40.39 -3.52 -35.78
N ARG C 218 40.14 -4.12 -34.60
CA ARG C 218 38.82 -4.12 -33.98
CA ARG C 218 38.82 -4.12 -33.97
C ARG C 218 39.02 -4.07 -32.46
N GLY C 219 38.95 -2.85 -31.93
CA GLY C 219 39.02 -2.66 -30.49
C GLY C 219 40.46 -2.76 -30.01
N GLY C 220 41.37 -2.21 -30.82
CA GLY C 220 42.80 -2.17 -30.54
C GLY C 220 43.49 -3.49 -30.88
N LYS C 221 42.72 -4.57 -31.13
CA LYS C 221 43.29 -5.88 -31.42
C LYS C 221 43.22 -6.19 -32.92
N VAL C 222 44.09 -7.11 -33.37
CA VAL C 222 44.27 -7.47 -34.77
C VAL C 222 43.39 -8.65 -35.15
N ILE C 223 42.52 -8.50 -36.14
CA ILE C 223 41.74 -9.65 -36.57
C ILE C 223 42.50 -10.30 -37.73
N GLU C 224 42.84 -11.58 -37.57
CA GLU C 224 43.73 -12.26 -38.49
C GLU C 224 42.96 -12.62 -39.76
N LEU C 225 42.77 -11.66 -40.69
CA LEU C 225 41.90 -11.89 -41.84
C LEU C 225 42.58 -12.82 -42.86
N LYS C 226 43.83 -12.51 -43.21
CA LYS C 226 44.62 -13.37 -44.07
C LYS C 226 44.63 -14.80 -43.54
N LYS C 227 44.95 -14.97 -42.25
CA LYS C 227 45.14 -16.33 -41.72
C LYS C 227 43.85 -17.13 -41.92
N ILE C 228 42.69 -16.46 -41.76
CA ILE C 228 41.39 -17.11 -41.92
C ILE C 228 41.05 -17.33 -43.40
N ALA C 229 41.42 -16.41 -44.30
CA ALA C 229 41.23 -16.66 -45.72
C ALA C 229 41.97 -17.92 -46.15
N ASP C 230 43.27 -18.04 -45.80
CA ASP C 230 44.05 -19.25 -46.06
C ASP C 230 43.29 -20.53 -45.70
N GLU C 231 42.72 -20.59 -44.50
CA GLU C 231 42.02 -21.78 -44.07
C GLU C 231 40.83 -22.04 -45.01
N ALA C 232 40.21 -20.96 -45.50
CA ALA C 232 39.03 -21.07 -46.35
C ALA C 232 39.40 -21.47 -47.79
N VAL C 233 40.45 -20.83 -48.31
CA VAL C 233 40.81 -20.97 -49.71
C VAL C 233 41.35 -22.39 -49.95
N ALA C 234 42.05 -22.96 -48.98
CA ALA C 234 42.45 -24.36 -49.08
C ALA C 234 41.27 -25.28 -49.43
N GLU C 235 40.02 -24.81 -49.31
CA GLU C 235 38.83 -25.58 -49.66
C GLU C 235 37.89 -24.80 -50.60
N THR C 236 38.46 -23.87 -51.36
CA THR C 236 37.68 -23.14 -52.35
C THR C 236 38.41 -23.35 -53.68
N PRO C 237 38.09 -24.47 -54.38
CA PRO C 237 38.83 -24.90 -55.58
C PRO C 237 39.15 -23.75 -56.55
N THR C 238 38.08 -22.99 -56.85
CA THR C 238 38.02 -21.99 -57.91
C THR C 238 38.98 -20.81 -57.67
N ILE C 239 39.37 -20.49 -56.43
CA ILE C 239 40.18 -19.30 -56.19
C ILE C 239 41.54 -19.43 -56.85
N GLU C 240 41.82 -18.57 -57.83
CA GLU C 240 43.08 -18.55 -58.56
C GLU C 240 44.13 -17.65 -57.90
N LYS C 241 43.68 -16.50 -57.38
CA LYS C 241 44.57 -15.49 -56.84
C LYS C 241 43.87 -14.76 -55.68
N VAL C 242 44.61 -14.58 -54.58
CA VAL C 242 44.17 -13.85 -53.41
C VAL C 242 44.98 -12.56 -53.39
N PHE C 243 44.32 -11.40 -53.41
CA PHE C 243 45.02 -10.10 -53.30
C PHE C 243 44.98 -9.54 -51.87
N VAL C 244 46.10 -9.02 -51.38
CA VAL C 244 46.20 -8.76 -49.95
C VAL C 244 46.56 -7.30 -49.67
N GLN C 245 45.63 -6.61 -49.00
CA GLN C 245 45.90 -5.25 -48.57
C GLN C 245 46.87 -5.25 -47.40
N ARG C 246 47.82 -4.29 -47.47
CA ARG C 246 48.82 -4.14 -46.43
C ARG C 246 48.22 -3.17 -45.42
N HIS C 247 47.46 -3.72 -44.45
CA HIS C 247 46.76 -2.88 -43.50
C HIS C 247 47.39 -2.89 -42.11
N THR C 248 47.57 -4.08 -41.49
CA THR C 248 48.23 -4.23 -40.21
C THR C 248 49.73 -4.04 -40.36
N GLY C 249 50.25 -4.50 -41.50
CA GLY C 249 51.67 -4.47 -41.78
C GLY C 249 52.41 -5.60 -41.07
N PHE C 250 51.66 -6.56 -40.50
CA PHE C 250 52.24 -7.66 -39.77
C PHE C 250 52.71 -8.70 -40.78
N GLU C 251 53.64 -9.55 -40.33
CA GLU C 251 54.04 -10.73 -41.07
C GLU C 251 52.88 -11.72 -41.19
N VAL C 252 52.56 -12.16 -42.41
CA VAL C 252 51.46 -13.09 -42.65
C VAL C 252 51.95 -14.17 -43.62
N PRO C 253 51.35 -15.39 -43.62
CA PRO C 253 51.64 -16.36 -44.66
C PRO C 253 51.11 -15.84 -46.01
N MET C 254 52.01 -15.88 -47.00
CA MET C 254 51.69 -15.65 -48.41
C MET C 254 52.24 -16.85 -49.17
N ALA C 255 51.35 -17.70 -49.69
CA ALA C 255 51.71 -18.79 -50.61
C ALA C 255 52.12 -18.22 -51.98
N GLU C 256 53.42 -18.32 -52.28
CA GLU C 256 53.98 -18.03 -53.58
C GLU C 256 53.07 -18.51 -54.71
N GLY C 257 52.78 -17.60 -55.65
CA GLY C 257 52.02 -17.92 -56.85
C GLY C 257 50.58 -17.43 -56.70
N ARG C 258 49.94 -17.79 -55.59
CA ARG C 258 48.53 -17.49 -55.38
C ARG C 258 48.33 -16.13 -54.69
N ASP C 259 49.22 -15.81 -53.74
CA ASP C 259 48.95 -14.74 -52.80
C ASP C 259 49.86 -13.58 -53.11
N VAL C 260 49.26 -12.40 -53.35
CA VAL C 260 50.05 -11.22 -53.69
C VAL C 260 49.53 -9.96 -52.99
N TYR C 261 50.47 -9.13 -52.54
CA TYR C 261 50.18 -7.85 -51.91
C TYR C 261 49.68 -6.83 -52.94
N LEU C 262 48.65 -6.07 -52.56
CA LEU C 262 47.97 -5.20 -53.48
C LEU C 262 48.84 -4.02 -53.83
N ASP C 263 49.69 -3.59 -52.90
CA ASP C 263 50.41 -2.34 -53.09
C ASP C 263 51.55 -2.57 -54.07
N VAL C 264 52.07 -3.80 -54.14
CA VAL C 264 53.21 -4.13 -54.99
C VAL C 264 52.78 -4.13 -56.45
N LEU C 265 51.61 -4.68 -56.73
CA LEU C 265 51.00 -4.59 -58.04
C LEU C 265 50.65 -3.14 -58.36
N LEU C 266 50.07 -2.42 -57.36
CA LEU C 266 49.66 -1.04 -57.53
C LEU C 266 50.85 -0.14 -57.86
N ASN C 267 52.04 -0.62 -57.50
CA ASN C 267 53.27 0.10 -57.70
C ASN C 267 53.44 0.40 -59.19
N ASP C 268 53.33 -0.64 -60.03
CA ASP C 268 53.55 -0.49 -61.46
C ASP C 268 52.22 -0.28 -62.17
N ILE C 269 51.31 0.47 -61.53
CA ILE C 269 50.04 0.82 -62.15
C ILE C 269 49.88 2.33 -62.03
N PRO C 270 50.26 3.12 -63.07
CA PRO C 270 50.52 4.54 -62.86
C PRO C 270 49.25 5.30 -62.48
N GLU C 271 49.44 6.57 -62.13
CA GLU C 271 48.42 7.38 -61.49
C GLU C 271 47.30 7.77 -62.48
N ASP C 272 47.57 7.74 -63.79
CA ASP C 272 46.60 8.21 -64.77
C ASP C 272 45.86 7.05 -65.44
N THR C 273 45.98 5.83 -64.90
CA THR C 273 45.33 4.67 -65.49
C THR C 273 43.82 4.89 -65.54
N VAL C 274 43.20 4.56 -66.68
CA VAL C 274 41.75 4.63 -66.81
C VAL C 274 41.18 3.34 -67.41
N VAL C 275 40.16 2.79 -66.73
CA VAL C 275 39.40 1.64 -67.24
C VAL C 275 37.94 2.06 -67.45
N PRO C 276 37.43 2.18 -68.69
CA PRO C 276 36.10 2.74 -68.89
C PRO C 276 35.15 1.72 -68.28
N CYS C 277 34.01 2.19 -67.76
CA CYS C 277 33.00 1.32 -67.17
C CYS C 277 32.31 0.51 -68.23
N GLU C 278 32.56 -0.80 -68.19
CA GLU C 278 31.84 -1.76 -69.00
C GLU C 278 30.38 -1.34 -69.05
N PRO C 279 29.80 -1.07 -70.24
CA PRO C 279 28.39 -0.72 -70.34
C PRO C 279 27.57 -2.01 -70.35
N VAL C 280 26.89 -2.30 -69.25
CA VAL C 280 26.27 -3.62 -69.06
C VAL C 280 24.77 -3.43 -69.11
N ASP C 281 24.06 -4.56 -69.16
CA ASP C 281 22.61 -4.53 -69.19
C ASP C 281 22.10 -4.19 -67.79
N SER C 282 21.05 -3.34 -67.76
CA SER C 282 20.35 -2.96 -66.55
C SER C 282 19.90 -4.18 -65.73
N GLU C 283 20.07 -5.40 -66.26
CA GLU C 283 19.71 -6.62 -65.54
C GLU C 283 20.89 -7.57 -65.37
N ASP C 284 22.13 -7.06 -65.45
CA ASP C 284 23.29 -7.90 -65.21
C ASP C 284 23.71 -7.81 -63.77
N MET C 285 24.34 -8.87 -63.29
CA MET C 285 24.69 -9.02 -61.90
C MET C 285 25.62 -7.89 -61.48
N LEU C 286 25.22 -7.20 -60.39
CA LEU C 286 26.07 -6.25 -59.70
C LEU C 286 26.83 -6.97 -58.58
N TYR C 287 26.05 -7.68 -57.75
CA TYR C 287 26.59 -8.42 -56.63
C TYR C 287 25.69 -9.57 -56.18
N ILE C 288 26.30 -10.45 -55.40
CA ILE C 288 25.62 -11.42 -54.56
C ILE C 288 25.91 -11.04 -53.11
N LEU C 289 24.91 -11.21 -52.24
CA LEU C 289 25.12 -11.16 -50.80
C LEU C 289 24.29 -12.23 -50.12
N TYR C 290 24.94 -13.10 -49.34
CA TYR C 290 24.26 -14.20 -48.66
C TYR C 290 23.62 -13.74 -47.35
N THR C 291 22.31 -13.94 -47.22
CA THR C 291 21.59 -13.93 -45.96
C THR C 291 21.07 -15.34 -45.68
N SER C 292 20.28 -15.52 -44.61
CA SER C 292 19.84 -16.84 -44.17
C SER C 292 18.43 -16.79 -43.61
N GLY C 293 17.67 -17.87 -43.88
CA GLY C 293 16.49 -18.22 -43.10
C GLY C 293 16.90 -19.20 -42.00
N SER C 294 15.91 -19.80 -41.34
CA SER C 294 16.20 -20.66 -40.21
C SER C 294 16.25 -22.10 -40.68
N THR C 295 15.97 -22.33 -41.98
CA THR C 295 16.31 -23.61 -42.61
C THR C 295 17.13 -23.38 -43.88
N GLY C 296 17.66 -24.50 -44.39
CA GLY C 296 18.43 -24.50 -45.60
C GLY C 296 19.77 -23.78 -45.44
N LYS C 297 20.62 -23.88 -46.45
CA LYS C 297 21.93 -23.28 -46.45
C LYS C 297 21.79 -21.78 -46.75
N PRO C 298 22.85 -20.95 -46.62
CA PRO C 298 22.79 -19.56 -47.05
C PRO C 298 22.33 -19.28 -48.49
N LYS C 299 21.44 -18.27 -48.63
CA LYS C 299 20.85 -17.80 -49.88
C LYS C 299 21.66 -16.65 -50.46
N GLY C 300 22.32 -16.89 -51.61
CA GLY C 300 23.03 -15.89 -52.39
C GLY C 300 22.08 -14.99 -53.14
N VAL C 301 21.74 -13.86 -52.50
CA VAL C 301 20.78 -12.90 -53.03
C VAL C 301 21.47 -12.18 -54.17
N VAL C 302 20.73 -11.98 -55.25
CA VAL C 302 21.30 -11.45 -56.48
C VAL C 302 20.70 -10.11 -56.80
N HIS C 303 21.56 -9.10 -56.97
CA HIS C 303 21.12 -7.76 -57.35
C HIS C 303 21.80 -7.35 -58.66
N VAL C 304 21.15 -6.41 -59.38
CA VAL C 304 21.54 -6.06 -60.74
C VAL C 304 21.81 -4.55 -60.79
N HIS C 305 22.56 -4.09 -61.79
CA HIS C 305 23.05 -2.71 -61.81
C HIS C 305 21.92 -1.68 -61.91
N GLY C 306 20.91 -1.96 -62.73
CA GLY C 306 20.02 -0.90 -63.18
C GLY C 306 19.03 -0.48 -62.11
N GLY C 307 18.10 -1.39 -61.82
CA GLY C 307 16.99 -1.10 -60.90
C GLY C 307 17.45 -0.95 -59.45
N TYR C 308 18.57 -1.59 -59.09
CA TYR C 308 19.18 -1.44 -57.77
C TYR C 308 19.72 -0.01 -57.60
N ALA C 309 20.45 0.51 -58.58
CA ALA C 309 20.91 1.91 -58.53
C ALA C 309 19.76 2.88 -58.27
N VAL C 310 18.67 2.70 -59.01
CA VAL C 310 17.63 3.72 -59.02
C VAL C 310 16.96 3.74 -57.66
N GLY C 311 16.79 2.55 -57.07
CA GLY C 311 16.16 2.38 -55.78
C GLY C 311 17.00 3.01 -54.68
N CYS C 312 18.27 2.60 -54.59
CA CYS C 312 19.16 3.07 -53.54
C CYS C 312 19.25 4.59 -53.62
N TYR C 313 19.39 5.09 -54.84
CA TYR C 313 19.52 6.52 -55.06
C TYR C 313 18.29 7.25 -54.54
N ALA C 314 17.11 6.76 -54.90
CA ALA C 314 15.87 7.49 -54.61
C ALA C 314 15.53 7.40 -53.13
N THR C 315 15.63 6.20 -52.55
CA THR C 315 15.37 6.06 -51.13
C THR C 315 16.36 6.93 -50.33
N THR C 316 17.64 6.93 -50.74
CA THR C 316 18.65 7.72 -50.05
C THR C 316 18.29 9.21 -50.11
N LYS C 317 17.83 9.63 -51.29
CA LYS C 317 17.49 11.02 -51.53
C LYS C 317 16.32 11.41 -50.63
N PHE C 318 15.31 10.54 -50.51
CA PHE C 318 14.08 10.99 -49.89
C PHE C 318 14.14 10.80 -48.38
N VAL C 319 14.55 9.61 -47.94
CA VAL C 319 14.48 9.23 -46.55
C VAL C 319 15.54 9.99 -45.77
N PHE C 320 16.73 10.17 -46.38
CA PHE C 320 17.81 10.84 -45.67
C PHE C 320 18.06 12.26 -46.17
N ASP C 321 17.30 12.75 -47.14
CA ASP C 321 17.25 14.17 -47.44
C ASP C 321 18.61 14.74 -47.83
N ILE C 322 19.50 13.91 -48.40
CA ILE C 322 20.86 14.35 -48.70
C ILE C 322 20.81 15.71 -49.40
N LYS C 323 21.67 16.62 -48.94
CA LYS C 323 21.90 17.92 -49.57
C LYS C 323 23.40 18.08 -49.77
N PRO C 324 23.85 19.04 -50.59
CA PRO C 324 25.30 19.19 -50.84
C PRO C 324 26.18 19.42 -49.61
N SER C 325 25.62 20.08 -48.59
CA SER C 325 26.35 20.49 -47.39
C SER C 325 26.42 19.36 -46.37
N ASP C 326 25.85 18.19 -46.71
CA ASP C 326 25.64 17.12 -45.74
C ASP C 326 26.82 16.14 -45.69
N VAL C 327 27.14 15.74 -44.46
CA VAL C 327 28.03 14.62 -44.18
C VAL C 327 27.20 13.49 -43.59
N PHE C 328 27.27 12.31 -44.22
CA PHE C 328 26.41 11.20 -43.88
C PHE C 328 27.25 10.10 -43.24
N TRP C 329 26.65 9.41 -42.25
CA TRP C 329 27.29 8.23 -41.66
C TRP C 329 26.28 7.12 -41.37
N CYS C 330 26.48 5.97 -42.05
CA CYS C 330 25.84 4.71 -41.71
C CYS C 330 26.85 3.82 -40.99
N THR C 331 26.52 3.34 -39.80
CA THR C 331 27.48 2.69 -38.93
C THR C 331 27.62 1.22 -39.24
N ALA C 332 26.76 0.69 -40.14
CA ALA C 332 26.78 -0.72 -40.50
C ALA C 332 27.98 -1.03 -41.39
N ASP C 333 28.42 -2.29 -41.28
CA ASP C 333 29.57 -2.80 -42.03
C ASP C 333 29.10 -2.97 -43.47
N ILE C 334 30.03 -2.90 -44.42
CA ILE C 334 29.71 -3.07 -45.83
C ILE C 334 29.46 -4.55 -46.08
N GLY C 335 29.98 -5.40 -45.19
CA GLY C 335 29.60 -6.81 -45.11
C GLY C 335 28.10 -7.09 -45.15
N TRP C 336 27.23 -6.10 -44.86
CA TRP C 336 25.79 -6.31 -44.90
C TRP C 336 25.13 -5.41 -45.94
N VAL C 337 23.89 -5.74 -46.30
CA VAL C 337 23.24 -4.99 -47.35
C VAL C 337 23.15 -3.52 -46.96
N THR C 338 23.05 -3.27 -45.65
CA THR C 338 22.98 -1.93 -45.13
C THR C 338 24.14 -1.10 -45.66
N GLY C 339 25.35 -1.66 -45.57
CA GLY C 339 26.56 -0.98 -46.02
C GLY C 339 26.70 -0.95 -47.54
N HIS C 340 26.11 -1.93 -48.25
CA HIS C 340 26.11 -1.87 -49.71
C HIS C 340 25.20 -0.74 -50.15
N SER C 341 23.94 -0.78 -49.72
CA SER C 341 22.93 0.14 -50.22
C SER C 341 23.07 1.56 -49.65
N TYR C 342 23.54 1.71 -48.41
CA TYR C 342 23.50 3.02 -47.78
C TYR C 342 24.78 3.36 -47.04
N THR C 343 25.91 2.76 -47.46
CA THR C 343 27.19 3.41 -47.23
C THR C 343 27.82 3.77 -48.58
N ILE C 344 27.81 2.84 -49.54
CA ILE C 344 28.53 3.05 -50.77
C ILE C 344 27.64 3.67 -51.82
N TYR C 345 26.59 2.93 -52.21
CA TYR C 345 25.95 3.11 -53.51
C TYR C 345 24.96 4.27 -53.45
N GLY C 346 23.95 4.20 -52.60
CA GLY C 346 22.94 5.24 -52.51
C GLY C 346 23.60 6.58 -52.17
N PRO C 347 24.38 6.66 -51.08
CA PRO C 347 25.09 7.88 -50.72
C PRO C 347 25.96 8.48 -51.81
N MET C 348 26.73 7.66 -52.55
CA MET C 348 27.63 8.22 -53.57
C MET C 348 26.83 8.71 -54.79
N MET C 349 25.76 8.00 -55.15
CA MET C 349 24.90 8.44 -56.23
C MET C 349 24.23 9.76 -55.84
N ASN C 350 24.26 10.15 -54.56
CA ASN C 350 23.71 11.44 -54.13
C ASN C 350 24.86 12.40 -53.82
N ALA C 351 26.09 11.96 -54.12
CA ALA C 351 27.28 12.80 -54.06
C ALA C 351 27.59 13.26 -52.63
N ALA C 352 27.19 12.46 -51.63
CA ALA C 352 27.36 12.84 -50.24
C ALA C 352 28.83 12.73 -49.86
N SER C 353 29.23 13.45 -48.80
CA SER C 353 30.43 13.10 -48.09
C SER C 353 30.06 12.07 -47.03
N ILE C 354 30.80 10.95 -46.97
CA ILE C 354 30.40 9.74 -46.27
C ILE C 354 31.48 9.33 -45.26
N VAL C 355 31.09 9.19 -44.00
CA VAL C 355 32.01 8.72 -42.98
C VAL C 355 32.11 7.21 -43.13
N LEU C 356 33.31 6.67 -42.88
CA LEU C 356 33.57 5.26 -43.03
C LEU C 356 34.53 4.83 -41.92
N PHE C 357 34.04 3.97 -40.99
CA PHE C 357 34.74 3.72 -39.74
C PHE C 357 35.10 2.25 -39.63
N GLU C 358 36.37 1.96 -39.30
CA GLU C 358 36.85 0.61 -39.12
C GLU C 358 36.38 0.01 -37.79
N GLY C 359 36.15 0.89 -36.79
CA GLY C 359 36.24 0.48 -35.39
C GLY C 359 34.92 0.03 -34.79
N ILE C 360 34.81 0.15 -33.47
CA ILE C 360 33.61 -0.30 -32.79
C ILE C 360 33.07 0.81 -31.89
N PRO C 361 31.82 0.70 -31.41
CA PRO C 361 31.20 1.75 -30.60
C PRO C 361 31.80 2.07 -29.23
N THR C 362 32.66 1.15 -28.75
CA THR C 362 33.12 1.12 -27.36
C THR C 362 34.64 1.33 -27.22
N TYR C 363 35.36 1.50 -28.33
CA TYR C 363 36.81 1.60 -28.21
C TYR C 363 37.26 2.91 -28.85
N PRO C 364 38.17 3.67 -28.23
CA PRO C 364 38.66 3.36 -26.87
C PRO C 364 37.68 3.51 -25.72
N ALA C 365 36.55 4.18 -25.92
CA ALA C 365 35.50 4.19 -24.90
C ALA C 365 34.14 4.36 -25.58
N ALA C 366 33.06 4.28 -24.78
CA ALA C 366 31.72 4.16 -25.33
C ALA C 366 31.15 5.51 -25.79
N ASP C 367 32.00 6.55 -25.87
CA ASP C 367 31.65 7.77 -26.57
C ASP C 367 32.23 7.88 -28.00
N ARG C 368 32.71 6.77 -28.59
CA ARG C 368 33.45 6.89 -29.83
C ARG C 368 32.56 7.42 -30.95
N PHE C 369 31.37 6.85 -31.16
CA PHE C 369 30.47 7.40 -32.15
C PHE C 369 30.28 8.92 -31.97
N TRP C 370 30.35 9.43 -30.74
CA TRP C 370 29.97 10.81 -30.59
C TRP C 370 31.18 11.70 -30.83
N SER C 371 32.40 11.20 -30.56
CA SER C 371 33.64 11.80 -31.07
C SER C 371 33.56 11.92 -32.58
N ILE C 372 33.08 10.88 -33.27
CA ILE C 372 33.08 10.82 -34.71
C ILE C 372 32.06 11.83 -35.28
N VAL C 373 30.87 11.91 -34.66
CA VAL C 373 29.88 12.89 -35.11
C VAL C 373 30.48 14.30 -34.98
N GLU C 374 31.17 14.57 -33.88
CA GLU C 374 31.70 15.89 -33.60
C GLU C 374 32.80 16.18 -34.60
N LYS C 375 33.63 15.16 -34.85
CA LYS C 375 34.90 15.33 -35.53
C LYS C 375 34.67 15.65 -36.99
N TYR C 376 33.74 14.94 -37.65
CA TYR C 376 33.44 15.14 -39.06
C TYR C 376 32.21 16.01 -39.29
N LYS C 377 31.68 16.66 -38.23
CA LYS C 377 30.49 17.49 -38.26
C LYS C 377 29.40 16.80 -39.07
N VAL C 378 29.01 15.63 -38.55
CA VAL C 378 28.11 14.69 -39.20
C VAL C 378 26.68 15.22 -39.06
N ASN C 379 25.96 15.17 -40.18
CA ASN C 379 24.64 15.75 -40.30
C ASN C 379 23.56 14.68 -40.28
N ILE C 380 23.89 13.46 -40.71
CA ILE C 380 22.91 12.37 -40.76
C ILE C 380 23.56 11.09 -40.25
N ILE C 381 22.85 10.36 -39.36
CA ILE C 381 23.38 9.13 -38.78
C ILE C 381 22.32 8.04 -38.87
N TYR C 382 22.71 6.91 -39.49
CA TYR C 382 21.90 5.71 -39.62
C TYR C 382 22.67 4.60 -38.91
N THR C 383 22.06 3.97 -37.90
CA THR C 383 22.77 3.08 -36.99
C THR C 383 21.77 2.02 -36.54
N ALA C 384 22.28 1.03 -35.82
CA ALA C 384 21.48 -0.11 -35.40
C ALA C 384 20.96 0.08 -33.97
N PRO C 385 19.72 -0.39 -33.69
CA PRO C 385 19.25 -0.54 -32.31
C PRO C 385 20.22 -1.22 -31.36
N THR C 386 20.96 -2.23 -31.83
CA THR C 386 21.95 -2.88 -30.99
C THR C 386 22.95 -1.84 -30.50
N ALA C 387 23.30 -0.90 -31.36
CA ALA C 387 24.30 0.08 -30.96
C ALA C 387 23.74 0.98 -29.83
N ILE C 388 22.48 1.36 -29.95
CA ILE C 388 21.83 2.22 -28.98
C ILE C 388 21.58 1.47 -27.66
N ARG C 389 21.08 0.24 -27.70
CA ARG C 389 20.97 -0.58 -26.51
C ARG C 389 22.35 -0.74 -25.84
N SER C 390 23.38 -0.97 -26.64
CA SER C 390 24.71 -1.15 -26.10
C SER C 390 25.12 0.08 -25.33
N LEU C 391 24.91 1.24 -25.93
CA LEU C 391 25.49 2.46 -25.39
C LEU C 391 24.63 2.98 -24.22
N MET C 392 23.35 2.63 -24.20
CA MET C 392 22.47 3.07 -23.13
C MET C 392 23.02 2.60 -21.78
N ARG C 393 23.55 1.39 -21.76
CA ARG C 393 24.18 0.81 -20.58
C ARG C 393 25.21 1.75 -19.93
N PHE C 394 25.83 2.70 -20.65
CA PHE C 394 26.94 3.49 -20.13
C PHE C 394 26.58 4.92 -19.68
N GLY C 395 25.30 5.32 -19.72
CA GLY C 395 24.94 6.62 -19.17
C GLY C 395 24.77 7.70 -20.23
N GLU C 396 24.19 8.84 -19.84
CA GLU C 396 23.90 9.90 -20.77
C GLU C 396 24.98 10.98 -20.72
N GLU C 397 25.95 10.77 -19.83
CA GLU C 397 27.11 11.63 -19.66
C GLU C 397 27.97 11.59 -20.92
N LEU C 398 28.15 10.39 -21.49
CA LEU C 398 29.08 10.17 -22.59
C LEU C 398 28.74 11.02 -23.81
N PRO C 399 27.50 10.96 -24.33
CA PRO C 399 27.14 11.86 -25.43
C PRO C 399 27.15 13.35 -25.09
N ALA C 400 26.91 13.70 -23.82
CA ALA C 400 26.84 15.11 -23.45
C ALA C 400 28.20 15.81 -23.51
N ARG C 401 29.30 15.05 -23.35
CA ARG C 401 30.66 15.55 -23.50
C ARG C 401 31.00 16.00 -24.92
N HIS C 402 30.20 15.63 -25.93
CA HIS C 402 30.56 15.99 -27.30
C HIS C 402 29.47 16.85 -27.91
N ASP C 403 29.88 17.74 -28.82
CA ASP C 403 28.97 18.55 -29.61
C ASP C 403 28.40 17.69 -30.75
N LEU C 404 27.10 17.39 -30.65
CA LEU C 404 26.34 16.64 -31.63
C LEU C 404 25.37 17.55 -32.40
N SER C 405 25.59 18.85 -32.35
CA SER C 405 24.60 19.78 -32.88
C SER C 405 24.66 19.90 -34.41
N SER C 406 25.67 19.30 -35.05
CA SER C 406 25.69 19.10 -36.50
C SER C 406 24.53 18.21 -36.94
N LEU C 407 24.08 17.29 -36.07
CA LEU C 407 23.11 16.30 -36.51
C LEU C 407 21.80 17.02 -36.86
N ARG C 408 21.18 16.61 -37.97
CA ARG C 408 19.86 17.10 -38.38
C ARG C 408 18.89 15.94 -38.68
N ILE C 409 19.35 14.68 -38.86
CA ILE C 409 18.50 13.51 -39.06
C ILE C 409 19.12 12.24 -38.45
N LEU C 410 18.27 11.46 -37.76
CA LEU C 410 18.66 10.19 -37.15
C LEU C 410 17.96 9.03 -37.87
N GLY C 411 18.52 7.82 -37.81
CA GLY C 411 17.96 6.65 -38.45
C GLY C 411 18.33 5.36 -37.73
N THR C 412 17.47 4.36 -37.92
CA THR C 412 17.50 3.05 -37.27
C THR C 412 17.38 1.95 -38.33
N VAL C 413 18.18 0.88 -38.23
CA VAL C 413 18.13 -0.19 -39.22
C VAL C 413 18.54 -1.53 -38.61
N GLY C 414 17.89 -2.59 -39.13
CA GLY C 414 18.27 -3.96 -38.84
C GLY C 414 17.19 -4.69 -38.05
N GLU C 415 16.36 -3.93 -37.30
CA GLU C 415 15.35 -4.50 -36.43
C GLU C 415 14.48 -3.39 -35.86
N PRO C 416 13.25 -3.70 -35.38
CA PRO C 416 12.35 -2.65 -34.88
C PRO C 416 13.00 -2.03 -33.64
N ILE C 417 12.90 -0.71 -33.45
CA ILE C 417 13.45 -0.07 -32.25
C ILE C 417 12.39 -0.03 -31.13
N ASN C 418 12.83 -0.25 -29.89
CA ASN C 418 11.95 -0.15 -28.72
C ASN C 418 11.63 1.31 -28.36
N PRO C 419 10.46 1.60 -27.81
CA PRO C 419 10.15 2.97 -27.40
C PRO C 419 11.14 3.52 -26.37
N GLU C 420 11.72 2.64 -25.55
CA GLU C 420 12.71 3.08 -24.56
C GLU C 420 13.99 3.60 -25.24
N ALA C 421 14.49 2.90 -26.27
CA ALA C 421 15.73 3.29 -26.94
C ALA C 421 15.46 4.44 -27.92
N TRP C 422 14.29 4.39 -28.56
CA TRP C 422 13.80 5.50 -29.35
C TRP C 422 13.89 6.75 -28.49
N MET C 423 13.29 6.72 -27.30
CA MET C 423 13.31 7.88 -26.43
C MET C 423 14.76 8.26 -26.15
N TRP C 424 15.61 7.27 -25.85
CA TRP C 424 16.97 7.57 -25.45
C TRP C 424 17.75 8.18 -26.61
N TYR C 425 17.43 7.75 -27.84
CA TYR C 425 18.06 8.26 -29.06
C TYR C 425 17.61 9.71 -29.28
N ARG C 426 16.30 9.94 -29.26
CA ARG C 426 15.77 11.26 -29.55
C ARG C 426 16.29 12.28 -28.54
N LYS C 427 16.32 11.86 -27.27
CA LYS C 427 16.63 12.77 -26.17
C LYS C 427 18.11 13.09 -26.22
N ASN C 428 18.97 12.07 -26.18
CA ASN C 428 20.39 12.30 -25.98
C ASN C 428 21.14 12.65 -27.26
N ILE C 429 20.74 12.09 -28.42
CA ILE C 429 21.46 12.31 -29.66
C ILE C 429 20.71 13.30 -30.54
N GLY C 430 19.40 13.46 -30.31
CA GLY C 430 18.57 14.33 -31.12
C GLY C 430 18.02 15.55 -30.39
N HIS C 431 18.58 15.88 -29.20
CA HIS C 431 18.13 16.99 -28.35
C HIS C 431 16.61 17.19 -28.35
N ASN C 432 15.84 16.08 -28.44
CA ASN C 432 14.37 16.10 -28.44
C ASN C 432 13.76 16.92 -29.60
N GLU C 433 14.44 17.05 -30.75
CA GLU C 433 13.88 17.66 -31.94
C GLU C 433 13.96 16.74 -33.15
N LEU C 434 15.07 15.99 -33.29
CA LEU C 434 15.48 15.39 -34.55
C LEU C 434 14.57 14.23 -34.92
N PRO C 435 14.15 14.09 -36.19
CA PRO C 435 13.42 12.90 -36.62
C PRO C 435 14.27 11.65 -36.54
N ILE C 436 13.60 10.53 -36.31
CA ILE C 436 14.17 9.20 -36.40
C ILE C 436 13.52 8.43 -37.56
N MET C 437 14.33 8.05 -38.55
CA MET C 437 13.89 7.20 -39.63
C MET C 437 14.07 5.73 -39.21
N ASP C 438 12.99 5.13 -38.67
CA ASP C 438 12.91 3.69 -38.41
C ASP C 438 12.59 3.00 -39.74
N THR C 439 13.56 2.23 -40.29
CA THR C 439 13.52 1.74 -41.66
C THR C 439 13.38 0.23 -41.67
N TRP C 440 12.33 -0.27 -42.33
CA TRP C 440 12.21 -1.70 -42.49
C TRP C 440 12.55 -2.05 -43.93
N TRP C 441 13.36 -3.12 -44.05
CA TRP C 441 13.81 -3.69 -45.32
C TRP C 441 14.76 -4.85 -45.07
N GLN C 442 15.11 -5.59 -46.12
CA GLN C 442 15.97 -6.76 -46.00
C GLN C 442 16.92 -6.81 -47.19
N THR C 443 17.90 -7.71 -47.10
CA THR C 443 18.85 -7.97 -48.17
C THR C 443 18.12 -8.27 -49.47
N GLU C 444 17.06 -9.06 -49.37
CA GLU C 444 16.26 -9.46 -50.52
C GLU C 444 15.61 -8.27 -51.22
N THR C 445 15.42 -7.14 -50.52
CA THR C 445 14.62 -6.04 -51.04
C THR C 445 15.55 -4.98 -51.63
N GLY C 446 16.82 -4.98 -51.25
CA GLY C 446 17.78 -4.08 -51.89
C GLY C 446 17.74 -2.66 -51.34
N MET C 447 16.54 -2.13 -51.10
CA MET C 447 16.38 -0.81 -50.52
C MET C 447 15.28 -0.84 -49.45
N ILE C 448 15.23 0.26 -48.71
CA ILE C 448 14.21 0.54 -47.72
C ILE C 448 12.84 0.49 -48.41
N LEU C 449 11.84 -0.13 -47.77
CA LEU C 449 10.48 -0.14 -48.30
C LEU C 449 9.54 0.68 -47.41
N ILE C 450 9.62 0.46 -46.10
CA ILE C 450 8.76 1.16 -45.16
C ILE C 450 9.68 1.95 -44.24
N SER C 451 9.42 3.26 -44.18
CA SER C 451 10.18 4.20 -43.38
C SER C 451 9.52 5.55 -43.43
N PRO C 452 9.69 6.38 -42.38
CA PRO C 452 9.41 7.80 -42.46
C PRO C 452 10.31 8.47 -43.49
N THR C 453 9.79 9.59 -43.99
CA THR C 453 10.55 10.65 -44.61
C THR C 453 10.57 11.80 -43.61
N PRO C 454 11.34 12.87 -43.82
CA PRO C 454 11.29 14.03 -42.94
C PRO C 454 9.93 14.70 -42.79
N ILE C 455 8.93 14.31 -43.57
CA ILE C 455 7.67 15.06 -43.55
C ILE C 455 6.55 14.36 -42.77
N LEU C 456 6.75 13.09 -42.38
CA LEU C 456 5.76 12.39 -41.57
C LEU C 456 6.01 12.62 -40.09
N PRO C 457 4.95 12.85 -39.28
CA PRO C 457 5.03 12.70 -37.83
C PRO C 457 5.48 11.29 -37.48
N LEU C 458 6.17 11.16 -36.33
CA LEU C 458 6.80 9.91 -35.96
C LEU C 458 6.10 9.32 -34.75
N LYS C 459 5.92 8.00 -34.76
CA LYS C 459 5.48 7.28 -33.59
C LYS C 459 6.64 6.41 -33.14
N PRO C 460 7.06 6.50 -31.87
CA PRO C 460 8.06 5.59 -31.36
C PRO C 460 7.74 4.16 -31.76
N GLY C 461 8.69 3.51 -32.45
CA GLY C 461 8.68 2.06 -32.63
C GLY C 461 7.91 1.67 -33.87
N SER C 462 7.69 2.65 -34.75
CA SER C 462 6.85 2.47 -35.92
C SER C 462 7.64 2.77 -37.20
N ALA C 463 7.71 1.81 -38.11
CA ALA C 463 8.41 2.07 -39.37
C ALA C 463 7.61 3.07 -40.21
N SER C 464 6.34 3.27 -39.88
CA SER C 464 5.60 4.42 -40.39
C SER C 464 4.76 4.02 -41.61
N ARG C 465 4.88 4.77 -42.72
CA ARG C 465 4.20 4.49 -43.97
C ARG C 465 5.15 3.95 -45.01
N PRO C 466 4.65 3.26 -46.06
CA PRO C 466 5.51 2.84 -47.15
C PRO C 466 6.06 4.05 -47.89
N LEU C 467 7.23 3.84 -48.50
CA LEU C 467 7.77 4.74 -49.49
C LEU C 467 6.95 4.67 -50.77
N PRO C 468 7.07 5.74 -51.60
CA PRO C 468 6.41 5.81 -52.90
C PRO C 468 6.45 4.51 -53.71
N THR C 469 5.26 4.03 -54.11
CA THR C 469 5.06 2.93 -55.05
C THR C 469 5.05 1.56 -54.35
N ILE C 470 5.35 1.51 -53.05
CA ILE C 470 5.43 0.24 -52.35
C ILE C 470 4.04 -0.15 -51.85
N GLU C 471 3.47 -1.23 -52.38
CA GLU C 471 2.09 -1.56 -52.08
C GLU C 471 2.08 -2.60 -50.98
N ALA C 472 2.32 -2.16 -49.74
CA ALA C 472 2.48 -3.07 -48.61
C ALA C 472 1.14 -3.23 -47.93
N ASP C 473 0.84 -4.43 -47.44
CA ASP C 473 -0.40 -4.66 -46.71
C ASP C 473 -0.16 -5.72 -45.63
N VAL C 474 -1.17 -5.94 -44.79
CA VAL C 474 -1.12 -7.02 -43.82
C VAL C 474 -2.30 -7.93 -44.11
N VAL C 475 -2.04 -9.23 -44.09
CA VAL C 475 -2.91 -10.23 -44.68
C VAL C 475 -2.70 -11.54 -43.93
N ASN C 476 -3.78 -12.31 -43.79
CA ASN C 476 -3.71 -13.67 -43.25
C ASN C 476 -3.16 -14.57 -44.33
N LYS C 477 -3.02 -15.86 -44.01
CA LYS C 477 -2.27 -16.79 -44.82
C LYS C 477 -2.83 -16.91 -46.24
N ASP C 478 -4.11 -16.53 -46.43
CA ASP C 478 -4.78 -16.66 -47.73
C ASP C 478 -4.97 -15.32 -48.44
N GLY C 479 -4.24 -14.27 -48.01
CA GLY C 479 -4.13 -13.05 -48.79
C GLY C 479 -5.24 -12.05 -48.48
N LYS C 480 -6.06 -12.34 -47.46
CA LYS C 480 -7.20 -11.49 -47.12
C LYS C 480 -6.72 -10.39 -46.17
N PRO C 481 -7.01 -9.11 -46.44
CA PRO C 481 -6.50 -8.02 -45.60
C PRO C 481 -7.12 -8.30 -44.24
N VAL C 482 -6.34 -8.12 -43.16
CA VAL C 482 -6.86 -8.25 -41.80
C VAL C 482 -7.23 -6.86 -41.28
N GLY C 483 -6.97 -5.83 -42.09
CA GLY C 483 -7.45 -4.49 -41.82
C GLY C 483 -6.62 -3.83 -40.72
N PRO C 484 -7.03 -2.64 -40.25
CA PRO C 484 -6.42 -2.06 -39.06
C PRO C 484 -6.32 -3.06 -37.91
N GLU C 485 -5.28 -2.87 -37.10
CA GLU C 485 -5.18 -3.24 -35.69
C GLU C 485 -4.80 -4.71 -35.50
N NEP C 486 -5.00 -5.61 -36.48
CA NEP C 486 -4.72 -7.02 -36.25
C NEP C 486 -3.37 -7.37 -36.87
O NEP C 486 -2.90 -6.65 -37.74
CB NEP C 486 -5.84 -7.93 -36.79
CG NEP C 486 -7.20 -7.57 -36.26
ND1 NEP C 486 -8.25 -7.34 -37.12
CD2 NEP C 486 -7.61 -7.38 -34.98
CE1 NEP C 486 -9.28 -7.03 -36.35
NE2 NEP C 486 -8.94 -7.04 -35.03
P NEP C 486 -9.96 -6.68 -33.70
O1P NEP C 486 -11.23 -6.02 -34.23
O2P NEP C 486 -10.28 -7.96 -32.99
O3P NEP C 486 -9.10 -5.77 -32.82
H NEP C 486 -5.30 -5.33 -37.30
HA NEP C 486 -4.67 -7.17 -35.29
HB2 NEP C 486 -5.84 -7.87 -37.77
HB3 NEP C 486 -5.63 -8.86 -36.55
HD2 NEP C 486 -7.09 -7.45 -34.19
HE1 NEP C 486 -10.14 -6.84 -36.67
N GLY C 487 -2.76 -8.45 -36.37
CA GLY C 487 -1.39 -8.77 -36.73
C GLY C 487 -1.30 -9.94 -37.71
N GLY C 488 -0.81 -9.69 -38.92
CA GLY C 488 -0.77 -10.73 -39.93
C GLY C 488 0.61 -10.82 -40.55
N PHE C 489 0.65 -11.40 -41.76
CA PHE C 489 1.83 -11.43 -42.60
C PHE C 489 1.96 -10.12 -43.40
N LEU C 490 3.18 -9.56 -43.46
CA LEU C 490 3.44 -8.32 -44.18
C LEU C 490 3.88 -8.65 -45.60
N ILE C 491 3.15 -8.10 -46.58
CA ILE C 491 3.35 -8.47 -47.98
C ILE C 491 3.42 -7.22 -48.84
N ILE C 492 4.10 -7.37 -49.99
CA ILE C 492 4.14 -6.39 -51.05
C ILE C 492 3.47 -6.96 -52.32
N ARG C 493 2.67 -6.11 -52.98
CA ARG C 493 1.71 -6.54 -53.97
C ARG C 493 2.27 -6.45 -55.40
N HIS C 494 3.15 -5.48 -55.64
N HIS C 494 3.11 -5.43 -55.65
CA HIS C 494 3.78 -5.35 -56.95
CA HIS C 494 3.80 -5.24 -56.92
C HIS C 494 5.26 -4.99 -56.74
C HIS C 494 5.29 -5.13 -56.64
N PRO C 495 6.18 -5.48 -57.60
CA PRO C 495 7.62 -5.24 -57.44
C PRO C 495 8.09 -3.79 -57.48
N TRP C 496 9.36 -3.64 -57.07
CA TRP C 496 10.05 -2.36 -56.97
C TRP C 496 11.46 -2.54 -57.57
N PRO C 497 12.10 -1.48 -58.09
CA PRO C 497 13.34 -1.60 -58.87
C PRO C 497 14.49 -2.36 -58.26
N ALA C 498 14.66 -2.17 -56.95
CA ALA C 498 15.88 -2.56 -56.24
C ALA C 498 15.80 -4.00 -55.74
N GLN C 499 14.68 -4.66 -56.01
CA GLN C 499 14.40 -6.00 -55.54
C GLN C 499 15.42 -6.97 -56.10
N MET C 500 15.56 -8.09 -55.38
CA MET C 500 16.44 -9.17 -55.81
C MET C 500 15.86 -9.69 -57.11
N ARG C 501 16.66 -10.40 -57.92
CA ARG C 501 16.18 -10.94 -59.21
C ARG C 501 16.02 -12.46 -59.15
N THR C 502 16.94 -13.12 -58.44
CA THR C 502 16.91 -14.54 -58.17
C THR C 502 17.70 -14.81 -56.88
N ILE C 503 17.90 -16.10 -56.58
CA ILE C 503 18.88 -16.58 -55.61
C ILE C 503 19.91 -17.40 -56.39
N PHE C 504 21.19 -17.06 -56.24
CA PHE C 504 22.24 -17.58 -57.11
C PHE C 504 22.27 -19.11 -57.10
N GLY C 505 22.02 -19.69 -58.29
CA GLY C 505 22.10 -21.12 -58.52
C GLY C 505 20.84 -21.84 -58.02
N ASP C 506 19.79 -21.11 -57.62
CA ASP C 506 18.70 -21.74 -56.89
C ASP C 506 17.40 -20.97 -57.11
N PRO C 507 17.01 -20.74 -58.38
CA PRO C 507 15.81 -19.95 -58.65
C PRO C 507 14.53 -20.51 -58.03
N ASP C 508 14.56 -21.78 -57.60
CA ASP C 508 13.41 -22.34 -56.91
C ASP C 508 13.21 -21.69 -55.54
N ARG C 509 14.30 -21.29 -54.85
CA ARG C 509 14.16 -20.60 -53.58
C ARG C 509 13.64 -19.19 -53.78
N TYR C 510 14.01 -18.54 -54.88
CA TYR C 510 13.48 -17.22 -55.19
C TYR C 510 11.97 -17.31 -55.40
N LYS C 511 11.49 -18.41 -55.98
CA LYS C 511 10.09 -18.46 -56.35
C LYS C 511 9.22 -18.41 -55.10
N THR C 512 9.66 -19.10 -54.04
CA THR C 512 8.79 -19.36 -52.90
C THR C 512 8.47 -18.06 -52.17
N TYR C 513 9.22 -16.97 -52.43
CA TYR C 513 8.88 -15.64 -51.90
C TYR C 513 7.56 -15.16 -52.52
N TRP C 514 7.34 -15.50 -53.77
CA TRP C 514 6.15 -15.03 -54.47
C TRP C 514 5.01 -16.05 -54.44
N GLU C 515 5.29 -17.28 -54.01
CA GLU C 515 4.35 -18.39 -54.10
C GLU C 515 3.96 -18.90 -52.72
N THR C 516 4.22 -18.11 -51.66
CA THR C 516 3.78 -18.50 -50.33
C THR C 516 2.39 -17.92 -50.11
N ILE C 517 2.16 -16.69 -50.60
CA ILE C 517 0.80 -16.17 -50.60
C ILE C 517 0.47 -15.77 -52.02
N PRO C 518 -0.64 -16.27 -52.62
CA PRO C 518 -0.94 -16.02 -54.04
C PRO C 518 -0.69 -14.58 -54.48
N ASP C 519 0.25 -14.40 -55.44
CA ASP C 519 0.36 -13.23 -56.29
C ASP C 519 1.02 -12.05 -55.59
N VAL C 520 1.74 -12.33 -54.48
CA VAL C 520 2.29 -11.31 -53.60
C VAL C 520 3.62 -11.77 -53.00
N TYR C 521 4.49 -10.76 -52.79
CA TYR C 521 5.81 -10.95 -52.21
C TYR C 521 5.71 -11.14 -50.69
N PHE C 522 6.35 -12.20 -50.18
CA PHE C 522 6.28 -12.56 -48.78
C PHE C 522 7.56 -12.11 -48.08
N ALA C 523 7.48 -10.93 -47.44
CA ALA C 523 8.64 -10.24 -46.91
C ALA C 523 9.27 -11.08 -45.81
N GLY C 524 8.42 -11.77 -45.02
CA GLY C 524 8.83 -12.78 -44.06
C GLY C 524 8.71 -12.31 -42.61
N ASP C 525 8.25 -11.07 -42.42
CA ASP C 525 8.05 -10.45 -41.12
C ASP C 525 6.55 -10.38 -40.88
N ALA C 526 6.15 -10.33 -39.61
CA ALA C 526 4.77 -10.07 -39.21
C ALA C 526 4.64 -8.59 -38.85
N ALA C 527 3.48 -7.98 -39.08
CA ALA C 527 3.33 -6.57 -38.75
C ALA C 527 1.88 -6.22 -38.42
N THR C 528 1.69 -4.96 -38.04
CA THR C 528 0.37 -4.43 -37.73
C THR C 528 0.32 -3.02 -38.29
N MET C 529 -0.76 -2.73 -39.00
CA MET C 529 -1.02 -1.41 -39.54
C MET C 529 -2.08 -0.81 -38.63
N ASP C 530 -1.97 0.49 -38.29
CA ASP C 530 -2.91 1.08 -37.36
C ASP C 530 -3.76 2.11 -38.11
N LYS C 531 -4.69 2.77 -37.41
CA LYS C 531 -5.70 3.60 -38.06
C LYS C 531 -5.04 4.62 -38.99
N MET C 532 -3.82 5.07 -38.72
CA MET C 532 -3.22 6.10 -39.55
C MET C 532 -2.45 5.49 -40.72
N GLY C 533 -2.38 4.15 -40.78
CA GLY C 533 -1.62 3.45 -41.80
C GLY C 533 -0.17 3.19 -41.36
N TYR C 534 0.13 3.50 -40.09
CA TYR C 534 1.48 3.37 -39.58
C TYR C 534 1.73 1.89 -39.31
N PHE C 535 2.79 1.35 -39.92
CA PHE C 535 3.20 -0.05 -39.78
C PHE C 535 4.13 -0.21 -38.56
N ARG C 536 4.03 -1.38 -37.92
CA ARG C 536 4.88 -1.74 -36.80
C ARG C 536 5.29 -3.18 -37.02
N ILE C 537 6.60 -3.43 -37.06
CA ILE C 537 7.06 -4.77 -37.39
C ILE C 537 7.19 -5.61 -36.11
N GLN C 538 6.80 -6.89 -36.17
CA GLN C 538 6.83 -7.75 -34.99
C GLN C 538 7.76 -8.96 -35.19
N GLY C 539 8.83 -8.83 -35.97
CA GLY C 539 9.83 -9.88 -36.06
C GLY C 539 9.53 -10.96 -37.12
N ARG C 540 10.58 -11.77 -37.36
CA ARG C 540 10.60 -12.72 -38.45
C ARG C 540 9.68 -13.90 -38.12
N VAL C 541 8.84 -14.31 -39.07
CA VAL C 541 7.84 -15.35 -38.83
C VAL C 541 8.52 -16.72 -38.86
N ASP C 542 9.63 -16.85 -39.62
CA ASP C 542 10.36 -18.11 -39.71
C ASP C 542 11.21 -18.32 -38.44
N ASP C 543 11.24 -17.31 -37.56
CA ASP C 543 11.90 -17.42 -36.27
C ASP C 543 13.40 -17.61 -36.49
N VAL C 544 13.93 -17.03 -37.58
CA VAL C 544 15.36 -17.03 -37.84
C VAL C 544 16.05 -16.41 -36.63
N ILE C 545 17.26 -16.89 -36.36
CA ILE C 545 18.12 -16.29 -35.37
C ILE C 545 18.63 -14.93 -35.84
N LYS C 546 18.38 -13.82 -35.10
CA LYS C 546 18.94 -12.51 -35.41
C LYS C 546 19.77 -11.98 -34.26
N VAL C 547 21.11 -12.00 -34.38
CA VAL C 547 22.00 -11.48 -33.35
C VAL C 547 22.54 -10.13 -33.81
N SER C 548 22.54 -9.13 -32.92
CA SER C 548 23.00 -7.78 -33.20
C SER C 548 22.43 -7.28 -34.53
N GLY C 549 21.20 -7.68 -34.86
CA GLY C 549 20.55 -7.18 -36.06
C GLY C 549 20.82 -7.98 -37.33
N HIS C 550 21.42 -9.18 -37.21
CA HIS C 550 21.97 -9.93 -38.34
C HIS C 550 21.46 -11.36 -38.38
N ARG C 551 20.90 -11.76 -39.51
CA ARG C 551 20.27 -13.05 -39.67
C ARG C 551 21.33 -14.14 -39.76
N LEU C 552 21.21 -15.17 -38.93
CA LEU C 552 22.17 -16.28 -38.90
C LEU C 552 21.44 -17.56 -39.25
N GLY C 553 22.06 -18.35 -40.13
CA GLY C 553 21.49 -19.64 -40.48
C GLY C 553 21.57 -20.57 -39.28
N SER C 554 20.42 -21.11 -38.90
CA SER C 554 20.43 -22.25 -38.00
C SER C 554 21.22 -23.43 -38.57
N MET C 555 21.14 -23.69 -39.89
CA MET C 555 21.78 -24.88 -40.46
C MET C 555 23.31 -24.71 -40.48
N GLU C 556 23.81 -23.50 -40.62
CA GLU C 556 25.24 -23.29 -40.73
C GLU C 556 25.95 -23.62 -39.40
N ILE C 557 25.30 -23.22 -38.29
CA ILE C 557 25.77 -23.45 -36.94
C ILE C 557 25.66 -24.95 -36.61
N GLU C 558 24.58 -25.56 -37.08
CA GLU C 558 24.35 -26.96 -36.77
C GLU C 558 25.38 -27.82 -37.49
N SER C 559 25.85 -27.41 -38.68
CA SER C 559 26.80 -28.21 -39.44
C SER C 559 28.18 -28.20 -38.79
N SER C 560 28.58 -27.03 -38.27
CA SER C 560 29.90 -26.90 -37.68
C SER C 560 29.95 -27.73 -36.41
N LEU C 561 28.80 -27.81 -35.72
CA LEU C 561 28.71 -28.63 -34.54
C LEU C 561 28.74 -30.09 -34.92
N VAL C 562 27.99 -30.47 -35.97
CA VAL C 562 27.85 -31.89 -36.36
C VAL C 562 29.19 -32.41 -36.92
N SER C 563 30.05 -31.52 -37.42
CA SER C 563 31.37 -31.88 -37.92
C SER C 563 32.37 -32.04 -36.78
N HIS C 564 31.96 -31.83 -35.55
CA HIS C 564 32.86 -32.12 -34.45
C HIS C 564 32.83 -33.62 -34.23
N PRO C 565 33.96 -34.26 -33.88
CA PRO C 565 33.94 -35.69 -33.50
C PRO C 565 32.96 -36.17 -32.42
N ALA C 566 32.46 -35.23 -31.60
CA ALA C 566 31.68 -35.54 -30.41
C ALA C 566 30.17 -35.56 -30.70
N VAL C 567 29.77 -34.81 -31.72
CA VAL C 567 28.37 -34.54 -31.95
C VAL C 567 27.77 -35.47 -32.99
N ALA C 568 26.56 -35.96 -32.73
CA ALA C 568 25.74 -36.65 -33.73
C ALA C 568 24.78 -35.67 -34.43
N GLU C 569 24.09 -34.80 -33.66
CA GLU C 569 23.11 -33.89 -34.22
C GLU C 569 23.03 -32.60 -33.39
N ALA C 570 22.53 -31.52 -33.99
CA ALA C 570 22.37 -30.26 -33.28
C ALA C 570 21.12 -29.52 -33.72
N ALA C 571 20.60 -28.66 -32.84
CA ALA C 571 19.44 -27.84 -33.12
C ALA C 571 19.69 -26.48 -32.52
N ALA C 572 19.56 -25.42 -33.33
CA ALA C 572 19.91 -24.07 -32.90
C ALA C 572 18.67 -23.19 -32.95
N ILE C 573 18.43 -22.51 -31.82
CA ILE C 573 17.38 -21.52 -31.73
C ILE C 573 18.02 -20.23 -31.28
N GLY C 574 17.25 -19.15 -31.35
CA GLY C 574 17.63 -17.90 -30.70
C GLY C 574 16.74 -17.63 -29.50
N LYS C 575 17.36 -17.30 -28.37
CA LYS C 575 16.64 -16.90 -27.17
C LYS C 575 16.83 -15.42 -26.91
N PRO C 576 15.84 -14.72 -26.34
CA PRO C 576 15.96 -13.26 -26.17
C PRO C 576 17.18 -12.87 -25.31
N ASP C 577 17.76 -11.70 -25.66
CA ASP C 577 18.98 -11.19 -25.08
C ASP C 577 18.87 -9.67 -25.03
N GLU C 578 19.18 -9.07 -23.88
CA GLU C 578 18.87 -7.65 -23.65
C GLU C 578 19.49 -6.73 -24.71
N VAL C 579 20.78 -6.88 -24.98
CA VAL C 579 21.49 -5.98 -25.87
C VAL C 579 21.31 -6.41 -27.33
N LYS C 580 21.52 -7.71 -27.61
CA LYS C 580 21.72 -8.21 -28.97
C LYS C 580 20.42 -8.68 -29.61
N GLY C 581 19.30 -8.62 -28.86
CA GLY C 581 18.01 -9.03 -29.38
C GLY C 581 17.81 -10.50 -29.08
N GLU C 582 18.55 -11.34 -29.80
CA GLU C 582 18.60 -12.76 -29.52
C GLU C 582 20.04 -13.16 -29.22
N HIS C 583 20.23 -14.35 -28.66
CA HIS C 583 21.52 -15.01 -28.67
C HIS C 583 21.30 -16.50 -28.94
N VAL C 584 22.34 -17.17 -29.41
CA VAL C 584 22.18 -18.53 -29.87
C VAL C 584 22.18 -19.48 -28.67
N LYS C 585 21.22 -20.40 -28.65
CA LYS C 585 21.34 -21.60 -27.83
C LYS C 585 21.39 -22.79 -28.78
N VAL C 586 22.09 -23.86 -28.37
CA VAL C 586 22.15 -25.07 -29.17
CA VAL C 586 22.19 -25.07 -29.17
C VAL C 586 21.88 -26.29 -28.29
N PHE C 587 21.05 -27.21 -28.79
CA PHE C 587 20.81 -28.49 -28.16
C PHE C 587 21.60 -29.53 -28.94
N VAL C 588 22.44 -30.29 -28.25
CA VAL C 588 23.42 -31.12 -28.90
C VAL C 588 23.20 -32.57 -28.48
N ILE C 589 22.98 -33.46 -29.46
CA ILE C 589 23.00 -34.88 -29.22
C ILE C 589 24.42 -35.31 -29.46
N LEU C 590 25.00 -35.98 -28.47
CA LEU C 590 26.34 -36.52 -28.57
C LEU C 590 26.28 -37.94 -29.12
N ARG C 591 27.41 -38.41 -29.63
CA ARG C 591 27.63 -39.81 -29.92
C ARG C 591 27.47 -40.63 -28.65
N ASN C 592 27.00 -41.88 -28.75
CA ASN C 592 26.83 -42.67 -27.53
C ASN C 592 28.20 -42.80 -26.85
N GLY C 593 28.22 -42.54 -25.53
CA GLY C 593 29.37 -42.81 -24.69
C GLY C 593 30.33 -41.63 -24.57
N VAL C 594 29.99 -40.48 -25.16
CA VAL C 594 30.77 -39.29 -24.93
C VAL C 594 30.35 -38.68 -23.59
N GLU C 595 31.34 -38.35 -22.76
CA GLU C 595 31.05 -37.75 -21.47
C GLU C 595 30.70 -36.28 -21.69
N PRO C 596 29.50 -35.88 -21.20
CA PRO C 596 29.00 -34.50 -21.35
C PRO C 596 29.54 -33.43 -20.39
N THR C 597 30.81 -33.08 -20.49
CA THR C 597 31.43 -32.19 -19.52
C THR C 597 31.24 -30.72 -19.91
N GLU C 598 31.60 -29.83 -18.98
CA GLU C 598 31.78 -28.41 -19.27
C GLU C 598 32.99 -28.21 -20.18
N SER C 599 34.06 -28.97 -19.95
CA SER C 599 35.21 -28.91 -20.83
C SER C 599 34.76 -29.01 -22.28
N LEU C 600 33.82 -29.95 -22.54
CA LEU C 600 33.35 -30.25 -23.89
C LEU C 600 32.46 -29.12 -24.38
N ALA C 601 31.51 -28.70 -23.54
CA ALA C 601 30.71 -27.54 -23.82
C ALA C 601 31.60 -26.39 -24.31
N VAL C 602 32.71 -26.16 -23.60
CA VAL C 602 33.58 -25.02 -23.90
C VAL C 602 34.19 -25.17 -25.29
N GLU C 603 34.66 -26.40 -25.57
CA GLU C 603 35.35 -26.78 -26.79
C GLU C 603 34.40 -26.70 -27.99
N LEU C 604 33.15 -27.13 -27.85
CA LEU C 604 32.18 -26.96 -28.92
C LEU C 604 31.92 -25.46 -29.17
N LYS C 605 31.84 -24.62 -28.15
CA LYS C 605 31.55 -23.22 -28.40
C LYS C 605 32.70 -22.64 -29.19
N ARG C 606 33.94 -23.08 -28.87
CA ARG C 606 35.15 -22.60 -29.53
C ARG C 606 35.15 -23.06 -30.98
N HIS C 607 34.77 -24.33 -31.20
CA HIS C 607 34.63 -24.90 -32.51
C HIS C 607 33.76 -24.03 -33.41
N VAL C 608 32.58 -23.66 -32.92
CA VAL C 608 31.69 -22.78 -33.68
C VAL C 608 32.33 -21.39 -33.83
N ARG C 609 33.08 -20.91 -32.82
CA ARG C 609 33.69 -19.57 -32.88
C ARG C 609 34.72 -19.47 -34.01
N THR C 610 35.44 -20.56 -34.30
CA THR C 610 36.59 -20.47 -35.21
C THR C 610 36.21 -20.91 -36.63
N LEU C 611 34.98 -21.41 -36.79
CA LEU C 611 34.50 -21.86 -38.08
C LEU C 611 33.43 -20.91 -38.61
N VAL C 612 32.36 -20.67 -37.84
CA VAL C 612 31.30 -19.78 -38.30
C VAL C 612 31.63 -18.36 -37.93
N GLY C 613 32.09 -18.16 -36.69
CA GLY C 613 32.50 -16.85 -36.19
C GLY C 613 31.91 -16.51 -34.82
N PRO C 614 32.50 -15.51 -34.14
CA PRO C 614 31.97 -15.03 -32.85
C PRO C 614 30.48 -14.66 -32.82
N LEU C 615 29.98 -13.98 -33.85
CA LEU C 615 28.59 -13.53 -33.85
C LEU C 615 27.64 -14.72 -33.72
N ALA C 616 28.06 -15.92 -34.11
CA ALA C 616 27.21 -17.11 -34.11
C ALA C 616 27.52 -18.07 -32.96
N THR C 617 28.56 -17.74 -32.18
CA THR C 617 28.90 -18.61 -31.07
C THR C 617 27.71 -18.73 -30.15
N PRO C 618 27.38 -19.96 -29.72
CA PRO C 618 26.34 -20.18 -28.72
C PRO C 618 26.77 -19.66 -27.35
N ASP C 619 25.90 -18.84 -26.74
CA ASP C 619 26.06 -18.48 -25.35
C ASP C 619 25.67 -19.68 -24.50
N GLU C 620 24.54 -20.32 -24.86
CA GLU C 620 23.99 -21.42 -24.09
C GLU C 620 24.08 -22.69 -24.93
N LEU C 621 24.26 -23.83 -24.28
CA LEU C 621 24.48 -25.09 -24.95
C LEU C 621 24.02 -26.20 -24.00
N GLU C 622 23.02 -26.98 -24.37
CA GLU C 622 22.50 -28.06 -23.56
C GLU C 622 22.70 -29.37 -24.30
N PHE C 623 23.05 -30.43 -23.58
CA PHE C 623 23.19 -31.75 -24.16
C PHE C 623 21.90 -32.54 -23.94
N VAL C 624 21.39 -33.20 -24.99
CA VAL C 624 20.10 -33.87 -24.89
C VAL C 624 20.28 -35.27 -25.49
N THR C 625 19.36 -36.19 -25.17
CA THR C 625 19.43 -37.56 -25.69
C THR C 625 18.60 -37.71 -26.96
N SER C 626 17.80 -36.69 -27.30
CA SER C 626 16.93 -36.73 -28.46
C SER C 626 16.40 -35.34 -28.80
N LEU C 627 15.82 -35.27 -29.99
CA LEU C 627 15.30 -34.07 -30.61
C LEU C 627 14.07 -34.46 -31.42
N PRO C 628 13.10 -33.54 -31.56
CA PRO C 628 11.89 -33.79 -32.35
C PRO C 628 12.06 -33.74 -33.87
N LYS C 629 11.40 -34.67 -34.58
CA LYS C 629 11.58 -34.88 -36.01
C LYS C 629 10.27 -35.17 -36.74
N THR C 630 10.08 -34.54 -37.92
CA THR C 630 9.12 -34.98 -38.94
C THR C 630 9.39 -36.45 -39.27
N ARG C 631 8.37 -37.21 -39.71
CA ARG C 631 8.54 -38.66 -39.83
C ARG C 631 9.64 -38.99 -40.86
N SER C 632 9.83 -38.09 -41.84
CA SER C 632 10.98 -38.13 -42.75
C SER C 632 12.30 -37.86 -42.01
N GLY C 633 12.22 -37.21 -40.85
CA GLY C 633 13.31 -37.25 -39.87
C GLY C 633 14.14 -35.98 -39.85
N LYS C 634 13.57 -34.82 -40.25
CA LYS C 634 14.26 -33.56 -39.99
C LYS C 634 14.00 -33.06 -38.57
N ILE C 635 14.88 -32.17 -38.09
CA ILE C 635 14.71 -31.50 -36.80
C ILE C 635 13.57 -30.48 -36.94
N MET C 636 12.62 -30.50 -35.98
CA MET C 636 11.50 -29.57 -35.98
C MET C 636 11.76 -28.41 -35.02
N ARG C 637 12.30 -27.30 -35.52
CA ARG C 637 12.84 -26.30 -34.61
C ARG C 637 11.74 -25.51 -33.90
N ARG C 638 10.60 -25.29 -34.55
CA ARG C 638 9.54 -24.55 -33.90
C ARG C 638 9.12 -25.25 -32.61
N VAL C 639 9.27 -26.57 -32.59
CA VAL C 639 8.92 -27.38 -31.43
C VAL C 639 10.04 -27.37 -30.40
N VAL C 640 11.31 -27.30 -30.84
CA VAL C 640 12.41 -27.20 -29.90
C VAL C 640 12.32 -25.88 -29.13
N ARG C 641 11.89 -24.82 -29.82
CA ARG C 641 11.79 -23.49 -29.23
C ARG C 641 10.62 -23.46 -28.24
N ALA C 642 9.55 -24.15 -28.59
CA ALA C 642 8.36 -24.27 -27.78
C ALA C 642 8.66 -25.01 -26.47
N ARG C 643 9.42 -26.11 -26.51
CA ARG C 643 9.88 -26.76 -25.30
C ARG C 643 10.46 -25.71 -24.34
N GLU C 644 11.30 -24.78 -24.82
CA GLU C 644 11.97 -23.83 -23.94
C GLU C 644 11.06 -22.68 -23.53
N LEU C 645 10.55 -21.93 -24.51
CA LEU C 645 9.99 -20.62 -24.28
C LEU C 645 8.49 -20.57 -24.54
N GLY C 646 7.91 -21.68 -24.98
CA GLY C 646 6.50 -21.78 -25.30
C GLY C 646 6.21 -21.10 -26.64
N GLU C 647 5.27 -21.66 -27.40
CA GLU C 647 4.76 -21.04 -28.61
C GLU C 647 3.61 -20.11 -28.26
N PRO C 648 3.58 -18.84 -28.73
CA PRO C 648 2.45 -17.96 -28.48
C PRO C 648 1.27 -18.36 -29.35
N VAL C 649 0.04 -18.03 -28.94
CA VAL C 649 -1.15 -18.37 -29.72
C VAL C 649 -1.24 -17.37 -30.89
N LEU D 24 2.06 -11.84 -21.29
CA LEU D 24 2.77 -12.61 -22.34
C LEU D 24 2.78 -14.09 -21.92
N ILE D 25 3.44 -14.37 -20.79
CA ILE D 25 3.79 -15.73 -20.36
C ILE D 25 2.58 -16.69 -20.33
N GLU D 26 1.45 -16.21 -19.79
CA GLU D 26 0.26 -17.01 -19.58
C GLU D 26 -0.33 -17.54 -20.88
N GLU D 27 -0.11 -16.81 -21.99
CA GLU D 27 -0.83 -17.06 -23.22
C GLU D 27 0.07 -17.80 -24.20
N ARG D 28 1.11 -18.45 -23.68
CA ARG D 28 1.99 -19.28 -24.48
C ARG D 28 1.68 -20.76 -24.23
N LEU D 29 1.89 -21.58 -25.25
CA LEU D 29 1.55 -22.99 -25.25
C LEU D 29 2.80 -23.86 -25.29
N PHE D 30 2.96 -24.74 -24.31
CA PHE D 30 4.14 -25.57 -24.25
C PHE D 30 3.78 -27.01 -24.62
N PRO D 31 4.41 -27.60 -25.65
CA PRO D 31 3.98 -28.90 -26.15
C PRO D 31 4.62 -30.07 -25.39
N PRO D 32 3.93 -31.22 -25.39
CA PRO D 32 4.44 -32.40 -24.68
C PRO D 32 5.62 -33.09 -25.34
N PRO D 33 6.32 -34.03 -24.68
N PRO D 33 6.64 -33.36 -24.47
CA PRO D 33 6.96 -35.13 -25.42
CA PRO D 33 7.97 -33.82 -24.89
C PRO D 33 6.11 -36.00 -26.37
C PRO D 33 8.07 -35.18 -25.63
N GLU D 34 5.83 -35.52 -27.59
N GLU D 34 9.29 -35.73 -25.70
CA GLU D 34 5.06 -36.30 -28.57
CA GLU D 34 9.55 -36.99 -26.36
C GLU D 34 5.39 -37.78 -28.42
C GLU D 34 8.96 -38.13 -25.53
N ASP D 35 5.75 -38.19 -27.20
N ASP D 35 8.22 -39.03 -26.22
CA ASP D 35 6.36 -39.50 -27.05
CA ASP D 35 7.97 -40.39 -25.78
C ASP D 35 6.07 -40.05 -25.67
C ASP D 35 6.78 -40.53 -24.83
N ILE D 36 6.07 -39.20 -24.63
N ILE D 36 6.21 -39.42 -24.34
CA ILE D 36 5.29 -39.52 -23.44
CA ILE D 36 5.20 -39.55 -23.29
C ILE D 36 3.87 -39.80 -23.91
C ILE D 36 3.83 -39.82 -23.91
N VAL D 37 3.56 -39.18 -25.07
CA VAL D 37 2.25 -39.25 -25.69
C VAL D 37 2.02 -40.63 -26.26
N LYS D 38 3.02 -41.16 -26.98
CA LYS D 38 2.88 -42.49 -27.58
C LYS D 38 2.62 -43.48 -26.45
N ASN D 39 3.37 -43.38 -25.35
CA ASN D 39 3.29 -44.36 -24.29
C ASN D 39 2.17 -44.06 -23.27
N ALA D 40 1.52 -42.89 -23.34
CA ALA D 40 0.55 -42.53 -22.32
C ALA D 40 -0.63 -43.51 -22.31
N ASN D 41 -1.07 -43.82 -21.09
CA ASN D 41 -2.22 -44.64 -20.75
C ASN D 41 -3.53 -44.13 -21.36
N ILE D 42 -3.76 -42.81 -21.31
CA ILE D 42 -4.93 -42.16 -21.91
C ILE D 42 -4.88 -42.40 -23.43
N THR D 43 -3.67 -42.41 -24.01
CA THR D 43 -3.49 -42.72 -25.42
C THR D 43 -3.91 -44.18 -25.72
N ALA D 44 -3.57 -45.10 -24.80
CA ALA D 44 -3.94 -46.49 -24.93
C ALA D 44 -5.46 -46.66 -24.90
N TYR D 45 -6.13 -45.98 -23.97
CA TYR D 45 -7.56 -46.17 -23.78
C TYR D 45 -8.31 -45.56 -24.96
N MET D 46 -7.82 -44.40 -25.43
CA MET D 46 -8.37 -43.68 -26.57
C MET D 46 -8.25 -44.50 -27.85
N LYS D 47 -7.05 -45.05 -28.09
CA LYS D 47 -6.78 -45.92 -29.23
C LYS D 47 -7.79 -47.07 -29.20
N SER D 48 -7.97 -47.68 -28.02
CA SER D 48 -8.83 -48.86 -27.88
C SER D 48 -10.29 -48.54 -28.21
N LYS D 49 -10.68 -47.25 -28.17
CA LYS D 49 -12.01 -46.83 -28.58
C LYS D 49 -12.02 -46.19 -29.97
N GLY D 50 -10.84 -45.98 -30.57
CA GLY D 50 -10.70 -45.48 -31.94
C GLY D 50 -10.52 -43.96 -32.04
N PHE D 51 -9.76 -43.35 -31.12
CA PHE D 51 -9.52 -41.92 -31.19
C PHE D 51 -8.01 -41.65 -31.10
N ASP D 52 -7.56 -40.67 -31.90
CA ASP D 52 -6.19 -40.17 -31.87
C ASP D 52 -6.09 -38.81 -31.19
N ASP D 53 -7.21 -38.12 -31.07
CA ASP D 53 -7.23 -36.71 -30.71
C ASP D 53 -8.17 -36.47 -29.52
N TYR D 54 -7.70 -35.70 -28.53
CA TYR D 54 -8.39 -35.60 -27.25
C TYR D 54 -9.79 -35.00 -27.40
N GLU D 55 -9.97 -33.99 -28.26
CA GLU D 55 -11.26 -33.32 -28.32
C GLU D 55 -12.32 -34.31 -28.83
N ALA D 56 -12.03 -35.07 -29.89
CA ALA D 56 -12.99 -36.02 -30.44
C ALA D 56 -13.36 -37.02 -29.34
N PHE D 57 -12.36 -37.41 -28.54
CA PHE D 57 -12.56 -38.36 -27.46
C PHE D 57 -13.34 -37.73 -26.29
N TYR D 58 -13.11 -36.43 -26.05
CA TYR D 58 -13.84 -35.75 -24.98
C TYR D 58 -15.31 -35.72 -25.37
N ARG D 59 -15.63 -35.16 -26.54
CA ARG D 59 -17.01 -35.05 -26.99
C ARG D 59 -17.70 -36.41 -27.03
N TRP D 60 -16.93 -37.48 -27.28
CA TRP D 60 -17.46 -38.84 -27.27
C TRP D 60 -17.83 -39.21 -25.85
N SER D 61 -17.03 -38.77 -24.89
CA SER D 61 -17.20 -39.19 -23.51
C SER D 61 -18.35 -38.46 -22.83
N LEU D 62 -18.76 -37.30 -23.37
CA LEU D 62 -19.96 -36.64 -22.87
C LEU D 62 -21.20 -37.38 -23.36
N ALA D 63 -21.17 -37.81 -24.62
CA ALA D 63 -22.28 -38.51 -25.23
C ALA D 63 -22.39 -39.94 -24.70
N ASN D 64 -21.33 -40.48 -24.06
CA ASN D 64 -21.25 -41.91 -23.75
C ASN D 64 -20.64 -42.14 -22.37
N ARG D 65 -21.01 -41.31 -21.40
CA ARG D 65 -20.27 -41.28 -20.16
C ARG D 65 -20.41 -42.63 -19.47
N PHE D 66 -21.60 -43.23 -19.50
CA PHE D 66 -21.84 -44.46 -18.77
C PHE D 66 -20.98 -45.59 -19.35
N GLU D 67 -20.78 -45.65 -20.69
CA GLU D 67 -19.89 -46.65 -21.26
C GLU D 67 -18.49 -46.50 -20.64
N PHE D 68 -17.95 -45.27 -20.68
CA PHE D 68 -16.61 -44.96 -20.18
C PHE D 68 -16.45 -45.45 -18.75
N TRP D 69 -17.38 -45.05 -17.88
CA TRP D 69 -17.27 -45.39 -16.47
C TRP D 69 -17.43 -46.89 -16.23
N ASN D 70 -18.13 -47.62 -17.12
CA ASN D 70 -18.12 -49.08 -17.01
C ASN D 70 -16.74 -49.68 -17.35
N ASP D 71 -16.08 -49.13 -18.39
CA ASP D 71 -14.75 -49.59 -18.77
C ASP D 71 -13.77 -49.41 -17.61
N MET D 72 -13.95 -48.29 -16.90
CA MET D 72 -13.09 -47.95 -15.78
C MET D 72 -13.41 -48.84 -14.59
N ALA D 73 -14.71 -49.03 -14.32
CA ALA D 73 -15.15 -49.87 -13.21
C ALA D 73 -14.84 -51.34 -13.46
N LYS D 74 -14.87 -51.76 -14.74
CA LYS D 74 -14.52 -53.12 -15.12
C LYS D 74 -13.07 -53.45 -14.73
N GLU D 75 -12.20 -52.45 -14.58
CA GLU D 75 -10.78 -52.71 -14.33
C GLU D 75 -10.50 -52.98 -12.85
N LEU D 76 -11.53 -53.01 -12.01
CA LEU D 76 -11.35 -53.30 -10.58
C LEU D 76 -12.14 -54.55 -10.23
N HIS D 77 -11.76 -55.17 -9.10
CA HIS D 77 -12.44 -56.31 -8.51
C HIS D 77 -13.71 -55.88 -7.76
N TRP D 78 -14.84 -56.35 -8.31
CA TRP D 78 -16.16 -56.32 -7.69
C TRP D 78 -16.50 -57.70 -7.16
N PHE D 79 -17.31 -57.75 -6.09
CA PHE D 79 -17.72 -59.00 -5.46
C PHE D 79 -19.00 -59.53 -6.11
N GLU D 80 -19.95 -58.61 -6.40
CA GLU D 80 -21.12 -58.89 -7.21
C GLU D 80 -21.33 -57.68 -8.10
N PRO D 81 -21.65 -57.83 -9.42
CA PRO D 81 -21.69 -56.68 -10.32
C PRO D 81 -22.95 -55.82 -10.18
N TRP D 82 -22.91 -54.65 -10.81
CA TRP D 82 -23.87 -53.59 -10.55
C TRP D 82 -25.03 -53.65 -11.55
N LYS D 83 -26.25 -53.31 -11.11
CA LYS D 83 -27.42 -53.30 -11.99
C LYS D 83 -27.26 -52.17 -13.02
N SER D 84 -27.47 -50.89 -12.62
CA SER D 84 -27.32 -49.75 -13.52
C SER D 84 -26.11 -48.89 -13.13
N THR D 85 -25.60 -48.14 -14.10
CA THR D 85 -24.36 -47.40 -13.97
C THR D 85 -24.55 -46.16 -13.12
N PHE D 86 -25.71 -45.49 -13.26
CA PHE D 86 -25.97 -44.20 -12.64
C PHE D 86 -27.48 -43.95 -12.63
N GLU D 87 -28.03 -43.44 -11.51
CA GLU D 87 -29.40 -42.98 -11.54
C GLU D 87 -29.64 -41.94 -10.47
N TRP D 88 -30.61 -41.07 -10.74
CA TRP D 88 -31.09 -40.17 -9.72
C TRP D 88 -31.96 -41.00 -8.78
N THR D 89 -31.84 -40.73 -7.47
CA THR D 89 -32.79 -41.24 -6.51
C THR D 89 -33.77 -40.09 -6.24
N ASP D 90 -33.58 -39.47 -5.09
CA ASP D 90 -34.28 -38.28 -4.66
C ASP D 90 -33.55 -37.05 -5.20
N LYS D 91 -33.67 -36.80 -6.51
CA LYS D 91 -32.93 -35.70 -7.12
C LYS D 91 -32.89 -34.50 -6.17
N PRO D 92 -31.76 -33.79 -5.97
CA PRO D 92 -30.50 -34.10 -6.65
C PRO D 92 -29.52 -35.07 -6.01
N PHE D 93 -30.00 -35.95 -5.13
CA PHE D 93 -29.23 -37.11 -4.70
C PHE D 93 -29.28 -38.20 -5.77
N PHE D 94 -28.28 -39.09 -5.77
CA PHE D 94 -28.00 -39.97 -6.89
C PHE D 94 -27.04 -41.09 -6.48
N LYS D 95 -26.93 -42.09 -7.36
CA LYS D 95 -26.13 -43.29 -7.07
C LYS D 95 -25.43 -43.72 -8.35
N TRP D 96 -24.25 -44.31 -8.15
CA TRP D 96 -23.47 -44.93 -9.22
C TRP D 96 -23.30 -46.41 -8.90
N PHE D 97 -23.20 -47.23 -9.95
CA PHE D 97 -22.99 -48.66 -9.84
C PHE D 97 -23.87 -49.26 -8.76
N THR D 98 -25.19 -49.31 -9.02
CA THR D 98 -26.17 -49.67 -8.00
C THR D 98 -26.16 -51.17 -7.72
N ASP D 99 -26.54 -51.52 -6.48
CA ASP D 99 -26.69 -52.90 -6.06
C ASP D 99 -25.36 -53.65 -6.16
N GLY D 100 -24.30 -53.00 -6.66
CA GLY D 100 -23.01 -53.66 -6.77
C GLY D 100 -22.35 -53.79 -5.39
N LYS D 101 -21.72 -54.94 -5.15
CA LYS D 101 -21.00 -55.16 -3.92
C LYS D 101 -19.52 -54.97 -4.24
N PHE D 102 -18.79 -54.41 -3.27
CA PHE D 102 -17.45 -53.88 -3.50
C PHE D 102 -16.77 -53.59 -2.15
N ASN D 103 -15.43 -53.54 -2.16
CA ASN D 103 -14.71 -52.95 -1.05
C ASN D 103 -13.39 -52.38 -1.53
N ILE D 104 -13.17 -51.09 -1.25
CA ILE D 104 -12.08 -50.39 -1.88
C ILE D 104 -10.74 -50.94 -1.39
N ALA D 105 -10.70 -51.47 -0.15
CA ALA D 105 -9.42 -51.91 0.41
C ALA D 105 -8.99 -53.20 -0.29
N TYR D 106 -9.98 -53.91 -0.84
CA TYR D 106 -9.74 -55.11 -1.59
C TYR D 106 -8.86 -54.77 -2.79
N ASN D 107 -9.16 -53.64 -3.43
CA ASN D 107 -8.46 -53.24 -4.64
C ASN D 107 -7.16 -52.54 -4.35
N CYS D 108 -6.94 -52.16 -3.08
CA CYS D 108 -5.70 -51.53 -2.69
C CYS D 108 -4.70 -52.54 -2.14
N LEU D 109 -5.19 -53.71 -1.74
CA LEU D 109 -4.39 -54.66 -0.95
C LEU D 109 -4.60 -56.11 -1.40
N ASP D 110 -5.77 -56.66 -1.07
CA ASP D 110 -6.03 -58.08 -1.15
C ASP D 110 -5.75 -58.61 -2.55
N ARG D 111 -6.35 -57.99 -3.56
CA ARG D 111 -6.24 -58.48 -4.93
C ARG D 111 -4.81 -58.50 -5.47
N TYR D 112 -3.84 -57.90 -4.75
CA TYR D 112 -2.44 -57.99 -5.16
C TYR D 112 -1.77 -59.25 -4.58
N MET D 113 -2.32 -59.80 -3.50
CA MET D 113 -1.74 -60.95 -2.83
C MET D 113 -1.97 -62.16 -3.72
N GLY D 114 -0.90 -62.93 -3.97
CA GLY D 114 -0.93 -63.96 -5.00
C GLY D 114 -0.16 -63.55 -6.26
N THR D 115 -0.13 -62.25 -6.59
CA THR D 115 0.65 -61.75 -7.72
C THR D 115 2.04 -61.37 -7.23
N PRO D 116 3.03 -61.09 -8.12
CA PRO D 116 4.35 -60.63 -7.66
C PRO D 116 4.35 -59.15 -7.20
N ILE D 117 3.21 -58.46 -7.37
CA ILE D 117 3.01 -57.13 -6.82
C ILE D 117 3.06 -57.14 -5.29
N GLU D 118 2.88 -58.30 -4.66
CA GLU D 118 2.91 -58.39 -3.20
C GLU D 118 4.30 -58.09 -2.64
N ASP D 119 5.34 -58.17 -3.47
CA ASP D 119 6.69 -57.89 -3.01
C ASP D 119 7.18 -56.52 -3.50
N LYS D 120 6.32 -55.82 -4.25
CA LYS D 120 6.57 -54.46 -4.69
C LYS D 120 6.37 -53.51 -3.52
N VAL D 121 7.21 -52.47 -3.45
CA VAL D 121 7.07 -51.45 -2.42
C VAL D 121 5.74 -50.71 -2.60
N ALA D 122 4.97 -50.58 -1.51
CA ALA D 122 3.70 -49.89 -1.48
C ALA D 122 3.91 -48.47 -0.95
N PHE D 123 4.52 -48.37 0.25
CA PHE D 123 4.96 -47.11 0.81
C PHE D 123 6.47 -47.11 1.07
N TYR D 124 7.14 -46.09 0.53
CA TYR D 124 8.43 -45.66 1.03
C TYR D 124 8.17 -44.59 2.09
N TRP D 125 8.19 -44.98 3.37
CA TRP D 125 7.99 -44.00 4.44
C TRP D 125 9.31 -43.31 4.74
N GLU D 126 9.22 -42.00 4.94
CA GLU D 126 10.35 -41.13 5.26
C GLU D 126 9.99 -40.30 6.49
N GLY D 127 10.74 -40.50 7.55
CA GLY D 127 10.49 -39.80 8.79
C GLY D 127 10.96 -38.34 8.70
N ASP D 128 10.41 -37.50 9.57
CA ASP D 128 10.86 -36.13 9.73
C ASP D 128 12.36 -36.12 9.97
N ASP D 129 12.85 -37.08 10.75
CA ASP D 129 14.25 -37.03 11.17
C ASP D 129 15.19 -37.63 10.15
N GLY D 130 14.69 -38.21 9.05
CA GLY D 130 15.54 -38.81 8.03
C GLY D 130 15.55 -40.35 8.06
N SER D 131 15.08 -40.94 9.16
CA SER D 131 14.82 -42.37 9.26
C SER D 131 13.76 -42.76 8.23
N SER D 132 13.82 -44.02 7.80
CA SER D 132 13.04 -44.44 6.66
C SER D 132 12.74 -45.93 6.78
N ARG D 133 11.68 -46.35 6.08
CA ARG D 133 11.30 -47.75 6.10
C ARG D 133 10.35 -48.04 4.94
N ALA D 134 10.60 -49.15 4.23
CA ALA D 134 9.79 -49.52 3.08
C ALA D 134 8.77 -50.58 3.50
N TYR D 135 7.57 -50.54 2.90
CA TYR D 135 6.55 -51.54 3.17
C TYR D 135 6.00 -52.03 1.83
N THR D 136 6.04 -53.35 1.61
CA THR D 136 5.45 -53.97 0.44
C THR D 136 3.93 -54.05 0.59
N TYR D 137 3.27 -54.30 -0.55
CA TYR D 137 1.83 -54.51 -0.54
C TYR D 137 1.51 -55.65 0.43
N LYS D 138 2.35 -56.70 0.48
CA LYS D 138 2.09 -57.79 1.41
C LYS D 138 2.12 -57.29 2.86
N GLU D 139 3.20 -56.59 3.23
CA GLU D 139 3.42 -56.07 4.57
C GLU D 139 2.28 -55.15 5.03
N MET D 140 1.70 -54.37 4.09
CA MET D 140 0.59 -53.46 4.41
C MET D 140 -0.71 -54.23 4.54
N TYR D 141 -0.88 -55.25 3.70
CA TYR D 141 -2.00 -56.17 3.84
C TYR D 141 -1.89 -56.83 5.21
N VAL D 142 -0.71 -57.33 5.55
CA VAL D 142 -0.55 -57.96 6.85
C VAL D 142 -0.92 -56.94 7.92
N LEU D 143 -0.33 -55.73 7.84
CA LEU D 143 -0.48 -54.73 8.89
C LEU D 143 -1.93 -54.27 9.00
N THR D 144 -2.56 -54.02 7.85
CA THR D 144 -3.93 -53.56 7.81
C THR D 144 -4.83 -54.58 8.49
N ASN D 145 -4.59 -55.86 8.20
CA ASN D 145 -5.43 -56.91 8.72
C ASN D 145 -5.33 -56.90 10.25
N ARG D 146 -4.10 -56.73 10.74
CA ARG D 146 -3.85 -56.85 12.17
C ARG D 146 -4.49 -55.68 12.90
N VAL D 147 -4.53 -54.51 12.26
CA VAL D 147 -5.21 -53.36 12.84
C VAL D 147 -6.74 -53.50 12.72
N ALA D 148 -7.24 -53.91 11.54
CA ALA D 148 -8.65 -54.24 11.41
C ALA D 148 -9.12 -55.13 12.58
N LYS D 149 -8.30 -56.12 12.91
CA LYS D 149 -8.69 -57.08 13.93
C LYS D 149 -8.87 -56.38 15.27
N VAL D 150 -7.87 -55.59 15.65
CA VAL D 150 -7.89 -54.90 16.91
C VAL D 150 -9.14 -54.05 17.02
N LEU D 151 -9.51 -53.41 15.90
CA LEU D 151 -10.68 -52.53 15.83
C LEU D 151 -11.96 -53.36 15.98
N GLN D 152 -11.96 -54.52 15.33
CA GLN D 152 -13.12 -55.39 15.36
C GLN D 152 -13.34 -55.86 16.79
N ASN D 153 -12.25 -56.29 17.45
CA ASN D 153 -12.28 -56.83 18.80
C ASN D 153 -12.80 -55.80 19.79
N GLN D 154 -12.74 -54.53 19.42
CA GLN D 154 -13.16 -53.47 20.32
C GLN D 154 -14.65 -53.20 20.10
N GLY D 155 -15.25 -53.78 19.06
CA GLY D 155 -16.67 -53.62 18.78
C GLY D 155 -17.00 -52.73 17.57
N VAL D 156 -15.98 -52.32 16.80
CA VAL D 156 -16.17 -51.55 15.58
C VAL D 156 -16.76 -52.48 14.52
N LYS D 157 -17.85 -52.02 13.90
CA LYS D 157 -18.56 -52.76 12.86
C LYS D 157 -19.04 -51.76 11.81
N LYS D 158 -19.59 -52.29 10.71
CA LYS D 158 -20.07 -51.47 9.61
C LYS D 158 -20.95 -50.36 10.17
N GLY D 159 -20.76 -49.15 9.63
CA GLY D 159 -21.55 -48.00 10.02
C GLY D 159 -20.84 -47.14 11.07
N ASP D 160 -20.01 -47.79 11.92
CA ASP D 160 -19.38 -47.11 13.03
C ASP D 160 -18.36 -46.12 12.46
N ARG D 161 -18.36 -44.86 12.93
CA ARG D 161 -17.34 -43.89 12.50
C ARG D 161 -16.07 -43.97 13.37
N VAL D 162 -14.90 -44.04 12.73
CA VAL D 162 -13.62 -44.07 13.43
C VAL D 162 -12.85 -42.78 13.14
N ALA D 163 -12.63 -41.97 14.16
CA ALA D 163 -11.88 -40.74 14.02
C ALA D 163 -10.38 -41.04 13.95
N ILE D 164 -9.65 -40.36 13.07
CA ILE D 164 -8.20 -40.51 13.01
C ILE D 164 -7.47 -39.15 13.15
N TYR D 165 -6.52 -39.08 14.11
CA TYR D 165 -5.72 -37.89 14.34
C TYR D 165 -4.26 -38.29 14.46
N MET D 166 -3.57 -38.39 13.32
CA MET D 166 -2.26 -39.03 13.34
C MET D 166 -1.22 -38.23 12.57
N PRO D 167 0.06 -38.49 12.87
CA PRO D 167 1.15 -38.08 12.00
C PRO D 167 1.15 -39.03 10.81
N MET D 168 1.72 -38.54 9.72
CA MET D 168 1.84 -39.22 8.44
C MET D 168 2.86 -40.35 8.55
N ILE D 169 2.37 -41.52 8.99
CA ILE D 169 3.18 -42.69 9.22
C ILE D 169 2.41 -43.90 8.68
N PRO D 170 3.08 -45.06 8.47
CA PRO D 170 2.42 -46.23 7.89
C PRO D 170 1.15 -46.68 8.62
N GLU D 171 1.17 -46.58 9.95
CA GLU D 171 0.03 -46.97 10.74
C GLU D 171 -1.15 -46.04 10.41
N MET D 172 -0.87 -44.89 9.79
CA MET D 172 -1.97 -44.02 9.40
C MET D 172 -2.67 -44.55 8.16
N ALA D 173 -1.89 -44.89 7.14
CA ALA D 173 -2.43 -45.57 5.98
C ALA D 173 -3.24 -46.83 6.40
N ALA D 174 -2.62 -47.69 7.22
CA ALA D 174 -3.18 -48.97 7.60
C ALA D 174 -4.44 -48.79 8.42
N SER D 175 -4.42 -47.80 9.31
CA SER D 175 -5.64 -47.39 9.99
C SER D 175 -6.75 -47.05 8.99
N VAL D 176 -6.44 -46.26 7.96
CA VAL D 176 -7.44 -45.87 6.99
C VAL D 176 -7.95 -47.09 6.21
N LEU D 177 -7.07 -48.00 5.80
CA LEU D 177 -7.48 -49.17 5.05
C LEU D 177 -8.19 -50.20 5.94
N ALA D 178 -7.76 -50.32 7.19
CA ALA D 178 -8.47 -51.14 8.18
C ALA D 178 -9.91 -50.68 8.35
N CYS D 179 -10.17 -49.37 8.35
CA CYS D 179 -11.55 -48.88 8.51
C CYS D 179 -12.37 -49.26 7.28
N ALA D 180 -11.77 -49.07 6.09
CA ALA D 180 -12.40 -49.39 4.84
C ALA D 180 -12.85 -50.86 4.83
N ARG D 181 -12.00 -51.76 5.34
CA ARG D 181 -12.23 -53.18 5.12
C ARG D 181 -13.33 -53.70 6.05
N LEU D 182 -13.44 -53.13 7.27
CA LEU D 182 -14.53 -53.40 8.18
C LEU D 182 -15.84 -52.72 7.78
N GLY D 183 -15.78 -51.74 6.84
CA GLY D 183 -16.93 -50.99 6.35
C GLY D 183 -17.35 -49.86 7.29
N ALA D 184 -16.37 -49.49 8.15
CA ALA D 184 -16.49 -48.39 9.09
C ALA D 184 -15.95 -47.10 8.45
N PRO D 185 -16.84 -46.12 8.20
CA PRO D 185 -16.39 -44.85 7.66
C PRO D 185 -15.44 -44.10 8.60
N HIS D 186 -14.23 -43.90 8.10
CA HIS D 186 -13.23 -43.12 8.79
C HIS D 186 -13.50 -41.63 8.67
N MET D 187 -13.00 -40.92 9.68
CA MET D 187 -13.08 -39.48 9.70
C MET D 187 -11.70 -38.96 10.11
N VAL D 188 -10.93 -38.41 9.17
CA VAL D 188 -9.56 -38.00 9.44
C VAL D 188 -9.52 -36.49 9.67
N VAL D 189 -8.98 -36.13 10.83
CA VAL D 189 -8.65 -34.75 11.15
C VAL D 189 -7.15 -34.54 11.02
N PHE D 190 -6.79 -33.60 10.13
CA PHE D 190 -5.43 -33.13 9.97
C PHE D 190 -4.79 -32.81 11.31
N GLY D 191 -3.51 -33.22 11.50
CA GLY D 191 -2.74 -33.12 12.74
C GLY D 191 -2.41 -31.69 13.18
N GLY D 192 -2.54 -30.71 12.28
CA GLY D 192 -2.34 -29.31 12.59
C GLY D 192 -3.55 -28.66 13.25
N PHE D 193 -4.70 -29.35 13.25
CA PHE D 193 -5.85 -28.90 14.01
C PHE D 193 -5.62 -29.18 15.49
N ALA D 194 -6.22 -28.31 16.32
CA ALA D 194 -6.13 -28.35 17.78
C ALA D 194 -7.45 -28.86 18.36
N ALA D 195 -7.66 -28.69 19.68
CA ALA D 195 -8.66 -29.47 20.42
C ALA D 195 -10.10 -29.23 19.97
N SER D 196 -10.53 -27.96 19.89
CA SER D 196 -11.90 -27.62 19.50
C SER D 196 -12.23 -28.16 18.10
N SER D 197 -11.25 -28.07 17.20
CA SER D 197 -11.46 -28.49 15.82
C SER D 197 -11.63 -30.00 15.77
N LEU D 198 -10.74 -30.71 16.48
CA LEU D 198 -10.83 -32.15 16.61
C LEU D 198 -12.18 -32.54 17.22
N ARG D 199 -12.51 -31.93 18.35
CA ARG D 199 -13.77 -32.12 19.05
C ARG D 199 -14.97 -31.92 18.13
N ASP D 200 -15.05 -30.77 17.48
CA ASP D 200 -16.25 -30.42 16.72
C ASP D 200 -16.55 -31.45 15.62
N ARG D 201 -15.51 -31.92 14.93
CA ARG D 201 -15.64 -32.92 13.89
C ARG D 201 -16.00 -34.28 14.47
N MET D 202 -15.30 -34.73 15.51
CA MET D 202 -15.69 -35.97 16.16
C MET D 202 -17.16 -35.95 16.61
N ASN D 203 -17.64 -34.81 17.14
CA ASN D 203 -19.00 -34.68 17.63
C ASN D 203 -20.07 -34.64 16.53
N ASP D 204 -19.80 -33.93 15.42
CA ASP D 204 -20.72 -33.82 14.31
C ASP D 204 -21.04 -35.20 13.72
N CYS D 205 -20.07 -36.13 13.75
CA CYS D 205 -20.24 -37.42 13.11
C CYS D 205 -20.42 -38.54 14.15
N ASP D 206 -20.45 -38.19 15.44
CA ASP D 206 -20.69 -39.12 16.55
C ASP D 206 -19.73 -40.31 16.41
N ALA D 207 -18.44 -40.00 16.40
CA ALA D 207 -17.38 -41.00 16.34
C ALA D 207 -17.40 -41.87 17.58
N LYS D 208 -17.03 -43.15 17.40
CA LYS D 208 -17.11 -44.19 18.43
C LYS D 208 -15.72 -44.44 19.04
N VAL D 209 -14.67 -44.50 18.21
CA VAL D 209 -13.28 -44.66 18.66
C VAL D 209 -12.40 -43.67 17.91
N LEU D 210 -11.15 -43.49 18.41
CA LEU D 210 -10.21 -42.50 17.89
C LEU D 210 -8.83 -43.14 17.89
N ILE D 211 -8.21 -43.21 16.71
CA ILE D 211 -6.82 -43.65 16.56
C ILE D 211 -5.94 -42.40 16.48
N THR D 212 -4.90 -42.34 17.32
CA THR D 212 -4.03 -41.17 17.35
C THR D 212 -2.61 -41.62 17.71
N ALA D 213 -1.77 -40.69 18.12
CA ALA D 213 -0.43 -41.06 18.54
C ALA D 213 0.03 -40.23 19.74
N ASP D 214 1.04 -40.76 20.44
CA ASP D 214 1.62 -40.08 21.59
C ASP D 214 2.04 -38.68 21.14
N GLY D 215 2.49 -38.61 19.87
CA GLY D 215 2.73 -37.37 19.18
C GLY D 215 3.26 -37.63 17.77
N GLY D 216 3.56 -36.55 17.05
CA GLY D 216 4.29 -36.66 15.79
C GLY D 216 5.43 -35.63 15.73
N TYR D 217 6.29 -35.71 14.72
CA TYR D 217 7.40 -34.79 14.57
C TYR D 217 7.17 -33.90 13.36
N ARG D 218 7.42 -32.60 13.56
CA ARG D 218 7.30 -31.59 12.51
CA ARG D 218 7.29 -31.58 12.53
C ARG D 218 8.45 -30.61 12.71
N GLY D 219 9.46 -30.73 11.85
CA GLY D 219 10.62 -29.85 11.86
C GLY D 219 11.43 -30.01 13.13
N GLY D 220 11.54 -31.25 13.59
CA GLY D 220 12.38 -31.58 14.72
C GLY D 220 11.70 -31.30 16.06
N LYS D 221 10.59 -30.56 16.07
CA LYS D 221 9.83 -30.39 17.30
C LYS D 221 8.71 -31.46 17.41
N VAL D 222 8.32 -31.81 18.64
CA VAL D 222 7.24 -32.74 18.88
C VAL D 222 5.89 -32.02 18.82
N ILE D 223 4.92 -32.63 18.14
CA ILE D 223 3.54 -32.18 18.25
C ILE D 223 2.79 -33.06 19.26
N GLU D 224 2.18 -32.39 20.26
CA GLU D 224 1.63 -33.10 21.41
C GLU D 224 0.20 -33.57 21.09
N LEU D 225 0.13 -34.51 20.13
CA LEU D 225 -1.11 -35.04 19.57
C LEU D 225 -2.03 -35.67 20.61
N LYS D 226 -1.51 -36.61 21.41
CA LYS D 226 -2.32 -37.25 22.45
C LYS D 226 -2.77 -36.24 23.50
N LYS D 227 -1.91 -35.29 23.87
CA LYS D 227 -2.31 -34.31 24.88
C LYS D 227 -3.50 -33.53 24.32
N ILE D 228 -3.47 -33.24 23.00
CA ILE D 228 -4.51 -32.45 22.36
C ILE D 228 -5.80 -33.24 22.22
N ALA D 229 -5.68 -34.53 21.92
CA ALA D 229 -6.81 -35.43 21.85
C ALA D 229 -7.53 -35.51 23.19
N ASP D 230 -6.80 -35.40 24.30
CA ASP D 230 -7.45 -35.49 25.61
C ASP D 230 -8.36 -34.29 25.81
N GLU D 231 -7.86 -33.10 25.47
CA GLU D 231 -8.67 -31.89 25.51
C GLU D 231 -9.96 -32.11 24.70
N ALA D 232 -9.87 -32.76 23.53
CA ALA D 232 -11.02 -32.95 22.66
C ALA D 232 -11.96 -34.04 23.18
N VAL D 233 -11.41 -35.19 23.58
CA VAL D 233 -12.23 -36.36 23.90
C VAL D 233 -13.07 -36.13 25.16
N ALA D 234 -12.56 -35.33 26.11
CA ALA D 234 -13.29 -34.91 27.30
C ALA D 234 -14.64 -34.30 26.94
N GLU D 235 -14.70 -33.56 25.84
CA GLU D 235 -15.92 -32.90 25.42
C GLU D 235 -16.54 -33.66 24.24
N THR D 236 -16.12 -34.93 24.06
CA THR D 236 -16.59 -35.75 22.96
C THR D 236 -17.22 -37.01 23.55
N PRO D 237 -18.47 -36.88 24.06
CA PRO D 237 -19.13 -37.96 24.82
C PRO D 237 -19.23 -39.36 24.20
N THR D 238 -19.22 -39.49 22.85
CA THR D 238 -19.53 -40.77 22.21
C THR D 238 -18.29 -41.65 22.09
N ILE D 239 -17.09 -41.10 22.36
CA ILE D 239 -15.83 -41.81 22.20
C ILE D 239 -15.69 -42.84 23.30
N GLU D 240 -15.63 -44.12 22.90
CA GLU D 240 -15.56 -45.24 23.81
C GLU D 240 -14.12 -45.65 24.04
N LYS D 241 -13.16 -45.23 23.19
CA LYS D 241 -11.80 -45.76 23.21
C LYS D 241 -10.84 -44.89 22.40
N VAL D 242 -9.56 -44.88 22.83
CA VAL D 242 -8.49 -44.24 22.09
C VAL D 242 -7.33 -45.22 21.92
N PHE D 243 -6.93 -45.46 20.67
CA PHE D 243 -5.77 -46.26 20.38
C PHE D 243 -4.65 -45.28 20.14
N VAL D 244 -3.48 -45.56 20.72
CA VAL D 244 -2.35 -44.64 20.70
C VAL D 244 -1.16 -45.34 20.09
N GLN D 245 -0.74 -44.85 18.92
CA GLN D 245 0.49 -45.33 18.28
C GLN D 245 1.68 -44.79 19.05
N ARG D 246 2.63 -45.67 19.36
CA ARG D 246 3.85 -45.27 20.05
C ARG D 246 4.87 -44.79 19.04
N HIS D 247 4.83 -43.48 18.73
CA HIS D 247 5.65 -42.85 17.68
C HIS D 247 6.80 -42.01 18.27
N THR D 248 6.53 -41.07 19.18
CA THR D 248 7.58 -40.24 19.74
C THR D 248 8.33 -41.06 20.76
N GLY D 249 7.53 -41.80 21.54
CA GLY D 249 7.98 -42.57 22.67
C GLY D 249 7.89 -41.81 23.98
N PHE D 250 7.49 -40.54 23.95
CA PHE D 250 7.53 -39.70 25.14
C PHE D 250 6.46 -40.14 26.11
N GLU D 251 6.69 -39.89 27.40
CA GLU D 251 5.68 -40.26 28.39
C GLU D 251 4.47 -39.37 28.14
N VAL D 252 3.28 -39.98 28.08
CA VAL D 252 2.06 -39.21 27.80
C VAL D 252 0.98 -39.78 28.70
N PRO D 253 0.00 -38.94 29.12
CA PRO D 253 -1.13 -39.39 29.91
C PRO D 253 -1.96 -40.44 29.18
N MET D 254 -2.35 -41.49 29.92
CA MET D 254 -3.23 -42.54 29.45
C MET D 254 -4.27 -42.77 30.52
N ALA D 255 -5.53 -42.44 30.23
CA ALA D 255 -6.60 -42.72 31.17
C ALA D 255 -6.93 -44.22 31.14
N GLU D 256 -6.82 -44.86 32.31
CA GLU D 256 -7.17 -46.27 32.41
C GLU D 256 -8.59 -46.48 31.87
N GLY D 257 -8.75 -47.50 31.03
CA GLY D 257 -10.06 -47.87 30.57
C GLY D 257 -10.29 -47.42 29.14
N ARG D 258 -9.90 -46.17 28.83
CA ARG D 258 -10.20 -45.55 27.54
C ARG D 258 -8.99 -45.65 26.62
N ASP D 259 -7.87 -45.14 27.11
CA ASP D 259 -6.69 -45.00 26.28
C ASP D 259 -5.86 -46.28 26.38
N VAL D 260 -5.38 -46.75 25.25
CA VAL D 260 -4.55 -47.94 25.23
C VAL D 260 -3.60 -47.86 24.04
N TYR D 261 -2.35 -48.26 24.28
CA TYR D 261 -1.33 -48.23 23.26
C TYR D 261 -1.57 -49.34 22.25
N LEU D 262 -1.27 -49.04 20.98
CA LEU D 262 -1.61 -49.91 19.87
C LEU D 262 -0.60 -51.05 19.72
N ASP D 263 0.64 -50.84 20.12
CA ASP D 263 1.63 -51.89 19.93
C ASP D 263 1.31 -53.00 20.91
N VAL D 264 0.79 -52.60 22.08
CA VAL D 264 0.42 -53.51 23.16
C VAL D 264 -0.68 -54.46 22.66
N LEU D 265 -1.64 -53.93 21.91
CA LEU D 265 -2.79 -54.72 21.49
C LEU D 265 -2.40 -55.63 20.33
N LEU D 266 -1.48 -55.15 19.50
CA LEU D 266 -1.04 -55.87 18.32
C LEU D 266 -0.14 -57.03 18.74
N ASN D 267 0.45 -56.89 19.92
CA ASN D 267 1.32 -57.94 20.42
C ASN D 267 0.56 -59.26 20.44
N ASP D 268 -0.75 -59.21 20.75
CA ASP D 268 -1.56 -60.41 20.89
C ASP D 268 -2.22 -60.82 19.57
N ILE D 269 -2.08 -60.01 18.52
CA ILE D 269 -2.70 -60.27 17.23
C ILE D 269 -1.70 -60.95 16.29
N PRO D 270 -1.77 -62.29 16.08
CA PRO D 270 -0.75 -63.00 15.29
C PRO D 270 -0.50 -62.43 13.90
N GLU D 271 0.68 -62.75 13.34
CA GLU D 271 1.16 -62.25 12.07
C GLU D 271 0.25 -62.68 10.90
N ASP D 272 -0.38 -63.84 11.02
CA ASP D 272 -1.15 -64.42 9.92
C ASP D 272 -2.65 -64.18 10.11
N THR D 273 -3.04 -63.21 10.97
CA THR D 273 -4.42 -62.81 11.17
C THR D 273 -5.01 -62.27 9.86
N VAL D 274 -6.26 -62.62 9.57
CA VAL D 274 -6.93 -62.23 8.34
C VAL D 274 -8.37 -61.84 8.64
N VAL D 275 -8.76 -60.65 8.19
CA VAL D 275 -10.09 -60.11 8.42
C VAL D 275 -10.64 -59.78 7.05
N PRO D 276 -11.56 -60.58 6.48
CA PRO D 276 -11.83 -60.51 5.05
C PRO D 276 -12.63 -59.23 4.86
N CYS D 277 -12.54 -58.64 3.66
CA CYS D 277 -13.22 -57.38 3.40
C CYS D 277 -14.72 -57.58 3.54
N GLU D 278 -15.37 -56.75 4.34
CA GLU D 278 -16.81 -56.69 4.34
C GLU D 278 -17.30 -56.28 2.95
N PRO D 279 -18.01 -57.14 2.19
CA PRO D 279 -18.52 -56.73 0.89
C PRO D 279 -19.61 -55.73 1.21
N VAL D 280 -19.39 -54.48 0.85
CA VAL D 280 -20.32 -53.42 1.19
C VAL D 280 -21.02 -53.02 -0.10
N ASP D 281 -22.21 -52.41 0.03
CA ASP D 281 -22.91 -51.88 -1.13
C ASP D 281 -22.05 -50.75 -1.66
N SER D 282 -22.11 -50.49 -2.97
CA SER D 282 -21.21 -49.52 -3.56
C SER D 282 -21.55 -48.08 -3.16
N GLU D 283 -22.73 -47.85 -2.58
CA GLU D 283 -23.11 -46.54 -2.03
C GLU D 283 -23.03 -46.50 -0.50
N ASP D 284 -22.36 -47.49 0.12
CA ASP D 284 -22.04 -47.41 1.54
C ASP D 284 -20.90 -46.42 1.80
N MET D 285 -20.94 -45.77 2.97
CA MET D 285 -19.94 -44.79 3.34
C MET D 285 -18.56 -45.42 3.39
N LEU D 286 -17.64 -44.73 2.71
CA LEU D 286 -16.21 -44.93 2.86
C LEU D 286 -15.67 -44.00 3.94
N TYR D 287 -15.98 -42.70 3.82
CA TYR D 287 -15.44 -41.77 4.79
C TYR D 287 -16.17 -40.44 4.83
N ILE D 288 -15.87 -39.69 5.90
CA ILE D 288 -16.22 -38.29 6.02
C ILE D 288 -14.94 -37.46 6.10
N LEU D 289 -14.98 -36.28 5.48
CA LEU D 289 -13.91 -35.30 5.58
C LEU D 289 -14.50 -33.90 5.65
N TYR D 290 -14.09 -33.13 6.68
CA TYR D 290 -14.69 -31.83 6.97
C TYR D 290 -13.94 -30.77 6.17
N THR D 291 -14.67 -30.02 5.34
CA THR D 291 -14.16 -28.83 4.68
C THR D 291 -15.06 -27.67 5.12
N SER D 292 -14.76 -26.45 4.62
CA SER D 292 -15.42 -25.26 5.13
C SER D 292 -15.67 -24.24 4.02
N GLY D 293 -16.82 -23.57 4.09
CA GLY D 293 -17.06 -22.37 3.31
C GLY D 293 -16.81 -21.14 4.20
N SER D 294 -17.15 -19.95 3.69
CA SER D 294 -16.98 -18.72 4.44
C SER D 294 -18.09 -18.52 5.47
N THR D 295 -19.17 -19.32 5.42
CA THR D 295 -20.25 -19.22 6.40
C THR D 295 -20.61 -20.63 6.89
N GLY D 296 -21.27 -20.69 8.06
CA GLY D 296 -21.81 -21.94 8.59
C GLY D 296 -20.73 -22.88 9.16
N LYS D 297 -21.17 -23.91 9.87
CA LYS D 297 -20.25 -24.78 10.56
C LYS D 297 -19.56 -25.68 9.51
N PRO D 298 -18.48 -26.40 9.86
CA PRO D 298 -17.81 -27.22 8.86
C PRO D 298 -18.70 -28.34 8.34
N LYS D 299 -18.61 -28.62 7.03
CA LYS D 299 -19.44 -29.57 6.30
C LYS D 299 -18.70 -30.90 6.25
N GLY D 300 -19.30 -31.91 6.86
CA GLY D 300 -18.76 -33.25 6.75
C GLY D 300 -19.11 -33.86 5.40
N VAL D 301 -18.12 -33.89 4.50
CA VAL D 301 -18.39 -34.40 3.19
C VAL D 301 -18.40 -35.91 3.25
N VAL D 302 -19.32 -36.54 2.51
CA VAL D 302 -19.50 -37.98 2.56
C VAL D 302 -19.14 -38.61 1.21
N HIS D 303 -18.26 -39.61 1.26
CA HIS D 303 -17.88 -40.36 0.08
C HIS D 303 -18.21 -41.83 0.27
N VAL D 304 -18.43 -42.53 -0.84
CA VAL D 304 -18.90 -43.91 -0.83
C VAL D 304 -17.88 -44.79 -1.55
N HIS D 305 -17.92 -46.11 -1.36
CA HIS D 305 -16.82 -47.00 -1.74
C HIS D 305 -16.66 -47.07 -3.24
N GLY D 306 -17.77 -47.30 -3.95
CA GLY D 306 -17.76 -47.83 -5.31
C GLY D 306 -17.41 -46.74 -6.31
N GLY D 307 -18.35 -45.83 -6.57
CA GLY D 307 -18.12 -44.64 -7.38
C GLY D 307 -16.83 -43.87 -7.06
N TYR D 308 -16.41 -43.83 -5.79
CA TYR D 308 -15.19 -43.11 -5.42
C TYR D 308 -13.97 -43.84 -5.94
N ALA D 309 -13.90 -45.14 -5.74
CA ALA D 309 -12.73 -45.92 -6.11
C ALA D 309 -12.48 -45.82 -7.61
N VAL D 310 -13.56 -45.80 -8.38
CA VAL D 310 -13.52 -45.83 -9.83
C VAL D 310 -12.97 -44.47 -10.31
N GLY D 311 -13.53 -43.39 -9.77
CA GLY D 311 -13.08 -42.03 -10.07
C GLY D 311 -11.60 -41.82 -9.73
N CYS D 312 -11.21 -42.19 -8.51
CA CYS D 312 -9.85 -42.00 -8.06
C CYS D 312 -8.91 -42.83 -8.92
N TYR D 313 -9.30 -44.09 -9.17
CA TYR D 313 -8.55 -45.02 -9.97
C TYR D 313 -8.26 -44.43 -11.35
N ALA D 314 -9.35 -44.04 -12.02
CA ALA D 314 -9.27 -43.60 -13.39
C ALA D 314 -8.45 -42.31 -13.52
N THR D 315 -8.68 -41.34 -12.62
CA THR D 315 -8.05 -40.03 -12.71
C THR D 315 -6.55 -40.15 -12.40
N THR D 316 -6.20 -40.93 -11.38
CA THR D 316 -4.79 -41.26 -11.16
C THR D 316 -4.19 -41.93 -12.39
N LYS D 317 -4.87 -42.93 -12.97
CA LYS D 317 -4.33 -43.62 -14.14
C LYS D 317 -4.03 -42.66 -15.28
N PHE D 318 -5.00 -41.78 -15.63
CA PHE D 318 -4.87 -40.98 -16.84
C PHE D 318 -4.00 -39.73 -16.62
N VAL D 319 -4.20 -38.98 -15.52
CA VAL D 319 -3.49 -37.72 -15.28
C VAL D 319 -2.02 -38.01 -14.97
N PHE D 320 -1.76 -38.98 -14.09
CA PHE D 320 -0.40 -39.28 -13.60
C PHE D 320 0.19 -40.47 -14.34
N ASP D 321 -0.51 -40.98 -15.35
CA ASP D 321 0.12 -41.84 -16.32
C ASP D 321 0.83 -43.00 -15.62
N ILE D 322 0.28 -43.49 -14.51
CA ILE D 322 1.02 -44.41 -13.67
C ILE D 322 1.40 -45.63 -14.49
N LYS D 323 2.62 -46.13 -14.31
CA LYS D 323 3.08 -47.36 -14.93
C LYS D 323 3.74 -48.21 -13.86
N PRO D 324 3.96 -49.52 -14.09
CA PRO D 324 4.49 -50.37 -13.02
C PRO D 324 5.83 -49.95 -12.46
N SER D 325 6.65 -49.20 -13.20
CA SER D 325 8.01 -48.88 -12.76
C SER D 325 8.10 -47.52 -12.02
N ASP D 326 6.98 -46.80 -11.94
CA ASP D 326 6.95 -45.48 -11.35
C ASP D 326 6.91 -45.54 -9.82
N VAL D 327 7.74 -44.67 -9.23
CA VAL D 327 7.57 -44.21 -7.87
C VAL D 327 6.80 -42.89 -7.89
N PHE D 328 5.82 -42.73 -6.99
CA PHE D 328 4.96 -41.56 -7.02
C PHE D 328 4.86 -40.83 -5.68
N TRP D 329 4.77 -39.50 -5.71
CA TRP D 329 4.77 -38.81 -4.44
C TRP D 329 3.83 -37.62 -4.48
N CYS D 330 2.73 -37.72 -3.74
CA CYS D 330 1.93 -36.56 -3.43
C CYS D 330 2.35 -35.99 -2.07
N THR D 331 2.75 -34.71 -2.03
CA THR D 331 3.32 -34.12 -0.84
C THR D 331 2.24 -33.66 0.15
N ALA D 332 0.97 -33.85 -0.20
CA ALA D 332 -0.08 -33.41 0.70
C ALA D 332 -0.34 -34.45 1.78
N ASP D 333 -0.85 -33.89 2.89
CA ASP D 333 -1.20 -34.63 4.09
C ASP D 333 -2.46 -35.43 3.81
N ILE D 334 -2.55 -36.59 4.47
CA ILE D 334 -3.72 -37.44 4.38
C ILE D 334 -4.93 -36.78 5.04
N GLY D 335 -4.70 -35.82 5.93
CA GLY D 335 -5.78 -35.06 6.54
C GLY D 335 -6.58 -34.18 5.59
N TRP D 336 -6.14 -34.02 4.34
CA TRP D 336 -6.85 -33.28 3.31
C TRP D 336 -7.29 -34.27 2.24
N VAL D 337 -8.28 -33.87 1.42
CA VAL D 337 -8.84 -34.78 0.44
C VAL D 337 -7.73 -35.24 -0.52
N THR D 338 -6.73 -34.37 -0.73
CA THR D 338 -5.63 -34.64 -1.64
C THR D 338 -4.96 -35.97 -1.31
N GLY D 339 -4.81 -36.29 -0.03
CA GLY D 339 -4.06 -37.47 0.39
C GLY D 339 -4.96 -38.71 0.51
N HIS D 340 -6.27 -38.51 0.69
CA HIS D 340 -7.18 -39.61 0.55
C HIS D 340 -7.15 -40.08 -0.91
N SER D 341 -7.46 -39.17 -1.82
CA SER D 341 -7.63 -39.53 -3.22
C SER D 341 -6.29 -39.87 -3.90
N TYR D 342 -5.23 -39.15 -3.58
CA TYR D 342 -4.02 -39.22 -4.40
C TYR D 342 -2.77 -39.48 -3.59
N THR D 343 -2.91 -40.10 -2.42
CA THR D 343 -1.76 -40.73 -1.77
C THR D 343 -2.08 -42.19 -1.47
N ILE D 344 -3.28 -42.44 -0.92
CA ILE D 344 -3.71 -43.78 -0.57
C ILE D 344 -4.51 -44.38 -1.73
N TYR D 345 -5.78 -44.03 -1.85
CA TYR D 345 -6.72 -44.79 -2.67
C TYR D 345 -6.28 -44.82 -4.13
N GLY D 346 -6.13 -43.66 -4.79
CA GLY D 346 -5.81 -43.58 -6.21
C GLY D 346 -4.55 -44.36 -6.58
N PRO D 347 -3.35 -44.02 -6.01
CA PRO D 347 -2.12 -44.74 -6.31
C PRO D 347 -2.08 -46.21 -5.94
N MET D 348 -2.73 -46.61 -4.84
CA MET D 348 -2.66 -48.01 -4.44
C MET D 348 -3.49 -48.85 -5.40
N MET D 349 -4.53 -48.26 -5.99
CA MET D 349 -5.36 -48.98 -6.94
C MET D 349 -4.66 -49.09 -8.29
N ASN D 350 -3.65 -48.25 -8.56
CA ASN D 350 -2.82 -48.36 -9.75
C ASN D 350 -1.53 -49.10 -9.37
N ALA D 351 -1.48 -49.62 -8.13
CA ALA D 351 -0.38 -50.44 -7.64
C ALA D 351 0.95 -49.69 -7.68
N ALA D 352 0.92 -48.38 -7.41
CA ALA D 352 2.12 -47.55 -7.45
C ALA D 352 2.98 -47.80 -6.22
N SER D 353 4.24 -47.38 -6.29
CA SER D 353 5.06 -47.27 -5.10
C SER D 353 4.98 -45.81 -4.67
N ILE D 354 4.51 -45.60 -3.44
CA ILE D 354 4.08 -44.29 -2.97
C ILE D 354 5.03 -43.82 -1.86
N VAL D 355 5.58 -42.61 -2.03
CA VAL D 355 6.30 -41.98 -0.95
C VAL D 355 5.30 -41.40 0.05
N LEU D 356 5.60 -41.63 1.33
CA LEU D 356 4.84 -41.12 2.46
C LEU D 356 5.81 -40.44 3.42
N PHE D 357 5.71 -39.10 3.52
CA PHE D 357 6.67 -38.32 4.29
C PHE D 357 6.03 -37.56 5.44
N GLU D 358 6.63 -37.72 6.63
CA GLU D 358 6.08 -37.20 7.88
C GLU D 358 6.24 -35.68 7.95
N GLY D 359 7.24 -35.16 7.25
CA GLY D 359 7.88 -33.92 7.64
C GLY D 359 7.42 -32.71 6.85
N ILE D 360 8.34 -31.74 6.73
CA ILE D 360 8.03 -30.49 6.05
C ILE D 360 9.16 -30.14 5.12
N PRO D 361 8.89 -29.18 4.21
CA PRO D 361 9.79 -28.88 3.10
C PRO D 361 11.07 -28.16 3.47
N THR D 362 11.15 -27.64 4.70
CA THR D 362 12.21 -26.74 5.10
C THR D 362 13.06 -27.37 6.18
N TYR D 363 12.74 -28.60 6.59
CA TYR D 363 13.51 -29.16 7.68
C TYR D 363 14.14 -30.49 7.23
N PRO D 364 15.46 -30.71 7.43
CA PRO D 364 16.39 -29.77 8.06
C PRO D 364 16.75 -28.52 7.28
N ALA D 365 16.52 -28.52 5.96
CA ALA D 365 16.81 -27.39 5.10
C ALA D 365 15.83 -27.38 3.93
N ALA D 366 15.71 -26.23 3.24
CA ALA D 366 14.73 -26.05 2.17
C ALA D 366 15.01 -26.90 0.93
N ASP D 367 16.01 -27.77 0.97
CA ASP D 367 16.22 -28.72 -0.10
C ASP D 367 15.63 -30.09 0.23
N ARG D 368 14.77 -30.16 1.25
CA ARG D 368 14.37 -31.46 1.76
C ARG D 368 13.56 -32.20 0.70
N PHE D 369 12.64 -31.53 0.01
CA PHE D 369 11.85 -32.21 -0.99
C PHE D 369 12.73 -32.86 -2.04
N TRP D 370 13.82 -32.17 -2.40
CA TRP D 370 14.67 -32.62 -3.50
C TRP D 370 15.58 -33.76 -3.01
N SER D 371 15.96 -33.74 -1.73
CA SER D 371 16.57 -34.92 -1.11
C SER D 371 15.70 -36.15 -1.30
N ILE D 372 14.39 -35.99 -1.06
CA ILE D 372 13.47 -37.10 -1.06
C ILE D 372 13.34 -37.71 -2.46
N VAL D 373 13.17 -36.86 -3.48
CA VAL D 373 13.06 -37.28 -4.88
C VAL D 373 14.27 -38.11 -5.30
N GLU D 374 15.47 -37.56 -5.05
CA GLU D 374 16.74 -38.20 -5.38
C GLU D 374 16.83 -39.56 -4.70
N LYS D 375 16.46 -39.55 -3.41
CA LYS D 375 16.62 -40.69 -2.53
C LYS D 375 15.72 -41.86 -2.92
N TYR D 376 14.58 -41.61 -3.57
CA TYR D 376 13.63 -42.67 -3.91
C TYR D 376 13.41 -42.73 -5.41
N LYS D 377 14.28 -42.04 -6.17
CA LYS D 377 14.19 -41.97 -7.63
C LYS D 377 12.71 -41.79 -8.01
N VAL D 378 12.14 -40.72 -7.45
CA VAL D 378 10.74 -40.42 -7.64
C VAL D 378 10.53 -40.02 -9.09
N ASN D 379 9.45 -40.54 -9.65
CA ASN D 379 9.11 -40.39 -11.06
C ASN D 379 8.03 -39.33 -11.22
N ILE D 380 7.18 -39.17 -10.20
CA ILE D 380 5.99 -38.32 -10.30
C ILE D 380 5.79 -37.58 -8.99
N ILE D 381 5.71 -36.24 -9.08
CA ILE D 381 5.55 -35.42 -7.89
C ILE D 381 4.32 -34.51 -8.07
N TYR D 382 3.45 -34.54 -7.05
CA TYR D 382 2.21 -33.77 -6.99
C TYR D 382 2.21 -32.94 -5.70
N THR D 383 2.35 -31.60 -5.81
CA THR D 383 2.60 -30.73 -4.67
C THR D 383 1.71 -29.47 -4.75
N ALA D 384 1.80 -28.67 -3.69
CA ALA D 384 1.05 -27.43 -3.59
C ALA D 384 1.87 -26.25 -4.10
N PRO D 385 1.19 -25.30 -4.76
CA PRO D 385 1.82 -24.02 -5.09
C PRO D 385 2.36 -23.29 -3.87
N THR D 386 1.70 -23.46 -2.71
CA THR D 386 2.25 -22.90 -1.49
C THR D 386 3.69 -23.33 -1.39
N ALA D 387 3.94 -24.65 -1.55
CA ALA D 387 5.25 -25.23 -1.32
C ALA D 387 6.26 -24.67 -2.30
N ILE D 388 5.84 -24.49 -3.56
CA ILE D 388 6.71 -23.87 -4.54
C ILE D 388 6.99 -22.39 -4.19
N ARG D 389 6.00 -21.62 -3.73
CA ARG D 389 6.25 -20.21 -3.42
C ARG D 389 7.20 -20.05 -2.22
N SER D 390 7.03 -20.94 -1.24
CA SER D 390 7.91 -21.08 -0.09
C SER D 390 9.35 -21.31 -0.54
N LEU D 391 9.55 -22.31 -1.41
CA LEU D 391 10.89 -22.77 -1.74
C LEU D 391 11.55 -21.81 -2.71
N MET D 392 10.73 -20.99 -3.38
CA MET D 392 11.28 -20.04 -4.34
C MET D 392 12.14 -19.01 -3.64
N ARG D 393 11.81 -18.68 -2.40
CA ARG D 393 12.54 -17.68 -1.65
C ARG D 393 13.99 -18.09 -1.39
N PHE D 394 14.34 -19.38 -1.43
CA PHE D 394 15.62 -19.83 -0.93
C PHE D 394 16.65 -19.98 -2.06
N GLY D 395 16.23 -19.86 -3.31
CA GLY D 395 17.17 -19.85 -4.40
C GLY D 395 17.15 -21.14 -5.20
N GLU D 396 17.73 -21.05 -6.40
CA GLU D 396 17.73 -22.11 -7.40
C GLU D 396 18.85 -23.11 -7.14
N GLU D 397 19.74 -22.77 -6.20
CA GLU D 397 20.95 -23.53 -6.03
C GLU D 397 20.63 -24.74 -5.14
N LEU D 398 19.57 -24.67 -4.31
CA LEU D 398 19.16 -25.82 -3.53
C LEU D 398 18.74 -27.01 -4.42
N PRO D 399 17.69 -26.94 -5.28
CA PRO D 399 17.36 -28.05 -6.16
C PRO D 399 18.50 -28.50 -7.09
N ALA D 400 19.37 -27.58 -7.51
CA ALA D 400 20.47 -27.93 -8.40
C ALA D 400 21.47 -28.90 -7.75
N ARG D 401 21.47 -29.00 -6.41
CA ARG D 401 22.37 -29.86 -5.66
C ARG D 401 21.91 -31.30 -5.60
N HIS D 402 20.82 -31.63 -6.28
CA HIS D 402 20.25 -32.96 -6.16
C HIS D 402 19.88 -33.43 -7.55
N ASP D 403 19.95 -34.74 -7.74
CA ASP D 403 19.64 -35.35 -9.02
C ASP D 403 18.13 -35.52 -9.07
N LEU D 404 17.47 -34.71 -9.89
CA LEU D 404 16.02 -34.74 -9.99
C LEU D 404 15.59 -35.41 -11.29
N SER D 405 16.52 -36.12 -11.93
CA SER D 405 16.32 -36.58 -13.30
C SER D 405 15.26 -37.67 -13.38
N SER D 406 15.01 -38.38 -12.29
CA SER D 406 14.00 -39.44 -12.23
C SER D 406 12.63 -38.90 -12.62
N LEU D 407 12.33 -37.64 -12.28
CA LEU D 407 11.01 -37.09 -12.51
C LEU D 407 10.69 -37.17 -14.00
N ARG D 408 9.43 -37.50 -14.32
CA ARG D 408 8.92 -37.39 -15.70
C ARG D 408 7.60 -36.62 -15.78
N ILE D 409 6.90 -36.45 -14.65
CA ILE D 409 5.67 -35.67 -14.58
C ILE D 409 5.65 -34.91 -13.26
N LEU D 410 5.14 -33.67 -13.30
CA LEU D 410 4.94 -32.80 -12.16
C LEU D 410 3.47 -32.40 -12.10
N GLY D 411 3.05 -31.94 -10.92
CA GLY D 411 1.67 -31.58 -10.67
C GLY D 411 1.54 -30.59 -9.53
N THR D 412 0.35 -29.98 -9.49
CA THR D 412 0.00 -28.81 -8.71
C THR D 412 -1.38 -29.12 -8.15
N VAL D 413 -1.62 -28.81 -6.88
CA VAL D 413 -2.92 -29.06 -6.31
C VAL D 413 -3.22 -28.07 -5.21
N GLY D 414 -4.48 -27.58 -5.22
CA GLY D 414 -5.10 -27.01 -4.04
C GLY D 414 -5.40 -25.53 -4.22
N GLU D 415 -4.74 -24.93 -5.21
CA GLU D 415 -4.95 -23.54 -5.57
C GLU D 415 -4.34 -23.34 -6.95
N PRO D 416 -4.76 -22.31 -7.71
CA PRO D 416 -4.19 -22.09 -9.03
C PRO D 416 -2.80 -21.51 -8.85
N ILE D 417 -1.85 -21.99 -9.67
CA ILE D 417 -0.46 -21.57 -9.58
C ILE D 417 -0.21 -20.34 -10.46
N ASN D 418 0.48 -19.34 -9.90
CA ASN D 418 0.87 -18.15 -10.64
C ASN D 418 1.84 -18.54 -11.75
N PRO D 419 1.82 -17.84 -12.90
CA PRO D 419 2.81 -18.12 -13.94
C PRO D 419 4.27 -18.07 -13.47
N GLU D 420 4.61 -17.18 -12.53
CA GLU D 420 5.98 -17.04 -12.10
C GLU D 420 6.41 -18.36 -11.45
N ALA D 421 5.57 -18.90 -10.56
CA ALA D 421 5.81 -20.15 -9.87
C ALA D 421 5.80 -21.37 -10.80
N TRP D 422 4.88 -21.39 -11.78
CA TRP D 422 4.87 -22.39 -12.84
C TRP D 422 6.24 -22.47 -13.55
N MET D 423 6.73 -21.35 -14.10
CA MET D 423 8.03 -21.27 -14.77
C MET D 423 9.17 -21.74 -13.84
N TRP D 424 9.16 -21.30 -12.58
CA TRP D 424 10.17 -21.75 -11.61
C TRP D 424 10.13 -23.27 -11.48
N TYR D 425 8.93 -23.82 -11.34
CA TYR D 425 8.74 -25.26 -11.14
C TYR D 425 9.23 -25.99 -12.38
N ARG D 426 8.83 -25.50 -13.55
CA ARG D 426 9.16 -26.18 -14.78
C ARG D 426 10.66 -26.10 -15.03
N LYS D 427 11.27 -24.95 -14.71
CA LYS D 427 12.69 -24.74 -15.02
C LYS D 427 13.56 -25.57 -14.07
N ASN D 428 13.38 -25.37 -12.77
CA ASN D 428 14.25 -25.93 -11.75
C ASN D 428 13.94 -27.40 -11.42
N ILE D 429 12.66 -27.81 -11.41
CA ILE D 429 12.24 -29.17 -11.09
C ILE D 429 11.89 -29.96 -12.36
N GLY D 430 11.63 -29.31 -13.48
CA GLY D 430 11.22 -30.01 -14.69
C GLY D 430 12.21 -29.87 -15.86
N HIS D 431 13.35 -29.19 -15.63
CA HIS D 431 14.43 -29.02 -16.59
C HIS D 431 13.88 -28.57 -17.96
N ASN D 432 12.86 -27.70 -17.94
CA ASN D 432 12.12 -27.16 -19.09
C ASN D 432 11.64 -28.20 -20.09
N GLU D 433 11.35 -29.42 -19.66
CA GLU D 433 10.77 -30.43 -20.54
C GLU D 433 9.46 -30.98 -19.94
N LEU D 434 9.40 -31.02 -18.61
CA LEU D 434 8.44 -31.85 -17.92
C LEU D 434 7.08 -31.16 -17.89
N PRO D 435 5.98 -31.92 -18.06
CA PRO D 435 4.65 -31.36 -17.99
C PRO D 435 4.25 -31.07 -16.55
N ILE D 436 3.53 -29.96 -16.35
CA ILE D 436 2.89 -29.64 -15.09
C ILE D 436 1.39 -29.85 -15.21
N MET D 437 0.90 -30.81 -14.43
CA MET D 437 -0.51 -31.14 -14.32
C MET D 437 -1.17 -30.27 -13.25
N ASP D 438 -1.72 -29.15 -13.72
CA ASP D 438 -2.43 -28.15 -12.94
C ASP D 438 -3.87 -28.64 -12.73
N THR D 439 -4.16 -29.21 -11.55
CA THR D 439 -5.44 -29.85 -11.34
C THR D 439 -6.39 -28.93 -10.58
N TRP D 440 -7.64 -28.89 -11.03
CA TRP D 440 -8.69 -28.23 -10.28
C TRP D 440 -9.75 -29.25 -9.81
N TRP D 441 -10.09 -29.17 -8.50
CA TRP D 441 -11.04 -30.04 -7.84
C TRP D 441 -11.12 -29.72 -6.34
N GLN D 442 -12.05 -30.39 -5.63
CA GLN D 442 -12.32 -30.07 -4.24
C GLN D 442 -12.69 -31.32 -3.46
N THR D 443 -12.66 -31.19 -2.13
CA THR D 443 -13.17 -32.22 -1.25
C THR D 443 -14.50 -32.76 -1.80
N GLU D 444 -15.42 -31.86 -2.16
CA GLU D 444 -16.78 -32.23 -2.55
C GLU D 444 -16.80 -33.08 -3.84
N THR D 445 -15.84 -32.86 -4.73
CA THR D 445 -15.80 -33.58 -6.01
C THR D 445 -15.07 -34.91 -5.83
N GLY D 446 -14.34 -35.09 -4.73
CA GLY D 446 -13.73 -36.39 -4.49
C GLY D 446 -12.54 -36.71 -5.41
N MET D 447 -12.57 -36.19 -6.64
CA MET D 447 -11.56 -36.50 -7.63
C MET D 447 -11.29 -35.26 -8.47
N ILE D 448 -10.16 -35.29 -9.17
CA ILE D 448 -9.78 -34.27 -10.11
C ILE D 448 -10.84 -34.15 -11.21
N LEU D 449 -11.16 -32.92 -11.62
CA LEU D 449 -12.20 -32.71 -12.60
C LEU D 449 -11.62 -32.07 -13.85
N ILE D 450 -10.78 -31.04 -13.70
CA ILE D 450 -10.18 -30.34 -14.83
C ILE D 450 -8.67 -30.36 -14.69
N SER D 451 -7.97 -30.89 -15.71
CA SER D 451 -6.53 -31.08 -15.60
C SER D 451 -5.92 -31.53 -16.92
N PRO D 452 -4.66 -31.16 -17.22
CA PRO D 452 -3.92 -31.78 -18.28
C PRO D 452 -3.82 -33.27 -18.00
N THR D 453 -3.86 -34.06 -19.07
CA THR D 453 -3.23 -35.37 -19.16
C THR D 453 -1.92 -35.17 -19.91
N PRO D 454 -1.01 -36.16 -19.95
CA PRO D 454 0.24 -36.04 -20.72
C PRO D 454 0.17 -35.70 -22.20
N ILE D 455 -1.02 -35.78 -22.80
CA ILE D 455 -1.17 -35.51 -24.22
C ILE D 455 -1.53 -34.04 -24.46
N LEU D 456 -1.86 -33.26 -23.43
CA LEU D 456 -2.31 -31.90 -23.70
C LEU D 456 -1.15 -30.92 -23.66
N PRO D 457 -0.97 -30.06 -24.69
CA PRO D 457 -0.04 -28.95 -24.55
C PRO D 457 -0.54 -28.07 -23.39
N LEU D 458 0.37 -27.42 -22.68
CA LEU D 458 0.03 -26.73 -21.45
C LEU D 458 0.16 -25.22 -21.64
N LYS D 459 -0.62 -24.47 -20.85
CA LYS D 459 -0.50 -23.02 -20.78
C LYS D 459 -0.27 -22.68 -19.31
N PRO D 460 0.80 -21.96 -18.95
CA PRO D 460 1.11 -21.72 -17.54
C PRO D 460 -0.10 -21.08 -16.88
N GLY D 461 -0.60 -21.67 -15.79
CA GLY D 461 -1.59 -21.04 -14.95
C GLY D 461 -3.01 -21.51 -15.27
N SER D 462 -3.13 -22.40 -16.27
CA SER D 462 -4.41 -22.92 -16.70
C SER D 462 -4.50 -24.41 -16.40
N ALA D 463 -5.65 -24.79 -15.82
CA ALA D 463 -5.96 -26.17 -15.54
C ALA D 463 -6.32 -26.91 -16.81
N SER D 464 -6.53 -26.19 -17.94
CA SER D 464 -6.52 -26.91 -19.18
C SER D 464 -7.97 -27.28 -19.55
N ARG D 465 -8.15 -28.51 -20.05
CA ARG D 465 -9.45 -29.05 -20.45
C ARG D 465 -9.98 -30.01 -19.39
N PRO D 466 -11.30 -30.28 -19.37
CA PRO D 466 -11.87 -31.31 -18.50
C PRO D 466 -11.34 -32.71 -18.74
N LEU D 467 -11.55 -33.57 -17.75
CA LEU D 467 -11.32 -35.00 -17.93
C LEU D 467 -12.56 -35.66 -18.55
N PRO D 468 -12.44 -36.90 -19.03
CA PRO D 468 -13.58 -37.56 -19.70
C PRO D 468 -14.89 -37.52 -18.92
N THR D 469 -15.98 -37.17 -19.62
CA THR D 469 -17.35 -37.20 -19.08
C THR D 469 -17.67 -35.97 -18.26
N ILE D 470 -16.67 -35.13 -17.96
CA ILE D 470 -16.88 -33.95 -17.13
C ILE D 470 -17.33 -32.76 -17.99
N GLU D 471 -18.62 -32.44 -17.89
CA GLU D 471 -19.24 -31.39 -18.69
C GLU D 471 -19.20 -30.09 -17.91
N ALA D 472 -18.00 -29.50 -17.82
CA ALA D 472 -17.81 -28.17 -17.25
C ALA D 472 -18.15 -27.07 -18.25
N ASP D 473 -18.62 -25.93 -17.72
CA ASP D 473 -18.90 -24.75 -18.52
C ASP D 473 -18.81 -23.55 -17.59
N VAL D 474 -18.99 -22.35 -18.14
CA VAL D 474 -18.86 -21.10 -17.41
C VAL D 474 -20.08 -20.26 -17.75
N VAL D 475 -20.81 -19.84 -16.71
CA VAL D 475 -22.16 -19.31 -16.90
C VAL D 475 -22.34 -18.11 -15.98
N ASN D 476 -23.40 -17.32 -16.28
CA ASN D 476 -23.81 -16.21 -15.44
C ASN D 476 -24.75 -16.72 -14.33
N LYS D 477 -25.25 -15.81 -13.47
CA LYS D 477 -26.07 -16.17 -12.31
C LYS D 477 -27.31 -16.98 -12.71
N ASP D 478 -27.84 -16.75 -13.91
CA ASP D 478 -29.03 -17.43 -14.36
C ASP D 478 -28.67 -18.67 -15.20
N GLY D 479 -27.38 -19.02 -15.28
CA GLY D 479 -26.94 -20.31 -15.81
C GLY D 479 -26.80 -20.36 -17.34
N LYS D 480 -26.79 -19.19 -18.01
CA LYS D 480 -26.58 -19.10 -19.45
C LYS D 480 -25.10 -18.96 -19.75
N PRO D 481 -24.54 -19.72 -20.74
CA PRO D 481 -23.11 -19.62 -21.08
C PRO D 481 -22.69 -18.17 -21.32
N VAL D 482 -21.43 -17.82 -21.02
CA VAL D 482 -20.92 -16.45 -21.14
C VAL D 482 -20.04 -16.32 -22.38
N GLY D 483 -19.63 -17.46 -22.95
CA GLY D 483 -18.78 -17.48 -24.13
C GLY D 483 -17.33 -17.35 -23.69
N PRO D 484 -16.34 -17.52 -24.61
CA PRO D 484 -14.93 -17.45 -24.23
C PRO D 484 -14.61 -16.01 -23.81
N GLU D 485 -13.51 -15.92 -23.04
CA GLU D 485 -12.88 -14.69 -22.60
C GLU D 485 -13.61 -14.09 -21.38
N NEP D 486 -14.92 -14.32 -21.19
CA NEP D 486 -15.61 -13.61 -20.14
C NEP D 486 -15.58 -14.46 -18.87
O NEP D 486 -15.47 -15.69 -18.93
CB NEP D 486 -17.05 -13.20 -20.51
CG NEP D 486 -17.14 -12.46 -21.81
ND1 NEP D 486 -17.64 -13.10 -22.93
CD2 NEP D 486 -16.75 -11.20 -22.13
CE1 NEP D 486 -17.57 -12.22 -23.90
NE2 NEP D 486 -17.04 -11.03 -23.47
P NEP D 486 -16.77 -9.67 -24.45
O1P NEP D 486 -16.49 -10.14 -25.86
O2P NEP D 486 -17.99 -8.76 -24.49
O3P NEP D 486 -15.56 -9.04 -23.78
H NEP D 486 -15.37 -14.92 -21.72
HA NEP D 486 -15.11 -12.78 -19.95
HB2 NEP D 486 -17.59 -14.01 -20.56
HB3 NEP D 486 -17.41 -12.65 -19.79
HD2 NEP D 486 -16.37 -10.55 -21.56
HE1 NEP D 486 -17.85 -12.38 -24.78
N GLY D 487 -15.67 -13.77 -17.74
CA GLY D 487 -15.62 -14.40 -16.44
C GLY D 487 -17.01 -14.87 -16.03
N GLY D 488 -17.06 -15.96 -15.27
CA GLY D 488 -18.33 -16.51 -14.85
C GLY D 488 -18.15 -17.55 -13.74
N PHE D 489 -19.23 -18.29 -13.48
CA PHE D 489 -19.24 -19.33 -12.47
C PHE D 489 -18.99 -20.66 -13.16
N LEU D 490 -18.13 -21.46 -12.57
CA LEU D 490 -17.78 -22.73 -13.16
C LEU D 490 -18.76 -23.75 -12.62
N ILE D 491 -19.46 -24.40 -13.56
CA ILE D 491 -20.47 -25.38 -13.20
C ILE D 491 -20.20 -26.67 -13.93
N ILE D 492 -20.86 -27.72 -13.46
CA ILE D 492 -20.81 -29.03 -14.09
C ILE D 492 -22.23 -29.52 -14.30
N ARG D 493 -22.50 -30.10 -15.49
CA ARG D 493 -23.86 -30.32 -15.92
C ARG D 493 -24.41 -31.73 -15.66
N HIS D 494 -23.57 -32.67 -15.22
N HIS D 494 -23.55 -32.70 -15.33
CA HIS D 494 -23.99 -34.05 -14.99
CA HIS D 494 -23.95 -34.05 -14.97
C HIS D 494 -23.07 -34.62 -13.93
C HIS D 494 -23.07 -34.52 -13.83
N PRO D 495 -23.57 -35.43 -12.95
CA PRO D 495 -22.68 -36.06 -11.96
C PRO D 495 -21.57 -36.92 -12.54
N TRP D 496 -20.61 -37.21 -11.65
CA TRP D 496 -19.44 -38.01 -11.88
C TRP D 496 -19.23 -38.94 -10.67
N PRO D 497 -18.66 -40.14 -10.87
CA PRO D 497 -18.72 -41.20 -9.86
C PRO D 497 -18.21 -40.79 -8.48
N ALA D 498 -17.20 -39.93 -8.42
CA ALA D 498 -16.47 -39.74 -7.18
C ALA D 498 -17.04 -38.58 -6.37
N GLN D 499 -18.14 -38.02 -6.83
CA GLN D 499 -18.76 -36.89 -6.19
C GLN D 499 -19.24 -37.34 -4.83
N MET D 500 -19.38 -36.34 -3.95
CA MET D 500 -19.95 -36.55 -2.64
C MET D 500 -21.41 -36.96 -2.85
N ARG D 501 -21.98 -37.67 -1.88
CA ARG D 501 -23.37 -38.07 -1.98
C ARG D 501 -24.26 -37.20 -1.08
N THR D 502 -23.71 -36.75 0.06
CA THR D 502 -24.38 -35.76 0.89
C THR D 502 -23.34 -35.07 1.77
N ILE D 503 -23.81 -34.18 2.64
CA ILE D 503 -23.06 -33.61 3.75
C ILE D 503 -23.65 -34.24 4.99
N PHE D 504 -22.81 -34.85 5.83
CA PHE D 504 -23.27 -35.73 6.90
C PHE D 504 -24.20 -34.99 7.85
N GLY D 505 -25.42 -35.49 7.98
CA GLY D 505 -26.41 -34.93 8.88
C GLY D 505 -26.89 -33.54 8.47
N ASP D 506 -26.76 -33.20 7.18
CA ASP D 506 -27.23 -31.90 6.76
C ASP D 506 -27.51 -31.87 5.27
N PRO D 507 -28.60 -32.51 4.80
CA PRO D 507 -28.85 -32.66 3.36
C PRO D 507 -29.17 -31.37 2.59
N ASP D 508 -29.55 -30.31 3.32
CA ASP D 508 -29.89 -29.06 2.67
C ASP D 508 -28.65 -28.29 2.23
N ARG D 509 -27.53 -28.52 2.90
CA ARG D 509 -26.29 -27.89 2.48
C ARG D 509 -25.77 -28.57 1.23
N TYR D 510 -26.07 -29.87 1.11
CA TYR D 510 -25.72 -30.62 -0.10
C TYR D 510 -26.60 -30.13 -1.24
N LYS D 511 -27.87 -29.86 -0.94
CA LYS D 511 -28.81 -29.49 -1.98
C LYS D 511 -28.39 -28.19 -2.65
N THR D 512 -27.74 -27.27 -1.92
CA THR D 512 -27.59 -25.91 -2.45
C THR D 512 -26.57 -25.92 -3.58
N TYR D 513 -25.62 -26.88 -3.56
CA TYR D 513 -24.65 -27.08 -4.64
C TYR D 513 -25.39 -27.26 -5.98
N TRP D 514 -26.51 -28.00 -5.94
CA TRP D 514 -27.29 -28.25 -7.13
C TRP D 514 -28.46 -27.27 -7.34
N GLU D 515 -28.72 -26.36 -6.39
CA GLU D 515 -29.87 -25.48 -6.47
C GLU D 515 -29.51 -23.98 -6.48
N THR D 516 -28.20 -23.64 -6.50
CA THR D 516 -27.78 -22.25 -6.63
C THR D 516 -27.99 -21.83 -8.08
N ILE D 517 -27.62 -22.72 -9.02
CA ILE D 517 -27.95 -22.48 -10.42
C ILE D 517 -28.71 -23.70 -10.92
N PRO D 518 -29.80 -23.52 -11.68
CA PRO D 518 -30.76 -24.59 -11.87
C PRO D 518 -30.11 -25.69 -12.70
N ASP D 519 -30.14 -26.91 -12.13
CA ASP D 519 -29.93 -28.16 -12.84
C ASP D 519 -28.44 -28.47 -12.97
N VAL D 520 -27.60 -27.67 -12.27
CA VAL D 520 -26.15 -27.73 -12.40
C VAL D 520 -25.47 -27.62 -11.04
N TYR D 521 -24.26 -28.21 -11.02
CA TYR D 521 -23.42 -28.26 -9.83
C TYR D 521 -22.56 -27.01 -9.80
N PHE D 522 -22.76 -26.23 -8.75
CA PHE D 522 -22.06 -24.98 -8.56
C PHE D 522 -20.86 -25.25 -7.69
N ALA D 523 -19.70 -25.33 -8.33
CA ALA D 523 -18.46 -25.74 -7.69
C ALA D 523 -17.96 -24.69 -6.69
N GLY D 524 -18.40 -23.44 -6.82
CA GLY D 524 -18.12 -22.38 -5.85
C GLY D 524 -16.92 -21.52 -6.26
N ASP D 525 -16.46 -21.67 -7.50
CA ASP D 525 -15.24 -21.04 -8.00
C ASP D 525 -15.61 -20.27 -9.26
N ALA D 526 -14.91 -19.17 -9.51
CA ALA D 526 -15.07 -18.34 -10.70
C ALA D 526 -14.00 -18.70 -11.73
N ALA D 527 -14.33 -18.62 -13.02
CA ALA D 527 -13.40 -19.09 -14.01
C ALA D 527 -13.61 -18.37 -15.33
N THR D 528 -12.61 -18.55 -16.19
CA THR D 528 -12.62 -18.14 -17.58
C THR D 528 -12.22 -19.33 -18.44
N MET D 529 -12.84 -19.42 -19.58
CA MET D 529 -12.47 -20.42 -20.57
C MET D 529 -11.98 -19.63 -21.78
N ASP D 530 -10.86 -20.04 -22.40
CA ASP D 530 -10.32 -19.32 -23.53
C ASP D 530 -10.78 -19.99 -24.81
N LYS D 531 -10.36 -19.45 -25.97
CA LYS D 531 -10.86 -19.85 -27.27
C LYS D 531 -10.44 -21.26 -27.68
N MET D 532 -9.74 -22.01 -26.81
CA MET D 532 -9.45 -23.42 -27.05
C MET D 532 -10.06 -24.29 -25.95
N GLY D 533 -10.89 -23.69 -25.09
CA GLY D 533 -11.56 -24.43 -24.04
C GLY D 533 -10.68 -24.62 -22.80
N TYR D 534 -9.58 -23.86 -22.72
CA TYR D 534 -8.70 -23.98 -21.59
C TYR D 534 -9.28 -23.14 -20.44
N PHE D 535 -9.52 -23.82 -19.30
CA PHE D 535 -10.06 -23.21 -18.09
C PHE D 535 -8.94 -22.59 -17.26
N ARG D 536 -9.13 -21.31 -16.90
CA ARG D 536 -8.37 -20.66 -15.85
C ARG D 536 -9.28 -20.44 -14.64
N ILE D 537 -8.84 -20.92 -13.48
CA ILE D 537 -9.58 -20.77 -12.25
C ILE D 537 -9.14 -19.47 -11.59
N GLN D 538 -10.11 -18.68 -11.10
CA GLN D 538 -9.88 -17.34 -10.58
C GLN D 538 -10.43 -17.19 -9.16
N GLY D 539 -10.18 -18.17 -8.28
CA GLY D 539 -10.52 -18.06 -6.85
C GLY D 539 -11.99 -18.37 -6.50
N ARG D 540 -12.25 -18.58 -5.20
CA ARG D 540 -13.56 -18.97 -4.70
C ARG D 540 -14.51 -17.75 -4.67
N VAL D 541 -15.79 -17.97 -4.98
CA VAL D 541 -16.77 -16.89 -5.06
C VAL D 541 -17.30 -16.57 -3.67
N ASP D 542 -17.16 -17.51 -2.71
CA ASP D 542 -17.62 -17.29 -1.33
C ASP D 542 -16.60 -16.47 -0.55
N ASP D 543 -15.44 -16.19 -1.16
CA ASP D 543 -14.31 -15.55 -0.52
C ASP D 543 -13.81 -16.30 0.73
N VAL D 544 -14.14 -17.60 0.90
CA VAL D 544 -13.57 -18.46 1.94
C VAL D 544 -12.08 -18.20 2.15
N ILE D 545 -11.62 -18.49 3.36
CA ILE D 545 -10.23 -18.26 3.69
C ILE D 545 -9.44 -19.49 3.28
N LYS D 546 -8.47 -19.32 2.36
CA LYS D 546 -7.56 -20.38 1.95
C LYS D 546 -6.15 -20.02 2.37
N VAL D 547 -5.59 -20.85 3.23
CA VAL D 547 -4.26 -20.64 3.77
C VAL D 547 -3.50 -21.91 3.50
N SER D 548 -2.32 -21.75 2.88
CA SER D 548 -1.53 -22.85 2.39
C SER D 548 -2.41 -23.85 1.61
N GLY D 549 -3.41 -23.35 0.86
CA GLY D 549 -4.26 -24.17 -0.01
C GLY D 549 -5.40 -24.89 0.72
N HIS D 550 -5.65 -24.49 1.99
CA HIS D 550 -6.56 -25.19 2.87
C HIS D 550 -7.69 -24.22 3.21
N ARG D 551 -8.94 -24.61 2.94
CA ARG D 551 -10.10 -23.79 3.25
C ARG D 551 -10.32 -23.80 4.77
N LEU D 552 -10.36 -22.61 5.39
CA LEU D 552 -10.68 -22.50 6.80
C LEU D 552 -12.04 -21.82 6.91
N GLY D 553 -12.81 -22.26 7.88
CA GLY D 553 -14.11 -21.67 8.08
C GLY D 553 -13.99 -20.34 8.81
N SER D 554 -14.71 -19.33 8.34
CA SER D 554 -14.78 -18.06 9.02
C SER D 554 -15.49 -18.27 10.35
N MET D 555 -16.59 -19.01 10.36
CA MET D 555 -17.37 -19.20 11.57
C MET D 555 -16.57 -20.00 12.60
N GLU D 556 -15.66 -20.88 12.18
CA GLU D 556 -14.93 -21.67 13.16
C GLU D 556 -13.93 -20.81 13.96
N ILE D 557 -13.20 -19.92 13.27
CA ILE D 557 -12.26 -18.98 13.87
C ILE D 557 -12.99 -17.96 14.76
N GLU D 558 -14.12 -17.41 14.29
CA GLU D 558 -14.88 -16.42 15.04
C GLU D 558 -15.49 -17.04 16.30
N SER D 559 -15.82 -18.33 16.27
CA SER D 559 -16.45 -18.96 17.40
C SER D 559 -15.44 -19.05 18.53
N SER D 560 -14.19 -19.37 18.21
CA SER D 560 -13.28 -19.64 19.29
C SER D 560 -12.92 -18.31 19.94
N LEU D 561 -12.84 -17.27 19.11
CA LEU D 561 -12.63 -15.92 19.60
C LEU D 561 -13.78 -15.48 20.50
N VAL D 562 -15.01 -15.81 20.11
CA VAL D 562 -16.16 -15.29 20.82
C VAL D 562 -16.29 -16.00 22.16
N SER D 563 -15.72 -17.21 22.26
CA SER D 563 -15.75 -17.99 23.49
C SER D 563 -14.77 -17.40 24.50
N HIS D 564 -13.83 -16.59 24.05
CA HIS D 564 -12.96 -15.90 24.99
C HIS D 564 -13.81 -14.95 25.82
N PRO D 565 -13.55 -14.81 27.14
CA PRO D 565 -14.23 -13.80 27.96
C PRO D 565 -14.20 -12.35 27.46
N ALA D 566 -13.15 -11.97 26.73
CA ALA D 566 -12.93 -10.57 26.39
C ALA D 566 -13.79 -10.11 25.22
N VAL D 567 -14.28 -11.08 24.46
CA VAL D 567 -14.82 -10.85 23.14
C VAL D 567 -16.32 -11.05 23.11
N ALA D 568 -16.98 -10.14 22.38
CA ALA D 568 -18.44 -10.12 22.24
C ALA D 568 -18.80 -10.71 20.88
N GLU D 569 -18.16 -10.20 19.82
CA GLU D 569 -18.41 -10.61 18.44
C GLU D 569 -17.13 -10.48 17.64
N ALA D 570 -17.12 -11.09 16.46
CA ALA D 570 -15.90 -11.16 15.66
C ALA D 570 -16.19 -11.61 14.24
N ALA D 571 -15.50 -10.96 13.31
CA ALA D 571 -15.57 -11.27 11.89
C ALA D 571 -14.15 -11.58 11.39
N ALA D 572 -14.02 -12.67 10.62
CA ALA D 572 -12.75 -13.08 10.05
C ALA D 572 -12.77 -12.99 8.53
N ILE D 573 -11.65 -12.52 7.95
CA ILE D 573 -11.48 -12.48 6.49
C ILE D 573 -10.09 -12.95 6.13
N GLY D 574 -9.90 -13.14 4.82
CA GLY D 574 -8.59 -13.49 4.30
C GLY D 574 -8.01 -12.26 3.62
N LYS D 575 -6.70 -12.05 3.80
CA LYS D 575 -6.00 -10.99 3.07
C LYS D 575 -4.83 -11.61 2.32
N PRO D 576 -4.47 -11.06 1.14
CA PRO D 576 -3.31 -11.54 0.38
C PRO D 576 -2.01 -11.68 1.17
N ASP D 577 -1.28 -12.76 0.85
CA ASP D 577 -0.05 -13.19 1.49
C ASP D 577 0.83 -13.82 0.42
N GLU D 578 2.06 -13.32 0.24
CA GLU D 578 2.89 -13.75 -0.87
C GLU D 578 3.17 -15.26 -0.80
N VAL D 579 3.37 -15.82 0.38
CA VAL D 579 3.71 -17.23 0.41
C VAL D 579 2.44 -18.07 0.45
N LYS D 580 1.61 -17.88 1.51
CA LYS D 580 0.57 -18.83 1.90
C LYS D 580 -0.73 -18.63 1.12
N GLY D 581 -0.80 -17.58 0.27
CA GLY D 581 -1.98 -17.28 -0.51
C GLY D 581 -2.80 -16.18 0.17
N GLU D 582 -3.52 -16.54 1.22
CA GLU D 582 -4.14 -15.57 2.12
C GLU D 582 -3.54 -15.75 3.51
N HIS D 583 -3.85 -14.80 4.39
CA HIS D 583 -3.68 -14.95 5.83
C HIS D 583 -4.89 -14.35 6.54
N VAL D 584 -5.11 -14.84 7.76
CA VAL D 584 -6.32 -14.50 8.48
C VAL D 584 -6.13 -13.14 9.14
N LYS D 585 -7.09 -12.25 8.89
CA LYS D 585 -7.26 -11.05 9.69
C LYS D 585 -8.62 -11.10 10.36
N VAL D 586 -8.70 -10.66 11.63
CA VAL D 586 -9.92 -10.71 12.40
CA VAL D 586 -9.93 -10.71 12.40
C VAL D 586 -10.20 -9.32 12.95
N PHE D 587 -11.47 -8.91 12.83
CA PHE D 587 -12.00 -7.73 13.45
C PHE D 587 -12.81 -8.17 14.66
N VAL D 588 -12.45 -7.65 15.84
CA VAL D 588 -12.99 -8.11 17.10
C VAL D 588 -13.74 -6.95 17.74
N ILE D 589 -14.96 -7.25 18.19
CA ILE D 589 -15.68 -6.38 19.11
C ILE D 589 -15.46 -6.92 20.51
N LEU D 590 -14.73 -6.14 21.33
CA LEU D 590 -14.56 -6.43 22.73
C LEU D 590 -15.86 -6.13 23.48
N ARG D 591 -16.06 -6.84 24.58
CA ARG D 591 -17.06 -6.44 25.56
C ARG D 591 -16.84 -5.00 26.00
N ASN D 592 -17.89 -4.21 26.21
CA ASN D 592 -17.68 -2.83 26.66
C ASN D 592 -16.82 -2.88 27.91
N GLY D 593 -15.81 -2.01 27.96
CA GLY D 593 -15.03 -1.79 29.16
C GLY D 593 -13.64 -2.38 29.05
N VAL D 594 -13.46 -3.38 28.18
CA VAL D 594 -12.20 -4.08 28.09
C VAL D 594 -11.16 -3.20 27.40
N GLU D 595 -10.00 -3.10 28.02
CA GLU D 595 -8.91 -2.32 27.47
C GLU D 595 -8.32 -3.10 26.31
N PRO D 596 -8.33 -2.48 25.10
CA PRO D 596 -7.88 -3.09 23.85
C PRO D 596 -6.38 -2.95 23.59
N THR D 597 -5.59 -3.85 24.17
CA THR D 597 -4.15 -3.72 24.27
C THR D 597 -3.48 -4.76 23.36
N GLU D 598 -2.17 -4.57 23.16
CA GLU D 598 -1.34 -5.53 22.45
C GLU D 598 -1.22 -6.82 23.26
N SER D 599 -1.25 -6.66 24.59
CA SER D 599 -1.25 -7.79 25.48
C SER D 599 -2.44 -8.69 25.15
N LEU D 600 -3.60 -8.04 24.99
CA LEU D 600 -4.82 -8.77 24.71
C LEU D 600 -4.76 -9.35 23.31
N ALA D 601 -4.22 -8.61 22.33
CA ALA D 601 -4.15 -9.11 20.96
C ALA D 601 -3.38 -10.43 20.93
N VAL D 602 -2.21 -10.43 21.55
CA VAL D 602 -1.33 -11.59 21.66
C VAL D 602 -2.06 -12.75 22.32
N GLU D 603 -2.91 -12.45 23.29
CA GLU D 603 -3.65 -13.46 24.04
C GLU D 603 -4.73 -14.11 23.18
N LEU D 604 -5.45 -13.30 22.40
CA LEU D 604 -6.52 -13.83 21.56
C LEU D 604 -5.99 -14.67 20.40
N LYS D 605 -4.79 -14.35 19.87
CA LYS D 605 -4.23 -15.20 18.84
C LYS D 605 -3.85 -16.55 19.44
N ARG D 606 -3.33 -16.54 20.68
CA ARG D 606 -2.93 -17.75 21.38
C ARG D 606 -4.18 -18.61 21.55
N HIS D 607 -5.24 -17.95 22.03
CA HIS D 607 -6.51 -18.61 22.17
C HIS D 607 -6.89 -19.37 20.89
N VAL D 608 -6.84 -18.70 19.74
CA VAL D 608 -7.16 -19.37 18.50
C VAL D 608 -6.13 -20.47 18.19
N ARG D 609 -4.84 -20.20 18.45
CA ARG D 609 -3.79 -21.16 18.14
C ARG D 609 -3.98 -22.49 18.87
N THR D 610 -4.50 -22.46 20.11
CA THR D 610 -4.57 -23.64 20.97
C THR D 610 -5.96 -24.29 20.94
N LEU D 611 -6.95 -23.67 20.25
CA LEU D 611 -8.30 -24.22 20.08
C LEU D 611 -8.56 -24.72 18.65
N VAL D 612 -8.19 -23.91 17.63
CA VAL D 612 -8.41 -24.28 16.24
C VAL D 612 -7.13 -24.81 15.60
N GLY D 613 -6.02 -24.08 15.81
CA GLY D 613 -4.72 -24.55 15.37
C GLY D 613 -3.94 -23.47 14.62
N PRO D 614 -2.59 -23.58 14.61
CA PRO D 614 -1.72 -22.62 13.93
C PRO D 614 -2.14 -22.12 12.56
N LEU D 615 -2.66 -23.00 11.70
CA LEU D 615 -3.03 -22.58 10.34
C LEU D 615 -4.09 -21.48 10.34
N ALA D 616 -4.91 -21.41 11.41
CA ALA D 616 -6.00 -20.45 11.49
C ALA D 616 -5.64 -19.25 12.35
N THR D 617 -4.40 -19.20 12.81
CA THR D 617 -4.05 -18.17 13.76
C THR D 617 -3.95 -16.83 13.05
N PRO D 618 -4.76 -15.84 13.44
CA PRO D 618 -4.74 -14.52 12.83
C PRO D 618 -3.35 -13.92 12.79
N ASP D 619 -2.90 -13.52 11.60
CA ASP D 619 -1.74 -12.64 11.47
C ASP D 619 -2.09 -11.21 11.84
N GLU D 620 -3.34 -10.80 11.68
CA GLU D 620 -3.72 -9.43 11.99
C GLU D 620 -4.97 -9.49 12.85
N LEU D 621 -5.11 -8.51 13.76
CA LEU D 621 -6.26 -8.38 14.64
CA LEU D 621 -6.29 -8.37 14.58
C LEU D 621 -6.56 -6.89 14.82
N GLU D 622 -7.77 -6.45 14.50
CA GLU D 622 -8.17 -5.08 14.76
C GLU D 622 -9.31 -5.12 15.77
N PHE D 623 -9.34 -4.15 16.70
CA PHE D 623 -10.42 -3.95 17.65
C PHE D 623 -11.39 -2.91 17.06
N VAL D 624 -12.68 -3.26 17.00
CA VAL D 624 -13.68 -2.39 16.39
C VAL D 624 -14.88 -2.27 17.32
N THR D 625 -15.63 -1.19 17.11
CA THR D 625 -16.78 -0.89 17.93
C THR D 625 -18.03 -1.49 17.29
N SER D 626 -17.96 -1.84 16.00
CA SER D 626 -19.14 -2.36 15.30
C SER D 626 -18.75 -3.17 14.07
N LEU D 627 -19.70 -3.95 13.56
CA LEU D 627 -19.53 -4.77 12.38
C LEU D 627 -20.83 -4.70 11.58
N PRO D 628 -20.77 -4.60 10.24
CA PRO D 628 -21.97 -4.66 9.40
C PRO D 628 -22.82 -5.92 9.58
N LYS D 629 -24.14 -5.75 9.71
CA LYS D 629 -25.06 -6.86 9.90
C LYS D 629 -26.29 -6.72 9.00
N THR D 630 -26.86 -7.87 8.59
CA THR D 630 -28.15 -7.93 7.92
C THR D 630 -29.24 -7.44 8.88
N ARG D 631 -30.52 -7.42 8.46
CA ARG D 631 -31.57 -7.13 9.42
C ARG D 631 -31.74 -8.31 10.40
N SER D 632 -31.66 -9.56 9.90
CA SER D 632 -31.67 -10.74 10.77
C SER D 632 -30.55 -10.64 11.82
N GLY D 633 -29.40 -10.12 11.40
CA GLY D 633 -28.35 -9.72 12.32
C GLY D 633 -27.09 -10.58 12.22
N LYS D 634 -26.89 -11.29 11.09
CA LYS D 634 -25.62 -11.98 10.83
C LYS D 634 -24.60 -10.96 10.33
N ILE D 635 -23.30 -11.31 10.48
CA ILE D 635 -22.20 -10.50 9.97
C ILE D 635 -22.18 -10.60 8.44
N MET D 636 -22.14 -9.46 7.73
CA MET D 636 -21.92 -9.44 6.28
C MET D 636 -20.43 -9.42 5.99
N ARG D 637 -19.81 -10.58 5.78
CA ARG D 637 -18.35 -10.64 5.70
C ARG D 637 -17.85 -10.04 4.39
N ARG D 638 -18.72 -9.97 3.37
CA ARG D 638 -18.35 -9.35 2.11
C ARG D 638 -18.00 -7.89 2.37
N VAL D 639 -18.81 -7.23 3.23
CA VAL D 639 -18.65 -5.81 3.48
C VAL D 639 -17.40 -5.54 4.32
N VAL D 640 -17.15 -6.36 5.34
CA VAL D 640 -15.94 -6.20 6.13
C VAL D 640 -14.72 -6.16 5.21
N ARG D 641 -14.65 -7.12 4.29
CA ARG D 641 -13.52 -7.28 3.37
C ARG D 641 -13.50 -6.17 2.32
N ALA D 642 -14.67 -5.82 1.81
CA ALA D 642 -14.79 -4.75 0.83
C ALA D 642 -14.26 -3.44 1.41
N ARG D 643 -14.54 -3.17 2.70
CA ARG D 643 -14.10 -1.95 3.36
C ARG D 643 -12.59 -1.93 3.50
N GLU D 644 -11.94 -3.09 3.67
CA GLU D 644 -10.48 -3.10 3.79
C GLU D 644 -9.78 -3.15 2.44
N LEU D 645 -10.38 -3.84 1.47
CA LEU D 645 -9.62 -4.20 0.31
C LEU D 645 -10.24 -3.68 -0.98
N GLY D 646 -11.51 -3.25 -0.94
CA GLY D 646 -12.25 -3.04 -2.17
C GLY D 646 -12.94 -4.33 -2.65
N GLU D 647 -14.06 -4.19 -3.34
CA GLU D 647 -14.70 -5.29 -4.03
C GLU D 647 -14.54 -5.00 -5.51
N PRO D 648 -14.13 -5.98 -6.35
CA PRO D 648 -14.05 -5.76 -7.80
C PRO D 648 -15.44 -5.59 -8.43
N VAL D 649 -15.51 -4.90 -9.58
CA VAL D 649 -16.79 -4.47 -10.13
C VAL D 649 -17.51 -5.62 -10.87
MG MG E . 9.38 -18.71 60.95
K K F . -14.18 -7.41 64.45
MG MG G . 12.46 42.30 -23.95
MG MG H . 30.13 -35.56 -35.60
MG MG I . -17.54 -14.54 25.05
#